data_6QMH
# 
_entry.id   6QMH 
# 
_audit_conform.dict_name       mmcif_pdbx.dic 
_audit_conform.dict_version    5.383 
_audit_conform.dict_location   http://mmcif.pdb.org/dictionaries/ascii/mmcif_pdbx.dic 
# 
loop_
_database_2.database_id 
_database_2.database_code 
_database_2.pdbx_database_accession 
_database_2.pdbx_DOI 
PDB   6QMH         pdb_00006qmh 10.2210/pdb6qmh/pdb 
WWPDB D_1292100445 ?            ?                   
# 
loop_
_pdbx_audit_revision_history.ordinal 
_pdbx_audit_revision_history.data_content_type 
_pdbx_audit_revision_history.major_revision 
_pdbx_audit_revision_history.minor_revision 
_pdbx_audit_revision_history.revision_date 
1 'Structure model' 1 0 2020-02-26 
2 'Structure model' 1 1 2024-01-24 
# 
_pdbx_audit_revision_details.ordinal             1 
_pdbx_audit_revision_details.revision_ordinal    1 
_pdbx_audit_revision_details.data_content_type   'Structure model' 
_pdbx_audit_revision_details.provider            repository 
_pdbx_audit_revision_details.type                'Initial release' 
_pdbx_audit_revision_details.description         ? 
_pdbx_audit_revision_details.details             ? 
# 
loop_
_pdbx_audit_revision_group.ordinal 
_pdbx_audit_revision_group.revision_ordinal 
_pdbx_audit_revision_group.data_content_type 
_pdbx_audit_revision_group.group 
1 2 'Structure model' 'Data collection'        
2 2 'Structure model' 'Database references'    
3 2 'Structure model' 'Refinement description' 
# 
loop_
_pdbx_audit_revision_category.ordinal 
_pdbx_audit_revision_category.revision_ordinal 
_pdbx_audit_revision_category.data_content_type 
_pdbx_audit_revision_category.category 
1 2 'Structure model' chem_comp_atom                
2 2 'Structure model' chem_comp_bond                
3 2 'Structure model' database_2                    
4 2 'Structure model' pdbx_initial_refinement_model 
# 
loop_
_pdbx_audit_revision_item.ordinal 
_pdbx_audit_revision_item.revision_ordinal 
_pdbx_audit_revision_item.data_content_type 
_pdbx_audit_revision_item.item 
1 2 'Structure model' '_database_2.pdbx_DOI'                
2 2 'Structure model' '_database_2.pdbx_database_accession' 
# 
_pdbx_database_PDB_obs_spr.id               SPRSDE 
_pdbx_database_PDB_obs_spr.date             2020-02-26 
_pdbx_database_PDB_obs_spr.pdb_id           6QMH 
_pdbx_database_PDB_obs_spr.replace_pdb_id   6G7T 
_pdbx_database_PDB_obs_spr.details          ? 
# 
_pdbx_database_status.status_code                     REL 
_pdbx_database_status.status_code_sf                  REL 
_pdbx_database_status.status_code_mr                  ? 
_pdbx_database_status.entry_id                        6QMH 
_pdbx_database_status.recvd_initial_deposition_date   2019-02-07 
_pdbx_database_status.SG_entry                        N 
_pdbx_database_status.deposit_site                    PDBE 
_pdbx_database_status.process_site                    PDBE 
_pdbx_database_status.status_code_cs                  ? 
_pdbx_database_status.methods_development_category    ? 
_pdbx_database_status.pdb_format_compatible           Y 
_pdbx_database_status.status_code_nmr_data            ? 
# 
loop_
_audit_author.name 
_audit_author.pdbx_ordinal 
_audit_author.identifier_ORCID 
'Blaszczyk, M.'  1 ? 
'Blundell, T.L.' 2 ? 
# 
_citation.abstract                  ? 
_citation.abstract_id_CAS           ? 
_citation.book_id_ISBN              ? 
_citation.book_publisher            ? 
_citation.book_publisher_city       ? 
_citation.book_title                ? 
_citation.coordinate_linkage        ? 
_citation.country                   ? 
_citation.database_id_Medline       ? 
_citation.details                   ? 
_citation.id                        primary 
_citation.journal_abbrev            'To Be Published' 
_citation.journal_id_ASTM           ? 
_citation.journal_id_CSD            0353 
_citation.journal_id_ISSN           ? 
_citation.journal_full              ? 
_citation.journal_issue             ? 
_citation.journal_volume            ? 
_citation.language                  ? 
_citation.page_first                ? 
_citation.page_last                 ? 
_citation.title                     
'Fragment linking applied to the discovery of Mycobacterium tuberculosis phosphopantetheine adenylyltransferase inhibitors' 
_citation.year                      ? 
_citation.database_id_CSD           ? 
_citation.pdbx_database_id_DOI      ? 
_citation.pdbx_database_id_PubMed   ? 
_citation.unpublished_flag          ? 
# 
loop_
_citation_author.citation_id 
_citation_author.name 
_citation_author.ordinal 
_citation_author.identifier_ORCID 
primary 'Blaszczyk, M.'  1 ? 
primary 'El Bakali, J.'  2 ? 
primary 'Boland, J.A.'   3 ? 
primary 'Spry, C.'       4 ? 
primary 'Dias, M.'       5 ? 
primary 'Blundell, T.L.' 6 ? 
primary 'Abel, C.'       7 ? 
# 
loop_
_entity.id 
_entity.type 
_entity.src_method 
_entity.pdbx_description 
_entity.formula_weight 
_entity.pdbx_number_of_molecules 
_entity.pdbx_ec 
_entity.pdbx_mutation 
_entity.pdbx_fragment 
_entity.details 
1 polymer     man 'Phosphopantetheine adenylyltransferase'                              17792.385 1  2.7.7.3 ? ? ? 
2 non-polymer syn '5-[3-(1~{H}-indol-3-yl)propoxy]-1-phenyl-pyrazole-4-carboxylic acid' 361.394   1  ?       ? ? ? 
3 water       nat water                                                                 18.015    97 ?       ? ? ? 
# 
_entity_name_com.entity_id   1 
_entity_name_com.name        'Dephospho-CoA pyrophosphorylase,Pantetheine-phosphate adenylyltransferase,PPAT' 
# 
_entity_poly.entity_id                      1 
_entity_poly.type                           'polypeptide(L)' 
_entity_poly.nstd_linkage                   no 
_entity_poly.nstd_monomer                   no 
_entity_poly.pdbx_seq_one_letter_code       
;GSMTGAVCPGSFDPVTLGHVDIFERAAAQFDEVVVAILVNPAKTGMFDLDERIAMVKESTTHLPNLRVQVGHGLVVDFVR
SCGMTAIVKGLRTGTDFEYELQMAQMNKHIAGVDTFFVATAPRYSFVSSSLAKEVAMLGGDVSELLPEPVNRRLRDRLNT
ERT
;
_entity_poly.pdbx_seq_one_letter_code_can   
;GSMTGAVCPGSFDPVTLGHVDIFERAAAQFDEVVVAILVNPAKTGMFDLDERIAMVKESTTHLPNLRVQVGHGLVVDFVR
SCGMTAIVKGLRTGTDFEYELQMAQMNKHIAGVDTFFVATAPRYSFVSSSLAKEVAMLGGDVSELLPEPVNRRLRDRLNT
ERT
;
_entity_poly.pdbx_strand_id                 A 
_entity_poly.pdbx_target_identifier         ? 
# 
loop_
_pdbx_entity_nonpoly.entity_id 
_pdbx_entity_nonpoly.name 
_pdbx_entity_nonpoly.comp_id 
2 '5-[3-(1~{H}-indol-3-yl)propoxy]-1-phenyl-pyrazole-4-carboxylic acid' EP8 
3 water                                                                 HOH 
# 
loop_
_entity_poly_seq.entity_id 
_entity_poly_seq.num 
_entity_poly_seq.mon_id 
_entity_poly_seq.hetero 
1 1   GLY n 
1 2   SER n 
1 3   MET n 
1 4   THR n 
1 5   GLY n 
1 6   ALA n 
1 7   VAL n 
1 8   CYS n 
1 9   PRO n 
1 10  GLY n 
1 11  SER n 
1 12  PHE n 
1 13  ASP n 
1 14  PRO n 
1 15  VAL n 
1 16  THR n 
1 17  LEU n 
1 18  GLY n 
1 19  HIS n 
1 20  VAL n 
1 21  ASP n 
1 22  ILE n 
1 23  PHE n 
1 24  GLU n 
1 25  ARG n 
1 26  ALA n 
1 27  ALA n 
1 28  ALA n 
1 29  GLN n 
1 30  PHE n 
1 31  ASP n 
1 32  GLU n 
1 33  VAL n 
1 34  VAL n 
1 35  VAL n 
1 36  ALA n 
1 37  ILE n 
1 38  LEU n 
1 39  VAL n 
1 40  ASN n 
1 41  PRO n 
1 42  ALA n 
1 43  LYS n 
1 44  THR n 
1 45  GLY n 
1 46  MET n 
1 47  PHE n 
1 48  ASP n 
1 49  LEU n 
1 50  ASP n 
1 51  GLU n 
1 52  ARG n 
1 53  ILE n 
1 54  ALA n 
1 55  MET n 
1 56  VAL n 
1 57  LYS n 
1 58  GLU n 
1 59  SER n 
1 60  THR n 
1 61  THR n 
1 62  HIS n 
1 63  LEU n 
1 64  PRO n 
1 65  ASN n 
1 66  LEU n 
1 67  ARG n 
1 68  VAL n 
1 69  GLN n 
1 70  VAL n 
1 71  GLY n 
1 72  HIS n 
1 73  GLY n 
1 74  LEU n 
1 75  VAL n 
1 76  VAL n 
1 77  ASP n 
1 78  PHE n 
1 79  VAL n 
1 80  ARG n 
1 81  SER n 
1 82  CYS n 
1 83  GLY n 
1 84  MET n 
1 85  THR n 
1 86  ALA n 
1 87  ILE n 
1 88  VAL n 
1 89  LYS n 
1 90  GLY n 
1 91  LEU n 
1 92  ARG n 
1 93  THR n 
1 94  GLY n 
1 95  THR n 
1 96  ASP n 
1 97  PHE n 
1 98  GLU n 
1 99  TYR n 
1 100 GLU n 
1 101 LEU n 
1 102 GLN n 
1 103 MET n 
1 104 ALA n 
1 105 GLN n 
1 106 MET n 
1 107 ASN n 
1 108 LYS n 
1 109 HIS n 
1 110 ILE n 
1 111 ALA n 
1 112 GLY n 
1 113 VAL n 
1 114 ASP n 
1 115 THR n 
1 116 PHE n 
1 117 PHE n 
1 118 VAL n 
1 119 ALA n 
1 120 THR n 
1 121 ALA n 
1 122 PRO n 
1 123 ARG n 
1 124 TYR n 
1 125 SER n 
1 126 PHE n 
1 127 VAL n 
1 128 SER n 
1 129 SER n 
1 130 SER n 
1 131 LEU n 
1 132 ALA n 
1 133 LYS n 
1 134 GLU n 
1 135 VAL n 
1 136 ALA n 
1 137 MET n 
1 138 LEU n 
1 139 GLY n 
1 140 GLY n 
1 141 ASP n 
1 142 VAL n 
1 143 SER n 
1 144 GLU n 
1 145 LEU n 
1 146 LEU n 
1 147 PRO n 
1 148 GLU n 
1 149 PRO n 
1 150 VAL n 
1 151 ASN n 
1 152 ARG n 
1 153 ARG n 
1 154 LEU n 
1 155 ARG n 
1 156 ASP n 
1 157 ARG n 
1 158 LEU n 
1 159 ASN n 
1 160 THR n 
1 161 GLU n 
1 162 ARG n 
1 163 THR n 
# 
_entity_src_gen.entity_id                          1 
_entity_src_gen.pdbx_src_id                        1 
_entity_src_gen.pdbx_alt_source_flag               sample 
_entity_src_gen.pdbx_seq_type                      'Biological sequence' 
_entity_src_gen.pdbx_beg_seq_num                   1 
_entity_src_gen.pdbx_end_seq_num                   163 
_entity_src_gen.gene_src_common_name               ? 
_entity_src_gen.gene_src_genus                     ? 
_entity_src_gen.pdbx_gene_src_gene                 'coaD, kdtB, MT3043' 
_entity_src_gen.gene_src_species                   ? 
_entity_src_gen.gene_src_strain                    ? 
_entity_src_gen.gene_src_tissue                    ? 
_entity_src_gen.gene_src_tissue_fraction           ? 
_entity_src_gen.gene_src_details                   ? 
_entity_src_gen.pdbx_gene_src_fragment             ? 
_entity_src_gen.pdbx_gene_src_scientific_name      'Mycobacterium tuberculosis' 
_entity_src_gen.pdbx_gene_src_ncbi_taxonomy_id     1773 
_entity_src_gen.pdbx_gene_src_variant              ? 
_entity_src_gen.pdbx_gene_src_cell_line            ? 
_entity_src_gen.pdbx_gene_src_atcc                 ? 
_entity_src_gen.pdbx_gene_src_organ                ? 
_entity_src_gen.pdbx_gene_src_organelle            ? 
_entity_src_gen.pdbx_gene_src_cell                 ? 
_entity_src_gen.pdbx_gene_src_cellular_location    ? 
_entity_src_gen.host_org_common_name               ? 
_entity_src_gen.pdbx_host_org_scientific_name      'Escherichia coli BL21(DE3)' 
_entity_src_gen.pdbx_host_org_ncbi_taxonomy_id     469008 
_entity_src_gen.host_org_genus                     ? 
_entity_src_gen.pdbx_host_org_gene                 ? 
_entity_src_gen.pdbx_host_org_organ                ? 
_entity_src_gen.host_org_species                   ? 
_entity_src_gen.pdbx_host_org_tissue               ? 
_entity_src_gen.pdbx_host_org_tissue_fraction      ? 
_entity_src_gen.pdbx_host_org_strain               ? 
_entity_src_gen.pdbx_host_org_variant              ? 
_entity_src_gen.pdbx_host_org_cell_line            ? 
_entity_src_gen.pdbx_host_org_atcc                 ? 
_entity_src_gen.pdbx_host_org_culture_collection   ? 
_entity_src_gen.pdbx_host_org_cell                 ? 
_entity_src_gen.pdbx_host_org_organelle            ? 
_entity_src_gen.pdbx_host_org_cellular_location    ? 
_entity_src_gen.pdbx_host_org_vector_type          ? 
_entity_src_gen.pdbx_host_org_vector               ? 
_entity_src_gen.host_org_details                   ? 
_entity_src_gen.expression_system_id               ? 
_entity_src_gen.plasmid_name                       ? 
_entity_src_gen.plasmid_details                    ? 
_entity_src_gen.pdbx_description                   ? 
# 
loop_
_chem_comp.id 
_chem_comp.type 
_chem_comp.mon_nstd_flag 
_chem_comp.name 
_chem_comp.pdbx_synonyms 
_chem_comp.formula 
_chem_comp.formula_weight 
ALA 'L-peptide linking' y ALANINE                                                               ? 'C3 H7 N O2'     89.093  
ARG 'L-peptide linking' y ARGININE                                                              ? 'C6 H15 N4 O2 1' 175.209 
ASN 'L-peptide linking' y ASPARAGINE                                                            ? 'C4 H8 N2 O3'    132.118 
ASP 'L-peptide linking' y 'ASPARTIC ACID'                                                       ? 'C4 H7 N O4'     133.103 
CYS 'L-peptide linking' y CYSTEINE                                                              ? 'C3 H7 N O2 S'   121.158 
EP8 non-polymer         . '5-[3-(1~{H}-indol-3-yl)propoxy]-1-phenyl-pyrazole-4-carboxylic acid' ? 'C21 H19 N3 O3'  361.394 
GLN 'L-peptide linking' y GLUTAMINE                                                             ? 'C5 H10 N2 O3'   146.144 
GLU 'L-peptide linking' y 'GLUTAMIC ACID'                                                       ? 'C5 H9 N O4'     147.129 
GLY 'peptide linking'   y GLYCINE                                                               ? 'C2 H5 N O2'     75.067  
HIS 'L-peptide linking' y HISTIDINE                                                             ? 'C6 H10 N3 O2 1' 156.162 
HOH non-polymer         . WATER                                                                 ? 'H2 O'           18.015  
ILE 'L-peptide linking' y ISOLEUCINE                                                            ? 'C6 H13 N O2'    131.173 
LEU 'L-peptide linking' y LEUCINE                                                               ? 'C6 H13 N O2'    131.173 
LYS 'L-peptide linking' y LYSINE                                                                ? 'C6 H15 N2 O2 1' 147.195 
MET 'L-peptide linking' y METHIONINE                                                            ? 'C5 H11 N O2 S'  149.211 
PHE 'L-peptide linking' y PHENYLALANINE                                                         ? 'C9 H11 N O2'    165.189 
PRO 'L-peptide linking' y PROLINE                                                               ? 'C5 H9 N O2'     115.130 
SER 'L-peptide linking' y SERINE                                                                ? 'C3 H7 N O3'     105.093 
THR 'L-peptide linking' y THREONINE                                                             ? 'C4 H9 N O3'     119.119 
TYR 'L-peptide linking' y TYROSINE                                                              ? 'C9 H11 N O3'    181.189 
VAL 'L-peptide linking' y VALINE                                                                ? 'C5 H11 N O2'    117.146 
# 
loop_
_pdbx_poly_seq_scheme.asym_id 
_pdbx_poly_seq_scheme.entity_id 
_pdbx_poly_seq_scheme.seq_id 
_pdbx_poly_seq_scheme.mon_id 
_pdbx_poly_seq_scheme.ndb_seq_num 
_pdbx_poly_seq_scheme.pdb_seq_num 
_pdbx_poly_seq_scheme.auth_seq_num 
_pdbx_poly_seq_scheme.pdb_mon_id 
_pdbx_poly_seq_scheme.auth_mon_id 
_pdbx_poly_seq_scheme.pdb_strand_id 
_pdbx_poly_seq_scheme.pdb_ins_code 
_pdbx_poly_seq_scheme.hetero 
A 1 1   GLY 1   -1  ?   ?   ?   A . n 
A 1 2   SER 2   0   ?   ?   ?   A . n 
A 1 3   MET 3   1   1   MET MET A . n 
A 1 4   THR 4   2   2   THR THR A . n 
A 1 5   GLY 5   3   3   GLY GLY A . n 
A 1 6   ALA 6   4   4   ALA ALA A . n 
A 1 7   VAL 7   5   5   VAL VAL A . n 
A 1 8   CYS 8   6   6   CYS CYS A . n 
A 1 9   PRO 9   7   7   PRO PRO A . n 
A 1 10  GLY 10  8   8   GLY GLY A . n 
A 1 11  SER 11  9   9   SER SER A . n 
A 1 12  PHE 12  10  10  PHE PHE A . n 
A 1 13  ASP 13  11  11  ASP ASP A . n 
A 1 14  PRO 14  12  12  PRO PRO A . n 
A 1 15  VAL 15  13  13  VAL VAL A . n 
A 1 16  THR 16  14  14  THR THR A . n 
A 1 17  LEU 17  15  15  LEU LEU A . n 
A 1 18  GLY 18  16  16  GLY GLY A . n 
A 1 19  HIS 19  17  17  HIS HIS A . n 
A 1 20  VAL 20  18  18  VAL VAL A . n 
A 1 21  ASP 21  19  19  ASP ASP A . n 
A 1 22  ILE 22  20  20  ILE ILE A . n 
A 1 23  PHE 23  21  21  PHE PHE A . n 
A 1 24  GLU 24  22  22  GLU GLU A . n 
A 1 25  ARG 25  23  23  ARG ARG A . n 
A 1 26  ALA 26  24  24  ALA ALA A . n 
A 1 27  ALA 27  25  25  ALA ALA A . n 
A 1 28  ALA 28  26  26  ALA ALA A . n 
A 1 29  GLN 29  27  27  GLN GLN A . n 
A 1 30  PHE 30  28  28  PHE PHE A . n 
A 1 31  ASP 31  29  29  ASP ASP A . n 
A 1 32  GLU 32  30  30  GLU GLU A . n 
A 1 33  VAL 33  31  31  VAL VAL A . n 
A 1 34  VAL 34  32  32  VAL VAL A . n 
A 1 35  VAL 35  33  33  VAL VAL A . n 
A 1 36  ALA 36  34  34  ALA ALA A . n 
A 1 37  ILE 37  35  35  ILE ILE A . n 
A 1 38  LEU 38  36  36  LEU LEU A . n 
A 1 39  VAL 39  37  ?   ?   ?   A . n 
A 1 40  ASN 40  38  ?   ?   ?   A . n 
A 1 41  PRO 41  39  ?   ?   ?   A . n 
A 1 42  ALA 42  40  ?   ?   ?   A . n 
A 1 43  LYS 43  41  ?   ?   ?   A . n 
A 1 44  THR 44  42  ?   ?   ?   A . n 
A 1 45  GLY 45  43  43  GLY GLY A . n 
A 1 46  MET 46  44  44  MET MET A . n 
A 1 47  PHE 47  45  45  PHE PHE A . n 
A 1 48  ASP 48  46  46  ASP ASP A . n 
A 1 49  LEU 49  47  47  LEU LEU A . n 
A 1 50  ASP 50  48  48  ASP ASP A . n 
A 1 51  GLU 51  49  49  GLU GLU A . n 
A 1 52  ARG 52  50  50  ARG ARG A . n 
A 1 53  ILE 53  51  51  ILE ILE A . n 
A 1 54  ALA 54  52  52  ALA ALA A . n 
A 1 55  MET 55  53  53  MET MET A . n 
A 1 56  VAL 56  54  54  VAL VAL A . n 
A 1 57  LYS 57  55  55  LYS LYS A . n 
A 1 58  GLU 58  56  56  GLU GLU A . n 
A 1 59  SER 59  57  57  SER SER A . n 
A 1 60  THR 60  58  58  THR THR A . n 
A 1 61  THR 61  59  59  THR THR A . n 
A 1 62  HIS 62  60  60  HIS HIS A . n 
A 1 63  LEU 63  61  61  LEU LEU A . n 
A 1 64  PRO 64  62  62  PRO PRO A . n 
A 1 65  ASN 65  63  63  ASN ASN A . n 
A 1 66  LEU 66  64  64  LEU LEU A . n 
A 1 67  ARG 67  65  65  ARG ARG A . n 
A 1 68  VAL 68  66  66  VAL VAL A . n 
A 1 69  GLN 69  67  67  GLN GLN A . n 
A 1 70  VAL 70  68  68  VAL VAL A . n 
A 1 71  GLY 71  69  69  GLY GLY A . n 
A 1 72  HIS 72  70  70  HIS HIS A . n 
A 1 73  GLY 73  71  71  GLY GLY A . n 
A 1 74  LEU 74  72  72  LEU LEU A . n 
A 1 75  VAL 75  73  73  VAL VAL A . n 
A 1 76  VAL 76  74  74  VAL VAL A . n 
A 1 77  ASP 77  75  75  ASP ASP A . n 
A 1 78  PHE 78  76  76  PHE PHE A . n 
A 1 79  VAL 79  77  77  VAL VAL A . n 
A 1 80  ARG 80  78  78  ARG ARG A . n 
A 1 81  SER 81  79  79  SER SER A . n 
A 1 82  CYS 82  80  80  CYS CYS A . n 
A 1 83  GLY 83  81  81  GLY GLY A . n 
A 1 84  MET 84  82  82  MET MET A . n 
A 1 85  THR 85  83  83  THR THR A . n 
A 1 86  ALA 86  84  84  ALA ALA A . n 
A 1 87  ILE 87  85  85  ILE ILE A . n 
A 1 88  VAL 88  86  86  VAL VAL A . n 
A 1 89  LYS 89  87  87  LYS LYS A . n 
A 1 90  GLY 90  88  88  GLY GLY A . n 
A 1 91  LEU 91  89  89  LEU LEU A . n 
A 1 92  ARG 92  90  90  ARG ARG A . n 
A 1 93  THR 93  91  91  THR THR A . n 
A 1 94  GLY 94  92  92  GLY GLY A . n 
A 1 95  THR 95  93  93  THR THR A . n 
A 1 96  ASP 96  94  94  ASP ASP A . n 
A 1 97  PHE 97  95  95  PHE PHE A . n 
A 1 98  GLU 98  96  96  GLU GLU A . n 
A 1 99  TYR 99  97  97  TYR TYR A . n 
A 1 100 GLU 100 98  98  GLU GLU A . n 
A 1 101 LEU 101 99  99  LEU LEU A . n 
A 1 102 GLN 102 100 100 GLN GLN A . n 
A 1 103 MET 103 101 101 MET MET A . n 
A 1 104 ALA 104 102 102 ALA ALA A . n 
A 1 105 GLN 105 103 103 GLN GLN A . n 
A 1 106 MET 106 104 104 MET MET A . n 
A 1 107 ASN 107 105 105 ASN ASN A . n 
A 1 108 LYS 108 106 106 LYS LYS A . n 
A 1 109 HIS 109 107 107 HIS HIS A . n 
A 1 110 ILE 110 108 108 ILE ILE A . n 
A 1 111 ALA 111 109 109 ALA ALA A . n 
A 1 112 GLY 112 110 110 GLY GLY A . n 
A 1 113 VAL 113 111 111 VAL VAL A . n 
A 1 114 ASP 114 112 112 ASP ASP A . n 
A 1 115 THR 115 113 113 THR THR A . n 
A 1 116 PHE 116 114 114 PHE PHE A . n 
A 1 117 PHE 117 115 115 PHE PHE A . n 
A 1 118 VAL 118 116 116 VAL VAL A . n 
A 1 119 ALA 119 117 117 ALA ALA A . n 
A 1 120 THR 120 118 118 THR THR A . n 
A 1 121 ALA 121 119 119 ALA ALA A . n 
A 1 122 PRO 122 120 120 PRO PRO A . n 
A 1 123 ARG 123 121 121 ARG ARG A . n 
A 1 124 TYR 124 122 122 TYR TYR A . n 
A 1 125 SER 125 123 123 SER SER A . n 
A 1 126 PHE 126 124 124 PHE PHE A . n 
A 1 127 VAL 127 125 125 VAL VAL A . n 
A 1 128 SER 128 126 126 SER SER A . n 
A 1 129 SER 129 127 127 SER SER A . n 
A 1 130 SER 130 128 128 SER SER A . n 
A 1 131 LEU 131 129 129 LEU LEU A . n 
A 1 132 ALA 132 130 130 ALA ALA A . n 
A 1 133 LYS 133 131 131 LYS LYS A . n 
A 1 134 GLU 134 132 132 GLU GLU A . n 
A 1 135 VAL 135 133 133 VAL VAL A . n 
A 1 136 ALA 136 134 134 ALA ALA A . n 
A 1 137 MET 137 135 135 MET MET A . n 
A 1 138 LEU 138 136 136 LEU LEU A . n 
A 1 139 GLY 139 137 137 GLY GLY A . n 
A 1 140 GLY 140 138 138 GLY GLY A . n 
A 1 141 ASP 141 139 139 ASP ASP A . n 
A 1 142 VAL 142 140 140 VAL VAL A . n 
A 1 143 SER 143 141 141 SER SER A . n 
A 1 144 GLU 144 142 142 GLU GLU A . n 
A 1 145 LEU 145 143 143 LEU LEU A . n 
A 1 146 LEU 146 144 144 LEU LEU A . n 
A 1 147 PRO 147 145 145 PRO PRO A . n 
A 1 148 GLU 148 146 146 GLU GLU A . n 
A 1 149 PRO 149 147 147 PRO PRO A . n 
A 1 150 VAL 150 148 148 VAL VAL A . n 
A 1 151 ASN 151 149 149 ASN ASN A . n 
A 1 152 ARG 152 150 150 ARG ARG A . n 
A 1 153 ARG 153 151 151 ARG ARG A . n 
A 1 154 LEU 154 152 152 LEU LEU A . n 
A 1 155 ARG 155 153 153 ARG ARG A . n 
A 1 156 ASP 156 154 154 ASP ASP A . n 
A 1 157 ARG 157 155 155 ARG ARG A . n 
A 1 158 LEU 158 156 156 LEU LEU A . n 
A 1 159 ASN 159 157 157 ASN ASN A . n 
A 1 160 THR 160 158 ?   ?   ?   A . n 
A 1 161 GLU 161 159 ?   ?   ?   A . n 
A 1 162 ARG 162 160 ?   ?   ?   A . n 
A 1 163 THR 163 161 ?   ?   ?   A . n 
# 
loop_
_pdbx_nonpoly_scheme.asym_id 
_pdbx_nonpoly_scheme.entity_id 
_pdbx_nonpoly_scheme.mon_id 
_pdbx_nonpoly_scheme.ndb_seq_num 
_pdbx_nonpoly_scheme.pdb_seq_num 
_pdbx_nonpoly_scheme.auth_seq_num 
_pdbx_nonpoly_scheme.pdb_mon_id 
_pdbx_nonpoly_scheme.auth_mon_id 
_pdbx_nonpoly_scheme.pdb_strand_id 
_pdbx_nonpoly_scheme.pdb_ins_code 
B 2 EP8 1  201 1  EP8 LIG A . 
C 3 HOH 1  301 54 HOH HOH A . 
C 3 HOH 2  302 71 HOH HOH A . 
C 3 HOH 3  303 51 HOH HOH A . 
C 3 HOH 4  304 49 HOH HOH A . 
C 3 HOH 5  305 94 HOH HOH A . 
C 3 HOH 6  306 44 HOH HOH A . 
C 3 HOH 7  307 60 HOH HOH A . 
C 3 HOH 8  308 20 HOH HOH A . 
C 3 HOH 9  309 67 HOH HOH A . 
C 3 HOH 10 310 15 HOH HOH A . 
C 3 HOH 11 311 38 HOH HOH A . 
C 3 HOH 12 312 85 HOH HOH A . 
C 3 HOH 13 313 45 HOH HOH A . 
C 3 HOH 14 314 50 HOH HOH A . 
C 3 HOH 15 315 26 HOH HOH A . 
C 3 HOH 16 316 25 HOH HOH A . 
C 3 HOH 17 317 95 HOH HOH A . 
C 3 HOH 18 318 30 HOH HOH A . 
C 3 HOH 19 319 32 HOH HOH A . 
C 3 HOH 20 320 76 HOH HOH A . 
C 3 HOH 21 321 40 HOH HOH A . 
C 3 HOH 22 322 74 HOH HOH A . 
C 3 HOH 23 323 23 HOH HOH A . 
C 3 HOH 24 324 17 HOH HOH A . 
C 3 HOH 25 325 89 HOH HOH A . 
C 3 HOH 26 326 2  HOH HOH A . 
C 3 HOH 27 327 37 HOH HOH A . 
C 3 HOH 28 328 48 HOH HOH A . 
C 3 HOH 29 329 7  HOH HOH A . 
C 3 HOH 30 330 9  HOH HOH A . 
C 3 HOH 31 331 21 HOH HOH A . 
C 3 HOH 32 332 12 HOH HOH A . 
C 3 HOH 33 333 4  HOH HOH A . 
C 3 HOH 34 334 29 HOH HOH A . 
C 3 HOH 35 335 52 HOH HOH A . 
C 3 HOH 36 336 79 HOH HOH A . 
C 3 HOH 37 337 57 HOH HOH A . 
C 3 HOH 38 338 18 HOH HOH A . 
C 3 HOH 39 339 3  HOH HOH A . 
C 3 HOH 40 340 80 HOH HOH A . 
C 3 HOH 41 341 19 HOH HOH A . 
C 3 HOH 42 342 56 HOH HOH A . 
C 3 HOH 43 343 55 HOH HOH A . 
C 3 HOH 44 344 86 HOH HOH A . 
C 3 HOH 45 345 84 HOH HOH A . 
C 3 HOH 46 346 31 HOH HOH A . 
C 3 HOH 47 347 88 HOH HOH A . 
C 3 HOH 48 348 27 HOH HOH A . 
C 3 HOH 49 349 13 HOH HOH A . 
C 3 HOH 50 350 14 HOH HOH A . 
C 3 HOH 51 351 11 HOH HOH A . 
C 3 HOH 52 352 41 HOH HOH A . 
C 3 HOH 53 353 65 HOH HOH A . 
C 3 HOH 54 354 68 HOH HOH A . 
C 3 HOH 55 355 61 HOH HOH A . 
C 3 HOH 56 356 34 HOH HOH A . 
C 3 HOH 57 357 59 HOH HOH A . 
C 3 HOH 58 358 8  HOH HOH A . 
C 3 HOH 59 359 62 HOH HOH A . 
C 3 HOH 60 360 24 HOH HOH A . 
C 3 HOH 61 361 53 HOH HOH A . 
C 3 HOH 62 362 28 HOH HOH A . 
C 3 HOH 63 363 78 HOH HOH A . 
C 3 HOH 64 364 16 HOH HOH A . 
C 3 HOH 65 365 91 HOH HOH A . 
C 3 HOH 66 366 96 HOH HOH A . 
C 3 HOH 67 367 10 HOH HOH A . 
C 3 HOH 68 368 36 HOH HOH A . 
C 3 HOH 69 369 42 HOH HOH A . 
C 3 HOH 70 370 5  HOH HOH A . 
C 3 HOH 71 371 46 HOH HOH A . 
C 3 HOH 72 372 47 HOH HOH A . 
C 3 HOH 73 373 22 HOH HOH A . 
C 3 HOH 74 374 66 HOH HOH A . 
C 3 HOH 75 375 64 HOH HOH A . 
C 3 HOH 76 376 39 HOH HOH A . 
C 3 HOH 77 377 43 HOH HOH A . 
C 3 HOH 78 378 81 HOH HOH A . 
C 3 HOH 79 379 58 HOH HOH A . 
C 3 HOH 80 380 82 HOH HOH A . 
C 3 HOH 81 381 77 HOH HOH A . 
C 3 HOH 82 382 75 HOH HOH A . 
C 3 HOH 83 383 93 HOH HOH A . 
C 3 HOH 84 384 69 HOH HOH A . 
C 3 HOH 85 385 97 HOH HOH A . 
C 3 HOH 86 386 33 HOH HOH A . 
C 3 HOH 87 387 83 HOH HOH A . 
C 3 HOH 88 388 90 HOH HOH A . 
C 3 HOH 89 389 1  HOH HOH A . 
C 3 HOH 90 390 73 HOH HOH A . 
C 3 HOH 91 391 72 HOH HOH A . 
C 3 HOH 92 392 87 HOH HOH A . 
C 3 HOH 93 393 6  HOH HOH A . 
C 3 HOH 94 394 63 HOH HOH A . 
C 3 HOH 95 395 92 HOH HOH A . 
C 3 HOH 96 396 35 HOH HOH A . 
C 3 HOH 97 397 70 HOH HOH A . 
# 
loop_
_software.citation_id 
_software.classification 
_software.compiler_name 
_software.compiler_version 
_software.contact_author 
_software.contact_author_email 
_software.date 
_software.description 
_software.dependencies 
_software.hardware 
_software.language 
_software.location 
_software.mods 
_software.name 
_software.os 
_software.os_version 
_software.type 
_software.version 
_software.pdbx_ordinal 
? 'data scaling'    ? ? ? ? ? ? ? ? ? ? ? SCALA       ? ? ? 3.3.20 1 
? refinement        ? ? ? ? ? ? ? ? ? ? ? PHENIX      ? ? ? .      2 
? 'data extraction' ? ? ? ? ? ? ? ? ? ? ? PDB_EXTRACT ? ? ? 3.24   3 
? 'data reduction'  ? ? ? ? ? ? ? ? ? ? ? XDS         ? ? ? .      4 
? phasing           ? ? ? ? ? ? ? ? ? ? ? PHASER      ? ? ? .      5 
# 
_cell.angle_alpha                  90.000 
_cell.angle_alpha_esd              ? 
_cell.angle_beta                   90.000 
_cell.angle_beta_esd               ? 
_cell.angle_gamma                  120.000 
_cell.angle_gamma_esd              ? 
_cell.entry_id                     6QMH 
_cell.details                      ? 
_cell.formula_units_Z              ? 
_cell.length_a                     98.964 
_cell.length_a_esd                 ? 
_cell.length_b                     98.964 
_cell.length_b_esd                 ? 
_cell.length_c                     115.510 
_cell.length_c_esd                 ? 
_cell.volume                       ? 
_cell.volume_esd                   ? 
_cell.Z_PDB                        18 
_cell.reciprocal_angle_alpha       ? 
_cell.reciprocal_angle_beta        ? 
_cell.reciprocal_angle_gamma       ? 
_cell.reciprocal_angle_alpha_esd   ? 
_cell.reciprocal_angle_beta_esd    ? 
_cell.reciprocal_angle_gamma_esd   ? 
_cell.reciprocal_length_a          ? 
_cell.reciprocal_length_b          ? 
_cell.reciprocal_length_c          ? 
_cell.reciprocal_length_a_esd      ? 
_cell.reciprocal_length_b_esd      ? 
_cell.reciprocal_length_c_esd      ? 
_cell.pdbx_unique_axis             ? 
# 
_symmetry.entry_id                         6QMH 
_symmetry.cell_setting                     ? 
_symmetry.Int_Tables_number                155 
_symmetry.space_group_name_Hall            ? 
_symmetry.space_group_name_H-M             'H 3 2' 
_symmetry.pdbx_full_space_group_name_H-M   ? 
# 
_exptl.absorpt_coefficient_mu     ? 
_exptl.absorpt_correction_T_max   ? 
_exptl.absorpt_correction_T_min   ? 
_exptl.absorpt_correction_type    ? 
_exptl.absorpt_process_details    ? 
_exptl.entry_id                   6QMH 
_exptl.crystals_number            1 
_exptl.details                    ? 
_exptl.method                     'X-RAY DIFFRACTION' 
_exptl.method_details             ? 
# 
_exptl_crystal.colour                      ? 
_exptl_crystal.density_diffrn              ? 
_exptl_crystal.density_Matthews            3.06 
_exptl_crystal.density_method              ? 
_exptl_crystal.density_percent_sol         59.79 
_exptl_crystal.description                 cubes 
_exptl_crystal.F_000                       ? 
_exptl_crystal.id                          1 
_exptl_crystal.preparation                 ? 
_exptl_crystal.size_max                    ? 
_exptl_crystal.size_mid                    ? 
_exptl_crystal.size_min                    ? 
_exptl_crystal.size_rad                    ? 
_exptl_crystal.colour_lustre               ? 
_exptl_crystal.colour_modifier             ? 
_exptl_crystal.colour_primary              ? 
_exptl_crystal.density_meas                ? 
_exptl_crystal.density_meas_esd            ? 
_exptl_crystal.density_meas_gt             ? 
_exptl_crystal.density_meas_lt             ? 
_exptl_crystal.density_meas_temp           ? 
_exptl_crystal.density_meas_temp_esd       ? 
_exptl_crystal.density_meas_temp_gt        ? 
_exptl_crystal.density_meas_temp_lt        ? 
_exptl_crystal.pdbx_crystal_image_url      ? 
_exptl_crystal.pdbx_crystal_image_format   ? 
_exptl_crystal.pdbx_mosaicity              ? 
_exptl_crystal.pdbx_mosaicity_esd          ? 
# 
_exptl_crystal_grow.apparatus       ? 
_exptl_crystal_grow.atmosphere      ? 
_exptl_crystal_grow.crystal_id      1 
_exptl_crystal_grow.details         ? 
_exptl_crystal_grow.method          'VAPOR DIFFUSION, SITTING DROP' 
_exptl_crystal_grow.method_ref      ? 
_exptl_crystal_grow.pH              7.5 
_exptl_crystal_grow.pressure        ? 
_exptl_crystal_grow.pressure_esd    ? 
_exptl_crystal_grow.seeding         ? 
_exptl_crystal_grow.seeding_ref     ? 
_exptl_crystal_grow.temp            293 
_exptl_crystal_grow.temp_details    ? 
_exptl_crystal_grow.temp_esd        ? 
_exptl_crystal_grow.time            ? 
_exptl_crystal_grow.pdbx_details    'MPD, CoHexamine Chloride, Cacodylate/Tris' 
_exptl_crystal_grow.pdbx_pH_range   6.5-8.5 
# 
_diffrn.ambient_environment              ? 
_diffrn.ambient_temp                     100 
_diffrn.ambient_temp_details             ? 
_diffrn.ambient_temp_esd                 ? 
_diffrn.crystal_id                       1 
_diffrn.crystal_support                  ? 
_diffrn.crystal_treatment                ? 
_diffrn.details                          ? 
_diffrn.id                               1 
_diffrn.ambient_pressure                 ? 
_diffrn.ambient_pressure_esd             ? 
_diffrn.ambient_pressure_gt              ? 
_diffrn.ambient_pressure_lt              ? 
_diffrn.ambient_temp_gt                  ? 
_diffrn.ambient_temp_lt                  ? 
_diffrn.pdbx_serial_crystal_experiment   N 
# 
_diffrn_detector.details                      ? 
_diffrn_detector.detector                     PIXEL 
_diffrn_detector.diffrn_id                    1 
_diffrn_detector.type                         'DECTRIS PILATUS 6M-F' 
_diffrn_detector.area_resol_mean              ? 
_diffrn_detector.dtime                        ? 
_diffrn_detector.pdbx_frames_total            ? 
_diffrn_detector.pdbx_collection_time_total   ? 
_diffrn_detector.pdbx_collection_date         2013-08-05 
_diffrn_detector.pdbx_frequency               ? 
# 
_diffrn_radiation.collimation                      ? 
_diffrn_radiation.diffrn_id                        1 
_diffrn_radiation.filter_edge                      ? 
_diffrn_radiation.inhomogeneity                    ? 
_diffrn_radiation.monochromator                    ? 
_diffrn_radiation.polarisn_norm                    ? 
_diffrn_radiation.polarisn_ratio                   ? 
_diffrn_radiation.probe                            ? 
_diffrn_radiation.type                             ? 
_diffrn_radiation.xray_symbol                      ? 
_diffrn_radiation.wavelength_id                    1 
_diffrn_radiation.pdbx_monochromatic_or_laue_m_l   M 
_diffrn_radiation.pdbx_wavelength_list             ? 
_diffrn_radiation.pdbx_wavelength                  ? 
_diffrn_radiation.pdbx_diffrn_protocol             'SINGLE WAVELENGTH' 
_diffrn_radiation.pdbx_analyzer                    ? 
_diffrn_radiation.pdbx_scattering_type             x-ray 
# 
_diffrn_radiation_wavelength.id           1 
_diffrn_radiation_wavelength.wavelength   0.92 
_diffrn_radiation_wavelength.wt           1.0 
# 
_diffrn_source.current                     ? 
_diffrn_source.details                     ? 
_diffrn_source.diffrn_id                   1 
_diffrn_source.power                       ? 
_diffrn_source.size                        ? 
_diffrn_source.source                      SYNCHROTRON 
_diffrn_source.target                      ? 
_diffrn_source.type                        'DIAMOND BEAMLINE I04-1' 
_diffrn_source.voltage                     ? 
_diffrn_source.take-off_angle              ? 
_diffrn_source.pdbx_wavelength_list        0.92 
_diffrn_source.pdbx_wavelength             ? 
_diffrn_source.pdbx_synchrotron_beamline   I04-1 
_diffrn_source.pdbx_synchrotron_site       Diamond 
# 
_reflns.B_iso_Wilson_estimate            ? 
_reflns.entry_id                         6QMH 
_reflns.data_reduction_details           ? 
_reflns.data_reduction_method            ? 
_reflns.d_resolution_high                1.837 
_reflns.d_resolution_low                 49.482 
_reflns.details                          ? 
_reflns.limit_h_max                      ? 
_reflns.limit_h_min                      ? 
_reflns.limit_k_max                      ? 
_reflns.limit_k_min                      ? 
_reflns.limit_l_max                      ? 
_reflns.limit_l_min                      ? 
_reflns.number_all                       19171 
_reflns.number_obs                       19171 
_reflns.observed_criterion               ? 
_reflns.observed_criterion_F_max         ? 
_reflns.observed_criterion_F_min         ? 
_reflns.observed_criterion_I_max         ? 
_reflns.observed_criterion_I_min         ? 
_reflns.observed_criterion_sigma_F       ? 
_reflns.observed_criterion_sigma_I       ? 
_reflns.percent_possible_obs             100.000 
_reflns.R_free_details                   ? 
_reflns.Rmerge_F_all                     ? 
_reflns.Rmerge_F_obs                     ? 
_reflns.Friedel_coverage                 ? 
_reflns.number_gt                        ? 
_reflns.threshold_expression             ? 
_reflns.pdbx_redundancy                  13.400 
_reflns.pdbx_Rmerge_I_obs                ? 
_reflns.pdbx_Rmerge_I_all                ? 
_reflns.pdbx_Rsym_value                  0.099 
_reflns.pdbx_netI_over_av_sigmaI         5.400 
_reflns.pdbx_netI_over_sigmaI            17.900 
_reflns.pdbx_res_netI_over_av_sigmaI_2   ? 
_reflns.pdbx_res_netI_over_sigmaI_2      ? 
_reflns.pdbx_chi_squared                 ? 
_reflns.pdbx_scaling_rejects             ? 
_reflns.pdbx_d_res_high_opt              ? 
_reflns.pdbx_d_res_low_opt               ? 
_reflns.pdbx_d_res_opt_method            ? 
_reflns.phase_calculation_details        ? 
_reflns.pdbx_Rrim_I_all                  0.107 
_reflns.pdbx_Rpim_I_all                  0.029 
_reflns.pdbx_d_opt                       ? 
_reflns.pdbx_number_measured_all         256705 
_reflns.pdbx_diffrn_id                   1 
_reflns.pdbx_ordinal                     1 
_reflns.pdbx_CC_half                     ? 
_reflns.pdbx_R_split                     ? 
# 
loop_
_reflns_shell.d_res_high 
_reflns_shell.d_res_low 
_reflns_shell.meanI_over_sigI_all 
_reflns_shell.meanI_over_sigI_obs 
_reflns_shell.number_measured_all 
_reflns_shell.number_measured_obs 
_reflns_shell.number_possible 
_reflns_shell.number_unique_all 
_reflns_shell.number_unique_obs 
_reflns_shell.percent_possible_all 
_reflns_shell.percent_possible_obs 
_reflns_shell.Rmerge_F_all 
_reflns_shell.Rmerge_F_obs 
_reflns_shell.Rmerge_I_all 
_reflns_shell.Rmerge_I_obs 
_reflns_shell.meanI_over_sigI_gt 
_reflns_shell.meanI_over_uI_all 
_reflns_shell.meanI_over_uI_gt 
_reflns_shell.number_measured_gt 
_reflns_shell.number_unique_gt 
_reflns_shell.percent_possible_gt 
_reflns_shell.Rmerge_F_gt 
_reflns_shell.Rmerge_I_gt 
_reflns_shell.pdbx_redundancy 
_reflns_shell.pdbx_Rsym_value 
_reflns_shell.pdbx_chi_squared 
_reflns_shell.pdbx_netI_over_sigmaI_all 
_reflns_shell.pdbx_netI_over_sigmaI_obs 
_reflns_shell.pdbx_Rrim_I_all 
_reflns_shell.pdbx_Rpim_I_all 
_reflns_shell.pdbx_rejects 
_reflns_shell.pdbx_ordinal 
_reflns_shell.pdbx_diffrn_id 
_reflns_shell.pdbx_CC_half 
_reflns_shell.pdbx_R_split 
1.840 1.940  ? 0.800  ? ? ? ? 2746 100.000 ? ? ? ? 0.964 ? ? ? ? ? ? ? ? 12.300 0.964 ? ? ? 1.052 0.298 ? 1  1 ? ? 
1.940 2.050  ? 1.300  ? ? ? ? 2650 100.000 ? ? ? ? 0.594 ? ? ? ? ? ? ? ? 14.100 0.594 ? ? ? 0.640 0.170 ? 2  1 ? ? 
2.050 2.200  ? 2.100  ? ? ? ? 2463 100.000 ? ? ? ? 0.349 ? ? ? ? ? ? ? ? 14.000 0.349 ? ? ? 0.374 0.100 ? 3  1 ? ? 
2.200 2.370  ? 3.500  ? ? ? ? 2298 100.000 ? ? ? ? 0.208 ? ? ? ? ? ? ? ? 13.900 0.208 ? ? ? 0.223 0.060 ? 4  1 ? ? 
2.370 2.600  ? 4.600  ? ? ? ? 2127 100.000 ? ? ? ? 0.158 ? ? ? ? ? ? ? ? 13.300 0.158 ? ? ? 0.170 0.046 ? 5  1 ? ? 
2.600 2.910  ? 6.700  ? ? ? ? 1923 100.000 ? ? ? ? 0.105 ? ? ? ? ? ? ? ? 12.600 0.105 ? ? ? 0.113 0.031 ? 6  1 ? ? 
2.910 3.350  ? 8.800  ? ? ? ? 1700 100.000 ? ? ? ? 0.075 ? ? ? ? ? ? ? ? 14.100 0.075 ? ? ? 0.081 0.021 ? 7  1 ? ? 
3.350 4.110  ? 10.500 ? ? ? ? 1464 100.000 ? ? ? ? 0.059 ? ? ? ? ? ? ? ? 13.600 0.059 ? ? ? 0.064 0.017 ? 8  1 ? ? 
4.110 5.810  ? 10.700 ? ? ? ? 1137 100.000 ? ? ? ? 0.053 ? ? ? ? ? ? ? ? 12.200 0.053 ? ? ? 0.058 0.016 ? 9  1 ? ? 
5.810 49.482 ? 9.600  ? ? ? ? 663  99.900  ? ? ? ? 0.053 ? ? ? ? ? ? ? ? 13.400 0.053 ? ? ? 0.058 0.016 ? 10 1 ? ? 
# 
_refine.aniso_B[1][1]                            ? 
_refine.aniso_B[1][2]                            ? 
_refine.aniso_B[1][3]                            ? 
_refine.aniso_B[2][2]                            ? 
_refine.aniso_B[2][3]                            ? 
_refine.aniso_B[3][3]                            ? 
_refine.B_iso_max                                82.620 
_refine.B_iso_mean                               29.9300 
_refine.B_iso_min                                10.410 
_refine.correlation_coeff_Fo_to_Fc               ? 
_refine.correlation_coeff_Fo_to_Fc_free          ? 
_refine.details                                  ? 
_refine.diff_density_max                         ? 
_refine.diff_density_max_esd                     ? 
_refine.diff_density_min                         ? 
_refine.diff_density_min_esd                     ? 
_refine.diff_density_rms                         ? 
_refine.diff_density_rms_esd                     ? 
_refine.entry_id                                 6QMH 
_refine.pdbx_refine_id                           'X-RAY DIFFRACTION' 
_refine.ls_abs_structure_details                 ? 
_refine.ls_abs_structure_Flack                   ? 
_refine.ls_abs_structure_Flack_esd               ? 
_refine.ls_abs_structure_Rogers                  ? 
_refine.ls_abs_structure_Rogers_esd              ? 
_refine.ls_d_res_high                            1.8370 
_refine.ls_d_res_low                             49.4820 
_refine.ls_extinction_coef                       ? 
_refine.ls_extinction_coef_esd                   ? 
_refine.ls_extinction_expression                 ? 
_refine.ls_extinction_method                     ? 
_refine.ls_goodness_of_fit_all                   ? 
_refine.ls_goodness_of_fit_all_esd               ? 
_refine.ls_goodness_of_fit_obs                   ? 
_refine.ls_goodness_of_fit_obs_esd               ? 
_refine.ls_hydrogen_treatment                    ? 
_refine.ls_matrix_type                           ? 
_refine.ls_number_constraints                    ? 
_refine.ls_number_parameters                     ? 
_refine.ls_number_reflns_all                     ? 
_refine.ls_number_reflns_obs                     19171 
_refine.ls_number_reflns_R_free                  987 
_refine.ls_number_reflns_R_work                  ? 
_refine.ls_number_restraints                     ? 
_refine.ls_percent_reflns_obs                    99.9900 
_refine.ls_percent_reflns_R_free                 5.1500 
_refine.ls_R_factor_all                          ? 
_refine.ls_R_factor_obs                          0.2043 
_refine.ls_R_factor_R_free                       0.2207 
_refine.ls_R_factor_R_free_error                 ? 
_refine.ls_R_factor_R_free_error_details         ? 
_refine.ls_R_factor_R_work                       0.2033 
_refine.ls_R_Fsqd_factor_obs                     ? 
_refine.ls_R_I_factor_obs                        ? 
_refine.ls_redundancy_reflns_all                 ? 
_refine.ls_redundancy_reflns_obs                 ? 
_refine.ls_restrained_S_all                      ? 
_refine.ls_restrained_S_obs                      ? 
_refine.ls_shift_over_esd_max                    ? 
_refine.ls_shift_over_esd_mean                   ? 
_refine.ls_structure_factor_coef                 ? 
_refine.ls_weighting_details                     ? 
_refine.ls_weighting_scheme                      ? 
_refine.ls_wR_factor_all                         ? 
_refine.ls_wR_factor_obs                         ? 
_refine.ls_wR_factor_R_free                      ? 
_refine.ls_wR_factor_R_work                      ? 
_refine.occupancy_max                            ? 
_refine.occupancy_min                            ? 
_refine.solvent_model_details                    ? 
_refine.solvent_model_param_bsol                 ? 
_refine.solvent_model_param_ksol                 ? 
_refine.ls_R_factor_gt                           ? 
_refine.ls_goodness_of_fit_gt                    ? 
_refine.ls_goodness_of_fit_ref                   ? 
_refine.ls_shift_over_su_max                     ? 
_refine.ls_shift_over_su_max_lt                  ? 
_refine.ls_shift_over_su_mean                    ? 
_refine.ls_shift_over_su_mean_lt                 ? 
_refine.pdbx_ls_sigma_I                          ? 
_refine.pdbx_ls_sigma_F                          1.340 
_refine.pdbx_ls_sigma_Fsqd                       ? 
_refine.pdbx_data_cutoff_high_absF               ? 
_refine.pdbx_data_cutoff_high_rms_absF           ? 
_refine.pdbx_data_cutoff_low_absF                ? 
_refine.pdbx_isotropic_thermal_model             ? 
_refine.pdbx_ls_cross_valid_method               THROUGHOUT 
_refine.pdbx_method_to_determine_struct          'MOLECULAR REPLACEMENT' 
_refine.pdbx_starting_model                      1TFU 
_refine.pdbx_stereochemistry_target_values       ? 
_refine.pdbx_R_Free_selection_details            ? 
_refine.pdbx_stereochem_target_val_spec_case     ? 
_refine.pdbx_overall_ESU_R                       ? 
_refine.pdbx_overall_ESU_R_Free                  ? 
_refine.pdbx_solvent_vdw_probe_radii             1.1100 
_refine.pdbx_solvent_ion_probe_radii             ? 
_refine.pdbx_solvent_shrinkage_radii             0.9000 
_refine.pdbx_real_space_R                        ? 
_refine.pdbx_density_correlation                 ? 
_refine.pdbx_pd_number_of_powder_patterns        ? 
_refine.pdbx_pd_number_of_points                 ? 
_refine.pdbx_pd_meas_number_of_points            ? 
_refine.pdbx_pd_proc_ls_prof_R_factor            ? 
_refine.pdbx_pd_proc_ls_prof_wR_factor           ? 
_refine.pdbx_pd_Marquardt_correlation_coeff      ? 
_refine.pdbx_pd_Fsqrd_R_factor                   ? 
_refine.pdbx_pd_ls_matrix_band_width             ? 
_refine.pdbx_overall_phase_error                 22.8700 
_refine.pdbx_overall_SU_R_free_Cruickshank_DPI   ? 
_refine.pdbx_overall_SU_R_free_Blow_DPI          ? 
_refine.pdbx_overall_SU_R_Blow_DPI               ? 
_refine.pdbx_TLS_residual_ADP_flag               ? 
_refine.pdbx_diffrn_id                           1 
_refine.overall_SU_B                             ? 
_refine.overall_SU_ML                            0.1700 
_refine.overall_SU_R_Cruickshank_DPI             ? 
_refine.overall_SU_R_free                        ? 
_refine.overall_FOM_free_R_set                   ? 
_refine.overall_FOM_work_R_set                   ? 
_refine.pdbx_average_fsc_overall                 ? 
_refine.pdbx_average_fsc_work                    ? 
_refine.pdbx_average_fsc_free                    ? 
# 
_refine_hist.cycle_id                         final 
_refine_hist.pdbx_refine_id                   'X-RAY DIFFRACTION' 
_refine_hist.d_res_high                       1.8370 
_refine_hist.d_res_low                        49.4820 
_refine_hist.pdbx_number_atoms_ligand         44 
_refine_hist.number_atoms_solvent             97 
_refine_hist.number_atoms_total               1299 
_refine_hist.pdbx_number_residues_total       151 
_refine_hist.pdbx_B_iso_mean_ligand           28.46 
_refine_hist.pdbx_B_iso_mean_solvent          37.72 
_refine_hist.pdbx_number_atoms_protein        1158 
_refine_hist.pdbx_number_atoms_nucleic_acid   0 
# 
loop_
_refine_ls_restr.pdbx_refine_id 
_refine_ls_restr.criterion 
_refine_ls_restr.dev_ideal 
_refine_ls_restr.dev_ideal_target 
_refine_ls_restr.number 
_refine_ls_restr.rejects 
_refine_ls_restr.type 
_refine_ls_restr.weight 
_refine_ls_restr.pdbx_restraint_function 
'X-RAY DIFFRACTION' ? 0.008  ? 1214 ? f_bond_d           ? ? 
'X-RAY DIFFRACTION' ? 1.034  ? 1644 ? f_angle_d          ? ? 
'X-RAY DIFFRACTION' ? 0.069  ? 187  ? f_chiral_restr     ? ? 
'X-RAY DIFFRACTION' ? 0.005  ? 214  ? f_plane_restr      ? ? 
'X-RAY DIFFRACTION' ? 14.399 ? 441  ? f_dihedral_angle_d ? ? 
# 
loop_
_refine_ls_shell.pdbx_refine_id 
_refine_ls_shell.d_res_high 
_refine_ls_shell.d_res_low 
_refine_ls_shell.number_reflns_all 
_refine_ls_shell.number_reflns_obs 
_refine_ls_shell.number_reflns_R_free 
_refine_ls_shell.number_reflns_R_work 
_refine_ls_shell.percent_reflns_obs 
_refine_ls_shell.percent_reflns_R_free 
_refine_ls_shell.R_factor_all 
_refine_ls_shell.R_factor_obs 
_refine_ls_shell.R_factor_R_free 
_refine_ls_shell.R_factor_R_free_error 
_refine_ls_shell.R_factor_R_work 
_refine_ls_shell.redundancy_reflns_all 
_refine_ls_shell.redundancy_reflns_obs 
_refine_ls_shell.wR_factor_all 
_refine_ls_shell.wR_factor_obs 
_refine_ls_shell.wR_factor_R_free 
_refine_ls_shell.wR_factor_R_work 
_refine_ls_shell.pdbx_total_number_of_bins_used 
_refine_ls_shell.pdbx_phase_error 
_refine_ls_shell.pdbx_fsc_work 
_refine_ls_shell.pdbx_fsc_free 
'X-RAY DIFFRACTION' 1.8374 1.9343  2704 . 134 2570 100.0000 . . . 0.3036 0.0000 0.2809 . . . . . . 7 . . . 
'X-RAY DIFFRACTION' 1.9343 2.0555  2717 . 148 2569 100.0000 . . . 0.2582 0.0000 0.2477 . . . . . . 7 . . . 
'X-RAY DIFFRACTION' 2.0555 2.2142  2696 . 140 2556 100.0000 . . . 0.2635 0.0000 0.2185 . . . . . . 7 . . . 
'X-RAY DIFFRACTION' 2.2142 2.4370  2722 . 150 2572 100.0000 . . . 0.2318 0.0000 0.2044 . . . . . . 7 . . . 
'X-RAY DIFFRACTION' 2.4370 2.7896  2736 . 118 2618 100.0000 . . . 0.2098 0.0000 0.2077 . . . . . . 7 . . . 
'X-RAY DIFFRACTION' 2.7896 3.5145  2748 . 156 2592 100.0000 . . . 0.2249 0.0000 0.1987 . . . . . . 7 . . . 
'X-RAY DIFFRACTION' 3.5145 49.4999 2848 . 141 2707 100.0000 . . . 0.1920 0.0000 0.1843 . . . . . . 7 . . . 
# 
_struct.entry_id                     6QMH 
_struct.title                        
;Phosphopantetheine adenylyltransferase from Mycobacterium tuberculosis in complex with 3-(1H-indol-3-yl)propanoic acid at 1.6A resolution.
;
_struct.pdbx_model_details           ? 
_struct.pdbx_formula_weight          ? 
_struct.pdbx_formula_weight_method   ? 
_struct.pdbx_model_type_details      ? 
_struct.pdbx_CASP_flag               N 
# 
_struct_keywords.entry_id        6QMH 
_struct_keywords.text            'CoaD, PPAT, Transferase, Complex' 
_struct_keywords.pdbx_keywords   TRANSFERASE 
# 
loop_
_struct_asym.id 
_struct_asym.pdbx_blank_PDB_chainid_flag 
_struct_asym.pdbx_modified 
_struct_asym.entity_id 
_struct_asym.details 
A N N 1 ? 
B N N 2 ? 
C N N 3 ? 
# 
_struct_ref.id                         1 
_struct_ref.db_name                    UNP 
_struct_ref.db_code                    COAD_MYCTO 
_struct_ref.pdbx_db_accession          P9WPA4 
_struct_ref.pdbx_db_isoform            ? 
_struct_ref.entity_id                  1 
_struct_ref.pdbx_seq_one_letter_code   
;MTGAVCPGSFDPVTLGHVDIFERAAAQFDEVVVAILVNPAKTGMFDLDERIAMVKESTTHLPNLRVQVGHGLVVDFVRSC
GMTAIVKGLRTGTDFEYELQMAQMNKHIAGVDTFFVATAPRYSFVSSSLAKEVAMLGGDVSELLPEPVNRRLRDRLNTER
T
;
_struct_ref.pdbx_align_begin           1 
# 
_struct_ref_seq.align_id                      1 
_struct_ref_seq.ref_id                        1 
_struct_ref_seq.pdbx_PDB_id_code              6QMH 
_struct_ref_seq.pdbx_strand_id                A 
_struct_ref_seq.seq_align_beg                 3 
_struct_ref_seq.pdbx_seq_align_beg_ins_code   ? 
_struct_ref_seq.seq_align_end                 163 
_struct_ref_seq.pdbx_seq_align_end_ins_code   ? 
_struct_ref_seq.pdbx_db_accession             P9WPA4 
_struct_ref_seq.db_align_beg                  1 
_struct_ref_seq.pdbx_db_align_beg_ins_code    ? 
_struct_ref_seq.db_align_end                  161 
_struct_ref_seq.pdbx_db_align_end_ins_code    ? 
_struct_ref_seq.pdbx_auth_seq_align_beg       1 
_struct_ref_seq.pdbx_auth_seq_align_end       161 
# 
loop_
_struct_ref_seq_dif.align_id 
_struct_ref_seq_dif.pdbx_pdb_id_code 
_struct_ref_seq_dif.mon_id 
_struct_ref_seq_dif.pdbx_pdb_strand_id 
_struct_ref_seq_dif.seq_num 
_struct_ref_seq_dif.pdbx_pdb_ins_code 
_struct_ref_seq_dif.pdbx_seq_db_name 
_struct_ref_seq_dif.pdbx_seq_db_accession_code 
_struct_ref_seq_dif.db_mon_id 
_struct_ref_seq_dif.pdbx_seq_db_seq_num 
_struct_ref_seq_dif.details 
_struct_ref_seq_dif.pdbx_auth_seq_num 
_struct_ref_seq_dif.pdbx_ordinal 
1 6QMH GLY A 1 ? UNP P9WPA4 ? ? 'expression tag' -1 1 
1 6QMH SER A 2 ? UNP P9WPA4 ? ? 'expression tag' 0  2 
# 
_pdbx_struct_assembly.id                   1 
_pdbx_struct_assembly.details              author_and_software_defined_assembly 
_pdbx_struct_assembly.method_details       PISA 
_pdbx_struct_assembly.oligomeric_details   hexameric 
_pdbx_struct_assembly.oligomeric_count     6 
# 
loop_
_pdbx_struct_assembly_prop.biol_id 
_pdbx_struct_assembly_prop.type 
_pdbx_struct_assembly_prop.value 
_pdbx_struct_assembly_prop.details 
1 'ABSA (A^2)' 13820 ? 
1 MORE         -99   ? 
1 'SSA (A^2)'  34130 ? 
# 
_pdbx_struct_assembly_gen.assembly_id       1 
_pdbx_struct_assembly_gen.oper_expression   1,2,3,4,5,6 
_pdbx_struct_assembly_gen.asym_id_list      A,B,C 
# 
_pdbx_struct_assembly_auth_evidence.id                     1 
_pdbx_struct_assembly_auth_evidence.assembly_id            1 
_pdbx_struct_assembly_auth_evidence.experimental_support   'gel filtration' 
_pdbx_struct_assembly_auth_evidence.details                ? 
# 
loop_
_pdbx_struct_oper_list.id 
_pdbx_struct_oper_list.type 
_pdbx_struct_oper_list.name 
_pdbx_struct_oper_list.symmetry_operation 
_pdbx_struct_oper_list.matrix[1][1] 
_pdbx_struct_oper_list.matrix[1][2] 
_pdbx_struct_oper_list.matrix[1][3] 
_pdbx_struct_oper_list.vector[1] 
_pdbx_struct_oper_list.matrix[2][1] 
_pdbx_struct_oper_list.matrix[2][2] 
_pdbx_struct_oper_list.matrix[2][3] 
_pdbx_struct_oper_list.vector[2] 
_pdbx_struct_oper_list.matrix[3][1] 
_pdbx_struct_oper_list.matrix[3][2] 
_pdbx_struct_oper_list.matrix[3][3] 
_pdbx_struct_oper_list.vector[3] 
1 'identity operation'         1_555  x,y,z                  1.0000000000  0.0000000000  0.0000000000  0.0000000000   0.0000000000  1.0000000000  0.0000000000  0.0000000000   0.0000000000  0.0000000000  1.0000000000  0.0000000000   
2 'crystal symmetry operation' 2_665  -y+1,x-y+1,z           0.4729220068  0.3064486534  0.8260956351  -20.4284032122 -0.6839625617 -0.4633791943 0.5634491427  -12.7619497034 0.5554637609  -0.8314859861 -0.0095428125 25.2849589316  
3 'crystal symmetry operation' 3_565  -x+y,-x+1,z            0.4729220068  -0.6839625617 0.5554637609  -13.1125327506 0.3064486534  -0.4633791943 -0.8314859861 21.3707236941  0.8260956351  0.5634491427  -0.0095428125 24.3078139675  
4 'crystal symmetry operation' 10_455 y-1/3,x+1/3,-z+1/3     -0.2977812407 0.2194423853  -0.9290701654 -20.5164643870 0.2194423853  -0.9314245599 -0.2903331341 16.8182190023  -0.9290701654 -0.2903331341 0.2292058006  -11.5345605436 
5 'crystal symmetry operation' 11_565 x-y+2/3,-y+4/3,-z+1/3  -0.8069824861 0.5795691267  -0.1134852169 -40.7252827933 0.5795691267  0.7402585179  -0.3407593785 16.8810934872  -0.1134852169 -0.3407593785 -0.9332760318 16.9455355176  
6 'crystal symmetry operation' 12_555 -x+2/3,-x+y+1/3,-z+1/3 -0.8410802868 -0.4214976037 -0.3390040137 -34.5058202746 -0.4214976037 0.1179244306  0.8991293560  -13.0218071854 -0.3390040137 0.8991293560  -0.2768441438 0.0147651998 
# 
loop_
_struct_conf.conf_type_id 
_struct_conf.id 
_struct_conf.pdbx_PDB_helix_id 
_struct_conf.beg_label_comp_id 
_struct_conf.beg_label_asym_id 
_struct_conf.beg_label_seq_id 
_struct_conf.pdbx_beg_PDB_ins_code 
_struct_conf.end_label_comp_id 
_struct_conf.end_label_asym_id 
_struct_conf.end_label_seq_id 
_struct_conf.pdbx_end_PDB_ins_code 
_struct_conf.beg_auth_comp_id 
_struct_conf.beg_auth_asym_id 
_struct_conf.beg_auth_seq_id 
_struct_conf.end_auth_comp_id 
_struct_conf.end_auth_asym_id 
_struct_conf.end_auth_seq_id 
_struct_conf.pdbx_PDB_helix_class 
_struct_conf.details 
_struct_conf.pdbx_PDB_helix_length 
HELX_P HELX_P1 AA1 THR A 16  ? ALA A 28  ? THR A 14  ALA A 26  1 ? 13 
HELX_P HELX_P2 AA2 ASP A 48  ? THR A 60  ? ASP A 46  THR A 58  1 ? 13 
HELX_P HELX_P3 AA3 LEU A 74  ? CYS A 82  ? LEU A 72  CYS A 80  1 ? 9  
HELX_P HELX_P4 AA4 THR A 93  ? GLY A 112 ? THR A 91  GLY A 110 1 ? 20 
HELX_P HELX_P5 AA5 ALA A 121 ? SER A 125 ? ALA A 119 SER A 123 5 ? 5  
HELX_P HELX_P6 AA6 SER A 128 ? MET A 137 ? SER A 126 MET A 135 1 ? 10 
HELX_P HELX_P7 AA7 VAL A 142 ? LEU A 146 ? VAL A 140 LEU A 144 5 ? 5  
HELX_P HELX_P8 AA8 PRO A 147 ? LEU A 158 ? PRO A 145 LEU A 156 1 ? 12 
# 
_struct_conf_type.id          HELX_P 
_struct_conf_type.criteria    ? 
_struct_conf_type.reference   ? 
# 
_struct_mon_prot_cis.pdbx_id                1 
_struct_mon_prot_cis.label_comp_id          ASP 
_struct_mon_prot_cis.label_seq_id           13 
_struct_mon_prot_cis.label_asym_id          A 
_struct_mon_prot_cis.label_alt_id           . 
_struct_mon_prot_cis.pdbx_PDB_ins_code      ? 
_struct_mon_prot_cis.auth_comp_id           ASP 
_struct_mon_prot_cis.auth_seq_id            11 
_struct_mon_prot_cis.auth_asym_id           A 
_struct_mon_prot_cis.pdbx_label_comp_id_2   PRO 
_struct_mon_prot_cis.pdbx_label_seq_id_2    14 
_struct_mon_prot_cis.pdbx_label_asym_id_2   A 
_struct_mon_prot_cis.pdbx_PDB_ins_code_2    ? 
_struct_mon_prot_cis.pdbx_auth_comp_id_2    PRO 
_struct_mon_prot_cis.pdbx_auth_seq_id_2     12 
_struct_mon_prot_cis.pdbx_auth_asym_id_2    A 
_struct_mon_prot_cis.pdbx_PDB_model_num     1 
_struct_mon_prot_cis.pdbx_omega_angle       -1.28 
# 
_struct_sheet.id               AA1 
_struct_sheet.type             ? 
_struct_sheet.number_strands   5 
_struct_sheet.details          ? 
# 
loop_
_struct_sheet_order.sheet_id 
_struct_sheet_order.range_id_1 
_struct_sheet_order.range_id_2 
_struct_sheet_order.offset 
_struct_sheet_order.sense 
AA1 1 2 ? parallel 
AA1 2 3 ? parallel 
AA1 3 4 ? parallel 
AA1 4 5 ? parallel 
# 
loop_
_struct_sheet_range.sheet_id 
_struct_sheet_range.id 
_struct_sheet_range.beg_label_comp_id 
_struct_sheet_range.beg_label_asym_id 
_struct_sheet_range.beg_label_seq_id 
_struct_sheet_range.pdbx_beg_PDB_ins_code 
_struct_sheet_range.end_label_comp_id 
_struct_sheet_range.end_label_asym_id 
_struct_sheet_range.end_label_seq_id 
_struct_sheet_range.pdbx_end_PDB_ins_code 
_struct_sheet_range.beg_auth_comp_id 
_struct_sheet_range.beg_auth_asym_id 
_struct_sheet_range.beg_auth_seq_id 
_struct_sheet_range.end_auth_comp_id 
_struct_sheet_range.end_auth_asym_id 
_struct_sheet_range.end_auth_seq_id 
AA1 1 LEU A 66  ? VAL A 70  ? LEU A 64  VAL A 68  
AA1 2 GLU A 32  ? ILE A 37  ? GLU A 30  ILE A 35  
AA1 3 GLY A 5   ? GLY A 10  ? GLY A 3   GLY A 8   
AA1 4 ALA A 86  ? LEU A 91  ? ALA A 84  LEU A 89  
AA1 5 THR A 115 ? ALA A 119 ? THR A 113 ALA A 117 
# 
loop_
_pdbx_struct_sheet_hbond.sheet_id 
_pdbx_struct_sheet_hbond.range_id_1 
_pdbx_struct_sheet_hbond.range_id_2 
_pdbx_struct_sheet_hbond.range_1_label_atom_id 
_pdbx_struct_sheet_hbond.range_1_label_comp_id 
_pdbx_struct_sheet_hbond.range_1_label_asym_id 
_pdbx_struct_sheet_hbond.range_1_label_seq_id 
_pdbx_struct_sheet_hbond.range_1_PDB_ins_code 
_pdbx_struct_sheet_hbond.range_1_auth_atom_id 
_pdbx_struct_sheet_hbond.range_1_auth_comp_id 
_pdbx_struct_sheet_hbond.range_1_auth_asym_id 
_pdbx_struct_sheet_hbond.range_1_auth_seq_id 
_pdbx_struct_sheet_hbond.range_2_label_atom_id 
_pdbx_struct_sheet_hbond.range_2_label_comp_id 
_pdbx_struct_sheet_hbond.range_2_label_asym_id 
_pdbx_struct_sheet_hbond.range_2_label_seq_id 
_pdbx_struct_sheet_hbond.range_2_PDB_ins_code 
_pdbx_struct_sheet_hbond.range_2_auth_atom_id 
_pdbx_struct_sheet_hbond.range_2_auth_comp_id 
_pdbx_struct_sheet_hbond.range_2_auth_asym_id 
_pdbx_struct_sheet_hbond.range_2_auth_seq_id 
AA1 1 2 O ARG A 67 ? O ARG A 65 N VAL A 35  ? N VAL A 33  
AA1 2 3 O VAL A 34 ? O VAL A 32 N ALA A 6   ? N ALA A 4   
AA1 3 4 N VAL A 7  ? N VAL A 5  O VAL A 88  ? O VAL A 86  
AA1 4 5 N ILE A 87 ? N ILE A 85 O PHE A 116 ? O PHE A 114 
# 
_struct_site.id                   AC1 
_struct_site.pdbx_evidence_code   Software 
_struct_site.pdbx_auth_asym_id    A 
_struct_site.pdbx_auth_comp_id    EP8 
_struct_site.pdbx_auth_seq_id     201 
_struct_site.pdbx_auth_ins_code   ? 
_struct_site.pdbx_num_residues    13 
_struct_site.details              'binding site for residue EP8 A 201' 
# 
loop_
_struct_site_gen.id 
_struct_site_gen.site_id 
_struct_site_gen.pdbx_num_res 
_struct_site_gen.label_comp_id 
_struct_site_gen.label_asym_id 
_struct_site_gen.label_seq_id 
_struct_site_gen.pdbx_auth_ins_code 
_struct_site_gen.auth_comp_id 
_struct_site_gen.auth_asym_id 
_struct_site_gen.auth_seq_id 
_struct_site_gen.label_atom_id 
_struct_site_gen.label_alt_id 
_struct_site_gen.symmetry 
_struct_site_gen.details 
1  AC1 13 PRO A 9   ? PRO A 7   . ? 1_555 ? 
2  AC1 13 THR A 16  ? THR A 14  . ? 1_555 ? 
3  AC1 13 GLY A 18  ? GLY A 16  . ? 1_555 ? 
4  AC1 13 HIS A 19  ? HIS A 17  . ? 1_555 ? 
5  AC1 13 ILE A 22  ? ILE A 20  . ? 1_555 ? 
6  AC1 13 GLY A 90  ? GLY A 88  . ? 1_555 ? 
7  AC1 13 ARG A 92  ? ARG A 90  . ? 1_555 ? 
8  AC1 13 THR A 120 ? THR A 118 . ? 1_555 ? 
9  AC1 13 TYR A 124 ? TYR A 122 . ? 1_555 ? 
10 AC1 13 VAL A 127 ? VAL A 125 . ? 1_555 ? 
11 AC1 13 SER A 128 ? SER A 126 . ? 1_555 ? 
12 AC1 13 SER A 129 ? SER A 127 . ? 1_555 ? 
13 AC1 13 HOH C .   ? HOH A 310 . ? 1_555 ? 
# 
loop_
_pdbx_validate_close_contact.id 
_pdbx_validate_close_contact.PDB_model_num 
_pdbx_validate_close_contact.auth_atom_id_1 
_pdbx_validate_close_contact.auth_asym_id_1 
_pdbx_validate_close_contact.auth_comp_id_1 
_pdbx_validate_close_contact.auth_seq_id_1 
_pdbx_validate_close_contact.PDB_ins_code_1 
_pdbx_validate_close_contact.label_alt_id_1 
_pdbx_validate_close_contact.auth_atom_id_2 
_pdbx_validate_close_contact.auth_asym_id_2 
_pdbx_validate_close_contact.auth_comp_id_2 
_pdbx_validate_close_contact.auth_seq_id_2 
_pdbx_validate_close_contact.PDB_ins_code_2 
_pdbx_validate_close_contact.label_alt_id_2 
_pdbx_validate_close_contact.dist 
1 1 O   A HOH 378 ? ? O A HOH 384 ? ? 1.91 
2 1 NH1 A ARG 150 ? ? O A HOH 301 ? ? 1.94 
3 1 OD2 A ASP 112 ? ? O A HOH 302 ? ? 2.02 
4 1 O   A HOH 312 ? ? O A HOH 340 ? ? 2.05 
5 1 O   A GLU 96  ? ? O A HOH 303 ? ? 2.13 
6 1 OD1 A ASP 75  ? ? O A HOH 304 ? ? 2.13 
# 
loop_
_pdbx_validate_symm_contact.id 
_pdbx_validate_symm_contact.PDB_model_num 
_pdbx_validate_symm_contact.auth_atom_id_1 
_pdbx_validate_symm_contact.auth_asym_id_1 
_pdbx_validate_symm_contact.auth_comp_id_1 
_pdbx_validate_symm_contact.auth_seq_id_1 
_pdbx_validate_symm_contact.PDB_ins_code_1 
_pdbx_validate_symm_contact.label_alt_id_1 
_pdbx_validate_symm_contact.site_symmetry_1 
_pdbx_validate_symm_contact.auth_atom_id_2 
_pdbx_validate_symm_contact.auth_asym_id_2 
_pdbx_validate_symm_contact.auth_comp_id_2 
_pdbx_validate_symm_contact.auth_seq_id_2 
_pdbx_validate_symm_contact.PDB_ins_code_2 
_pdbx_validate_symm_contact.label_alt_id_2 
_pdbx_validate_symm_contact.site_symmetry_2 
_pdbx_validate_symm_contact.dist 
1 1 O   A HOH 351 ? ? 1_555 O   A HOH 386 ? ? 3_565  1.81 
2 1 O   A HOH 302 ? ? 1_555 O   A HOH 346 ? ? 10_455 2.13 
3 1 OG1 A THR 93  ? ? 1_555 OE1 A GLU 96  ? ? 2_665  2.19 
# 
loop_
_pdbx_struct_special_symmetry.id 
_pdbx_struct_special_symmetry.PDB_model_num 
_pdbx_struct_special_symmetry.auth_asym_id 
_pdbx_struct_special_symmetry.auth_comp_id 
_pdbx_struct_special_symmetry.auth_seq_id 
_pdbx_struct_special_symmetry.PDB_ins_code 
_pdbx_struct_special_symmetry.label_asym_id 
_pdbx_struct_special_symmetry.label_comp_id 
_pdbx_struct_special_symmetry.label_seq_id 
1 1 A HOH 322 ? C HOH . 
2 1 A HOH 358 ? C HOH . 
3 1 A HOH 389 ? C HOH . 
4 1 A HOH 393 ? C HOH . 
5 1 A HOH 397 ? C HOH . 
# 
loop_
_pdbx_unobs_or_zero_occ_residues.id 
_pdbx_unobs_or_zero_occ_residues.PDB_model_num 
_pdbx_unobs_or_zero_occ_residues.polymer_flag 
_pdbx_unobs_or_zero_occ_residues.occupancy_flag 
_pdbx_unobs_or_zero_occ_residues.auth_asym_id 
_pdbx_unobs_or_zero_occ_residues.auth_comp_id 
_pdbx_unobs_or_zero_occ_residues.auth_seq_id 
_pdbx_unobs_or_zero_occ_residues.PDB_ins_code 
_pdbx_unobs_or_zero_occ_residues.label_asym_id 
_pdbx_unobs_or_zero_occ_residues.label_comp_id 
_pdbx_unobs_or_zero_occ_residues.label_seq_id 
1  1 Y 1 A GLY -1  ? A GLY 1   
2  1 Y 1 A SER 0   ? A SER 2   
3  1 Y 1 A VAL 37  ? A VAL 39  
4  1 Y 1 A ASN 38  ? A ASN 40  
5  1 Y 1 A PRO 39  ? A PRO 41  
6  1 Y 1 A ALA 40  ? A ALA 42  
7  1 Y 1 A LYS 41  ? A LYS 43  
8  1 Y 1 A THR 42  ? A THR 44  
9  1 Y 1 A THR 158 ? A THR 160 
10 1 Y 1 A GLU 159 ? A GLU 161 
11 1 Y 1 A ARG 160 ? A ARG 162 
12 1 Y 1 A THR 161 ? A THR 163 
# 
loop_
_chem_comp_atom.comp_id 
_chem_comp_atom.atom_id 
_chem_comp_atom.type_symbol 
_chem_comp_atom.pdbx_aromatic_flag 
_chem_comp_atom.pdbx_stereo_config 
_chem_comp_atom.pdbx_ordinal 
ALA N    N N N 1   
ALA CA   C N S 2   
ALA C    C N N 3   
ALA O    O N N 4   
ALA CB   C N N 5   
ALA OXT  O N N 6   
ALA H    H N N 7   
ALA H2   H N N 8   
ALA HA   H N N 9   
ALA HB1  H N N 10  
ALA HB2  H N N 11  
ALA HB3  H N N 12  
ALA HXT  H N N 13  
ARG N    N N N 14  
ARG CA   C N S 15  
ARG C    C N N 16  
ARG O    O N N 17  
ARG CB   C N N 18  
ARG CG   C N N 19  
ARG CD   C N N 20  
ARG NE   N N N 21  
ARG CZ   C N N 22  
ARG NH1  N N N 23  
ARG NH2  N N N 24  
ARG OXT  O N N 25  
ARG H    H N N 26  
ARG H2   H N N 27  
ARG HA   H N N 28  
ARG HB2  H N N 29  
ARG HB3  H N N 30  
ARG HG2  H N N 31  
ARG HG3  H N N 32  
ARG HD2  H N N 33  
ARG HD3  H N N 34  
ARG HE   H N N 35  
ARG HH11 H N N 36  
ARG HH12 H N N 37  
ARG HH21 H N N 38  
ARG HH22 H N N 39  
ARG HXT  H N N 40  
ASN N    N N N 41  
ASN CA   C N S 42  
ASN C    C N N 43  
ASN O    O N N 44  
ASN CB   C N N 45  
ASN CG   C N N 46  
ASN OD1  O N N 47  
ASN ND2  N N N 48  
ASN OXT  O N N 49  
ASN H    H N N 50  
ASN H2   H N N 51  
ASN HA   H N N 52  
ASN HB2  H N N 53  
ASN HB3  H N N 54  
ASN HD21 H N N 55  
ASN HD22 H N N 56  
ASN HXT  H N N 57  
ASP N    N N N 58  
ASP CA   C N S 59  
ASP C    C N N 60  
ASP O    O N N 61  
ASP CB   C N N 62  
ASP CG   C N N 63  
ASP OD1  O N N 64  
ASP OD2  O N N 65  
ASP OXT  O N N 66  
ASP H    H N N 67  
ASP H2   H N N 68  
ASP HA   H N N 69  
ASP HB2  H N N 70  
ASP HB3  H N N 71  
ASP HD2  H N N 72  
ASP HXT  H N N 73  
CYS N    N N N 74  
CYS CA   C N R 75  
CYS C    C N N 76  
CYS O    O N N 77  
CYS CB   C N N 78  
CYS SG   S N N 79  
CYS OXT  O N N 80  
CYS H    H N N 81  
CYS H2   H N N 82  
CYS HA   H N N 83  
CYS HB2  H N N 84  
CYS HB3  H N N 85  
CYS HG   H N N 86  
CYS HXT  H N N 87  
EP8 C10  C N N 88  
EP8 C15  C Y N 89  
EP8 C20  C Y N 90  
EP8 C21  C Y N 91  
EP8 C22  C Y N 92  
EP8 C24  C Y N 93  
EP8 C01  C Y N 94  
EP8 C02  C Y N 95  
EP8 C03  C Y N 96  
EP8 C04  C Y N 97  
EP8 C05  C Y N 98  
EP8 C06  C Y N 99  
EP8 N07  N Y N 100 
EP8 C08  C Y N 101 
EP8 C09  C Y N 102 
EP8 C11  C N N 103 
EP8 C12  C N N 104 
EP8 O13  O N N 105 
EP8 C14  C Y N 106 
EP8 C16  C Y N 107 
EP8 N17  N Y N 108 
EP8 N18  N Y N 109 
EP8 C19  C Y N 110 
EP8 C23  C Y N 111 
EP8 C25  C N N 112 
EP8 O26  O N N 113 
EP8 O27  O N N 114 
EP8 H101 H N N 115 
EP8 H102 H N N 116 
EP8 H201 H N N 117 
EP8 H211 H N N 118 
EP8 H221 H N N 119 
EP8 H241 H N N 120 
EP8 H011 H N N 121 
EP8 H021 H N N 122 
EP8 H051 H N N 123 
EP8 H061 H N N 124 
EP8 H1   H N N 125 
EP8 H081 H N N 126 
EP8 H111 H N N 127 
EP8 H112 H N N 128 
EP8 H121 H N N 129 
EP8 H122 H N N 130 
EP8 H161 H N N 131 
EP8 H231 H N N 132 
EP8 H2   H N N 133 
GLN N    N N N 134 
GLN CA   C N S 135 
GLN C    C N N 136 
GLN O    O N N 137 
GLN CB   C N N 138 
GLN CG   C N N 139 
GLN CD   C N N 140 
GLN OE1  O N N 141 
GLN NE2  N N N 142 
GLN OXT  O N N 143 
GLN H    H N N 144 
GLN H2   H N N 145 
GLN HA   H N N 146 
GLN HB2  H N N 147 
GLN HB3  H N N 148 
GLN HG2  H N N 149 
GLN HG3  H N N 150 
GLN HE21 H N N 151 
GLN HE22 H N N 152 
GLN HXT  H N N 153 
GLU N    N N N 154 
GLU CA   C N S 155 
GLU C    C N N 156 
GLU O    O N N 157 
GLU CB   C N N 158 
GLU CG   C N N 159 
GLU CD   C N N 160 
GLU OE1  O N N 161 
GLU OE2  O N N 162 
GLU OXT  O N N 163 
GLU H    H N N 164 
GLU H2   H N N 165 
GLU HA   H N N 166 
GLU HB2  H N N 167 
GLU HB3  H N N 168 
GLU HG2  H N N 169 
GLU HG3  H N N 170 
GLU HE2  H N N 171 
GLU HXT  H N N 172 
GLY N    N N N 173 
GLY CA   C N N 174 
GLY C    C N N 175 
GLY O    O N N 176 
GLY OXT  O N N 177 
GLY H    H N N 178 
GLY H2   H N N 179 
GLY HA2  H N N 180 
GLY HA3  H N N 181 
GLY HXT  H N N 182 
HIS N    N N N 183 
HIS CA   C N S 184 
HIS C    C N N 185 
HIS O    O N N 186 
HIS CB   C N N 187 
HIS CG   C Y N 188 
HIS ND1  N Y N 189 
HIS CD2  C Y N 190 
HIS CE1  C Y N 191 
HIS NE2  N Y N 192 
HIS OXT  O N N 193 
HIS H    H N N 194 
HIS H2   H N N 195 
HIS HA   H N N 196 
HIS HB2  H N N 197 
HIS HB3  H N N 198 
HIS HD1  H N N 199 
HIS HD2  H N N 200 
HIS HE1  H N N 201 
HIS HE2  H N N 202 
HIS HXT  H N N 203 
HOH O    O N N 204 
HOH H1   H N N 205 
HOH H2   H N N 206 
ILE N    N N N 207 
ILE CA   C N S 208 
ILE C    C N N 209 
ILE O    O N N 210 
ILE CB   C N S 211 
ILE CG1  C N N 212 
ILE CG2  C N N 213 
ILE CD1  C N N 214 
ILE OXT  O N N 215 
ILE H    H N N 216 
ILE H2   H N N 217 
ILE HA   H N N 218 
ILE HB   H N N 219 
ILE HG12 H N N 220 
ILE HG13 H N N 221 
ILE HG21 H N N 222 
ILE HG22 H N N 223 
ILE HG23 H N N 224 
ILE HD11 H N N 225 
ILE HD12 H N N 226 
ILE HD13 H N N 227 
ILE HXT  H N N 228 
LEU N    N N N 229 
LEU CA   C N S 230 
LEU C    C N N 231 
LEU O    O N N 232 
LEU CB   C N N 233 
LEU CG   C N N 234 
LEU CD1  C N N 235 
LEU CD2  C N N 236 
LEU OXT  O N N 237 
LEU H    H N N 238 
LEU H2   H N N 239 
LEU HA   H N N 240 
LEU HB2  H N N 241 
LEU HB3  H N N 242 
LEU HG   H N N 243 
LEU HD11 H N N 244 
LEU HD12 H N N 245 
LEU HD13 H N N 246 
LEU HD21 H N N 247 
LEU HD22 H N N 248 
LEU HD23 H N N 249 
LEU HXT  H N N 250 
LYS N    N N N 251 
LYS CA   C N S 252 
LYS C    C N N 253 
LYS O    O N N 254 
LYS CB   C N N 255 
LYS CG   C N N 256 
LYS CD   C N N 257 
LYS CE   C N N 258 
LYS NZ   N N N 259 
LYS OXT  O N N 260 
LYS H    H N N 261 
LYS H2   H N N 262 
LYS HA   H N N 263 
LYS HB2  H N N 264 
LYS HB3  H N N 265 
LYS HG2  H N N 266 
LYS HG3  H N N 267 
LYS HD2  H N N 268 
LYS HD3  H N N 269 
LYS HE2  H N N 270 
LYS HE3  H N N 271 
LYS HZ1  H N N 272 
LYS HZ2  H N N 273 
LYS HZ3  H N N 274 
LYS HXT  H N N 275 
MET N    N N N 276 
MET CA   C N S 277 
MET C    C N N 278 
MET O    O N N 279 
MET CB   C N N 280 
MET CG   C N N 281 
MET SD   S N N 282 
MET CE   C N N 283 
MET OXT  O N N 284 
MET H    H N N 285 
MET H2   H N N 286 
MET HA   H N N 287 
MET HB2  H N N 288 
MET HB3  H N N 289 
MET HG2  H N N 290 
MET HG3  H N N 291 
MET HE1  H N N 292 
MET HE2  H N N 293 
MET HE3  H N N 294 
MET HXT  H N N 295 
PHE N    N N N 296 
PHE CA   C N S 297 
PHE C    C N N 298 
PHE O    O N N 299 
PHE CB   C N N 300 
PHE CG   C Y N 301 
PHE CD1  C Y N 302 
PHE CD2  C Y N 303 
PHE CE1  C Y N 304 
PHE CE2  C Y N 305 
PHE CZ   C Y N 306 
PHE OXT  O N N 307 
PHE H    H N N 308 
PHE H2   H N N 309 
PHE HA   H N N 310 
PHE HB2  H N N 311 
PHE HB3  H N N 312 
PHE HD1  H N N 313 
PHE HD2  H N N 314 
PHE HE1  H N N 315 
PHE HE2  H N N 316 
PHE HZ   H N N 317 
PHE HXT  H N N 318 
PRO N    N N N 319 
PRO CA   C N S 320 
PRO C    C N N 321 
PRO O    O N N 322 
PRO CB   C N N 323 
PRO CG   C N N 324 
PRO CD   C N N 325 
PRO OXT  O N N 326 
PRO H    H N N 327 
PRO HA   H N N 328 
PRO HB2  H N N 329 
PRO HB3  H N N 330 
PRO HG2  H N N 331 
PRO HG3  H N N 332 
PRO HD2  H N N 333 
PRO HD3  H N N 334 
PRO HXT  H N N 335 
SER N    N N N 336 
SER CA   C N S 337 
SER C    C N N 338 
SER O    O N N 339 
SER CB   C N N 340 
SER OG   O N N 341 
SER OXT  O N N 342 
SER H    H N N 343 
SER H2   H N N 344 
SER HA   H N N 345 
SER HB2  H N N 346 
SER HB3  H N N 347 
SER HG   H N N 348 
SER HXT  H N N 349 
THR N    N N N 350 
THR CA   C N S 351 
THR C    C N N 352 
THR O    O N N 353 
THR CB   C N R 354 
THR OG1  O N N 355 
THR CG2  C N N 356 
THR OXT  O N N 357 
THR H    H N N 358 
THR H2   H N N 359 
THR HA   H N N 360 
THR HB   H N N 361 
THR HG1  H N N 362 
THR HG21 H N N 363 
THR HG22 H N N 364 
THR HG23 H N N 365 
THR HXT  H N N 366 
TYR N    N N N 367 
TYR CA   C N S 368 
TYR C    C N N 369 
TYR O    O N N 370 
TYR CB   C N N 371 
TYR CG   C Y N 372 
TYR CD1  C Y N 373 
TYR CD2  C Y N 374 
TYR CE1  C Y N 375 
TYR CE2  C Y N 376 
TYR CZ   C Y N 377 
TYR OH   O N N 378 
TYR OXT  O N N 379 
TYR H    H N N 380 
TYR H2   H N N 381 
TYR HA   H N N 382 
TYR HB2  H N N 383 
TYR HB3  H N N 384 
TYR HD1  H N N 385 
TYR HD2  H N N 386 
TYR HE1  H N N 387 
TYR HE2  H N N 388 
TYR HH   H N N 389 
TYR HXT  H N N 390 
VAL N    N N N 391 
VAL CA   C N S 392 
VAL C    C N N 393 
VAL O    O N N 394 
VAL CB   C N N 395 
VAL CG1  C N N 396 
VAL CG2  C N N 397 
VAL OXT  O N N 398 
VAL H    H N N 399 
VAL H2   H N N 400 
VAL HA   H N N 401 
VAL HB   H N N 402 
VAL HG11 H N N 403 
VAL HG12 H N N 404 
VAL HG13 H N N 405 
VAL HG21 H N N 406 
VAL HG22 H N N 407 
VAL HG23 H N N 408 
VAL HXT  H N N 409 
# 
loop_
_chem_comp_bond.comp_id 
_chem_comp_bond.atom_id_1 
_chem_comp_bond.atom_id_2 
_chem_comp_bond.value_order 
_chem_comp_bond.pdbx_aromatic_flag 
_chem_comp_bond.pdbx_stereo_config 
_chem_comp_bond.pdbx_ordinal 
ALA N   CA   sing N N 1   
ALA N   H    sing N N 2   
ALA N   H2   sing N N 3   
ALA CA  C    sing N N 4   
ALA CA  CB   sing N N 5   
ALA CA  HA   sing N N 6   
ALA C   O    doub N N 7   
ALA C   OXT  sing N N 8   
ALA CB  HB1  sing N N 9   
ALA CB  HB2  sing N N 10  
ALA CB  HB3  sing N N 11  
ALA OXT HXT  sing N N 12  
ARG N   CA   sing N N 13  
ARG N   H    sing N N 14  
ARG N   H2   sing N N 15  
ARG CA  C    sing N N 16  
ARG CA  CB   sing N N 17  
ARG CA  HA   sing N N 18  
ARG C   O    doub N N 19  
ARG C   OXT  sing N N 20  
ARG CB  CG   sing N N 21  
ARG CB  HB2  sing N N 22  
ARG CB  HB3  sing N N 23  
ARG CG  CD   sing N N 24  
ARG CG  HG2  sing N N 25  
ARG CG  HG3  sing N N 26  
ARG CD  NE   sing N N 27  
ARG CD  HD2  sing N N 28  
ARG CD  HD3  sing N N 29  
ARG NE  CZ   sing N N 30  
ARG NE  HE   sing N N 31  
ARG CZ  NH1  sing N N 32  
ARG CZ  NH2  doub N N 33  
ARG NH1 HH11 sing N N 34  
ARG NH1 HH12 sing N N 35  
ARG NH2 HH21 sing N N 36  
ARG NH2 HH22 sing N N 37  
ARG OXT HXT  sing N N 38  
ASN N   CA   sing N N 39  
ASN N   H    sing N N 40  
ASN N   H2   sing N N 41  
ASN CA  C    sing N N 42  
ASN CA  CB   sing N N 43  
ASN CA  HA   sing N N 44  
ASN C   O    doub N N 45  
ASN C   OXT  sing N N 46  
ASN CB  CG   sing N N 47  
ASN CB  HB2  sing N N 48  
ASN CB  HB3  sing N N 49  
ASN CG  OD1  doub N N 50  
ASN CG  ND2  sing N N 51  
ASN ND2 HD21 sing N N 52  
ASN ND2 HD22 sing N N 53  
ASN OXT HXT  sing N N 54  
ASP N   CA   sing N N 55  
ASP N   H    sing N N 56  
ASP N   H2   sing N N 57  
ASP CA  C    sing N N 58  
ASP CA  CB   sing N N 59  
ASP CA  HA   sing N N 60  
ASP C   O    doub N N 61  
ASP C   OXT  sing N N 62  
ASP CB  CG   sing N N 63  
ASP CB  HB2  sing N N 64  
ASP CB  HB3  sing N N 65  
ASP CG  OD1  doub N N 66  
ASP CG  OD2  sing N N 67  
ASP OD2 HD2  sing N N 68  
ASP OXT HXT  sing N N 69  
CYS N   CA   sing N N 70  
CYS N   H    sing N N 71  
CYS N   H2   sing N N 72  
CYS CA  C    sing N N 73  
CYS CA  CB   sing N N 74  
CYS CA  HA   sing N N 75  
CYS C   O    doub N N 76  
CYS C   OXT  sing N N 77  
CYS CB  SG   sing N N 78  
CYS CB  HB2  sing N N 79  
CYS CB  HB3  sing N N 80  
CYS SG  HG   sing N N 81  
CYS OXT HXT  sing N N 82  
EP8 O26 C25  doub N N 83  
EP8 C25 O27  sing N N 84  
EP8 C25 C15  sing N N 85  
EP8 C16 C15  sing Y N 86  
EP8 C16 N17  doub Y N 87  
EP8 C15 C14  doub Y N 88  
EP8 N17 N18  sing Y N 89  
EP8 N07 C08  sing Y N 90  
EP8 N07 C04  sing Y N 91  
EP8 C08 C09  doub Y N 92  
EP8 C14 N18  sing Y N 93  
EP8 C14 O13  sing N N 94  
EP8 C04 C05  doub Y N 95  
EP8 C04 C03  sing Y N 96  
EP8 C05 C06  sing Y N 97  
EP8 N18 C19  sing N N 98  
EP8 C09 C03  sing Y N 99  
EP8 C09 C10  sing N N 100 
EP8 C12 O13  sing N N 101 
EP8 C12 C11  sing N N 102 
EP8 C03 C02  doub Y N 103 
EP8 C06 C01  doub Y N 104 
EP8 C10 C11  sing N N 105 
EP8 C19 C24  doub Y N 106 
EP8 C19 C20  sing Y N 107 
EP8 C02 C01  sing Y N 108 
EP8 C24 C23  sing Y N 109 
EP8 C20 C21  doub Y N 110 
EP8 C23 C22  doub Y N 111 
EP8 C21 C22  sing Y N 112 
EP8 C10 H101 sing N N 113 
EP8 C10 H102 sing N N 114 
EP8 C20 H201 sing N N 115 
EP8 C21 H211 sing N N 116 
EP8 C22 H221 sing N N 117 
EP8 C24 H241 sing N N 118 
EP8 C01 H011 sing N N 119 
EP8 C02 H021 sing N N 120 
EP8 C05 H051 sing N N 121 
EP8 C06 H061 sing N N 122 
EP8 N07 H1   sing N N 123 
EP8 C08 H081 sing N N 124 
EP8 C11 H111 sing N N 125 
EP8 C11 H112 sing N N 126 
EP8 C12 H121 sing N N 127 
EP8 C12 H122 sing N N 128 
EP8 C16 H161 sing N N 129 
EP8 C23 H231 sing N N 130 
EP8 O27 H2   sing N N 131 
GLN N   CA   sing N N 132 
GLN N   H    sing N N 133 
GLN N   H2   sing N N 134 
GLN CA  C    sing N N 135 
GLN CA  CB   sing N N 136 
GLN CA  HA   sing N N 137 
GLN C   O    doub N N 138 
GLN C   OXT  sing N N 139 
GLN CB  CG   sing N N 140 
GLN CB  HB2  sing N N 141 
GLN CB  HB3  sing N N 142 
GLN CG  CD   sing N N 143 
GLN CG  HG2  sing N N 144 
GLN CG  HG3  sing N N 145 
GLN CD  OE1  doub N N 146 
GLN CD  NE2  sing N N 147 
GLN NE2 HE21 sing N N 148 
GLN NE2 HE22 sing N N 149 
GLN OXT HXT  sing N N 150 
GLU N   CA   sing N N 151 
GLU N   H    sing N N 152 
GLU N   H2   sing N N 153 
GLU CA  C    sing N N 154 
GLU CA  CB   sing N N 155 
GLU CA  HA   sing N N 156 
GLU C   O    doub N N 157 
GLU C   OXT  sing N N 158 
GLU CB  CG   sing N N 159 
GLU CB  HB2  sing N N 160 
GLU CB  HB3  sing N N 161 
GLU CG  CD   sing N N 162 
GLU CG  HG2  sing N N 163 
GLU CG  HG3  sing N N 164 
GLU CD  OE1  doub N N 165 
GLU CD  OE2  sing N N 166 
GLU OE2 HE2  sing N N 167 
GLU OXT HXT  sing N N 168 
GLY N   CA   sing N N 169 
GLY N   H    sing N N 170 
GLY N   H2   sing N N 171 
GLY CA  C    sing N N 172 
GLY CA  HA2  sing N N 173 
GLY CA  HA3  sing N N 174 
GLY C   O    doub N N 175 
GLY C   OXT  sing N N 176 
GLY OXT HXT  sing N N 177 
HIS N   CA   sing N N 178 
HIS N   H    sing N N 179 
HIS N   H2   sing N N 180 
HIS CA  C    sing N N 181 
HIS CA  CB   sing N N 182 
HIS CA  HA   sing N N 183 
HIS C   O    doub N N 184 
HIS C   OXT  sing N N 185 
HIS CB  CG   sing N N 186 
HIS CB  HB2  sing N N 187 
HIS CB  HB3  sing N N 188 
HIS CG  ND1  sing Y N 189 
HIS CG  CD2  doub Y N 190 
HIS ND1 CE1  doub Y N 191 
HIS ND1 HD1  sing N N 192 
HIS CD2 NE2  sing Y N 193 
HIS CD2 HD2  sing N N 194 
HIS CE1 NE2  sing Y N 195 
HIS CE1 HE1  sing N N 196 
HIS NE2 HE2  sing N N 197 
HIS OXT HXT  sing N N 198 
HOH O   H1   sing N N 199 
HOH O   H2   sing N N 200 
ILE N   CA   sing N N 201 
ILE N   H    sing N N 202 
ILE N   H2   sing N N 203 
ILE CA  C    sing N N 204 
ILE CA  CB   sing N N 205 
ILE CA  HA   sing N N 206 
ILE C   O    doub N N 207 
ILE C   OXT  sing N N 208 
ILE CB  CG1  sing N N 209 
ILE CB  CG2  sing N N 210 
ILE CB  HB   sing N N 211 
ILE CG1 CD1  sing N N 212 
ILE CG1 HG12 sing N N 213 
ILE CG1 HG13 sing N N 214 
ILE CG2 HG21 sing N N 215 
ILE CG2 HG22 sing N N 216 
ILE CG2 HG23 sing N N 217 
ILE CD1 HD11 sing N N 218 
ILE CD1 HD12 sing N N 219 
ILE CD1 HD13 sing N N 220 
ILE OXT HXT  sing N N 221 
LEU N   CA   sing N N 222 
LEU N   H    sing N N 223 
LEU N   H2   sing N N 224 
LEU CA  C    sing N N 225 
LEU CA  CB   sing N N 226 
LEU CA  HA   sing N N 227 
LEU C   O    doub N N 228 
LEU C   OXT  sing N N 229 
LEU CB  CG   sing N N 230 
LEU CB  HB2  sing N N 231 
LEU CB  HB3  sing N N 232 
LEU CG  CD1  sing N N 233 
LEU CG  CD2  sing N N 234 
LEU CG  HG   sing N N 235 
LEU CD1 HD11 sing N N 236 
LEU CD1 HD12 sing N N 237 
LEU CD1 HD13 sing N N 238 
LEU CD2 HD21 sing N N 239 
LEU CD2 HD22 sing N N 240 
LEU CD2 HD23 sing N N 241 
LEU OXT HXT  sing N N 242 
LYS N   CA   sing N N 243 
LYS N   H    sing N N 244 
LYS N   H2   sing N N 245 
LYS CA  C    sing N N 246 
LYS CA  CB   sing N N 247 
LYS CA  HA   sing N N 248 
LYS C   O    doub N N 249 
LYS C   OXT  sing N N 250 
LYS CB  CG   sing N N 251 
LYS CB  HB2  sing N N 252 
LYS CB  HB3  sing N N 253 
LYS CG  CD   sing N N 254 
LYS CG  HG2  sing N N 255 
LYS CG  HG3  sing N N 256 
LYS CD  CE   sing N N 257 
LYS CD  HD2  sing N N 258 
LYS CD  HD3  sing N N 259 
LYS CE  NZ   sing N N 260 
LYS CE  HE2  sing N N 261 
LYS CE  HE3  sing N N 262 
LYS NZ  HZ1  sing N N 263 
LYS NZ  HZ2  sing N N 264 
LYS NZ  HZ3  sing N N 265 
LYS OXT HXT  sing N N 266 
MET N   CA   sing N N 267 
MET N   H    sing N N 268 
MET N   H2   sing N N 269 
MET CA  C    sing N N 270 
MET CA  CB   sing N N 271 
MET CA  HA   sing N N 272 
MET C   O    doub N N 273 
MET C   OXT  sing N N 274 
MET CB  CG   sing N N 275 
MET CB  HB2  sing N N 276 
MET CB  HB3  sing N N 277 
MET CG  SD   sing N N 278 
MET CG  HG2  sing N N 279 
MET CG  HG3  sing N N 280 
MET SD  CE   sing N N 281 
MET CE  HE1  sing N N 282 
MET CE  HE2  sing N N 283 
MET CE  HE3  sing N N 284 
MET OXT HXT  sing N N 285 
PHE N   CA   sing N N 286 
PHE N   H    sing N N 287 
PHE N   H2   sing N N 288 
PHE CA  C    sing N N 289 
PHE CA  CB   sing N N 290 
PHE CA  HA   sing N N 291 
PHE C   O    doub N N 292 
PHE C   OXT  sing N N 293 
PHE CB  CG   sing N N 294 
PHE CB  HB2  sing N N 295 
PHE CB  HB3  sing N N 296 
PHE CG  CD1  doub Y N 297 
PHE CG  CD2  sing Y N 298 
PHE CD1 CE1  sing Y N 299 
PHE CD1 HD1  sing N N 300 
PHE CD2 CE2  doub Y N 301 
PHE CD2 HD2  sing N N 302 
PHE CE1 CZ   doub Y N 303 
PHE CE1 HE1  sing N N 304 
PHE CE2 CZ   sing Y N 305 
PHE CE2 HE2  sing N N 306 
PHE CZ  HZ   sing N N 307 
PHE OXT HXT  sing N N 308 
PRO N   CA   sing N N 309 
PRO N   CD   sing N N 310 
PRO N   H    sing N N 311 
PRO CA  C    sing N N 312 
PRO CA  CB   sing N N 313 
PRO CA  HA   sing N N 314 
PRO C   O    doub N N 315 
PRO C   OXT  sing N N 316 
PRO CB  CG   sing N N 317 
PRO CB  HB2  sing N N 318 
PRO CB  HB3  sing N N 319 
PRO CG  CD   sing N N 320 
PRO CG  HG2  sing N N 321 
PRO CG  HG3  sing N N 322 
PRO CD  HD2  sing N N 323 
PRO CD  HD3  sing N N 324 
PRO OXT HXT  sing N N 325 
SER N   CA   sing N N 326 
SER N   H    sing N N 327 
SER N   H2   sing N N 328 
SER CA  C    sing N N 329 
SER CA  CB   sing N N 330 
SER CA  HA   sing N N 331 
SER C   O    doub N N 332 
SER C   OXT  sing N N 333 
SER CB  OG   sing N N 334 
SER CB  HB2  sing N N 335 
SER CB  HB3  sing N N 336 
SER OG  HG   sing N N 337 
SER OXT HXT  sing N N 338 
THR N   CA   sing N N 339 
THR N   H    sing N N 340 
THR N   H2   sing N N 341 
THR CA  C    sing N N 342 
THR CA  CB   sing N N 343 
THR CA  HA   sing N N 344 
THR C   O    doub N N 345 
THR C   OXT  sing N N 346 
THR CB  OG1  sing N N 347 
THR CB  CG2  sing N N 348 
THR CB  HB   sing N N 349 
THR OG1 HG1  sing N N 350 
THR CG2 HG21 sing N N 351 
THR CG2 HG22 sing N N 352 
THR CG2 HG23 sing N N 353 
THR OXT HXT  sing N N 354 
TYR N   CA   sing N N 355 
TYR N   H    sing N N 356 
TYR N   H2   sing N N 357 
TYR CA  C    sing N N 358 
TYR CA  CB   sing N N 359 
TYR CA  HA   sing N N 360 
TYR C   O    doub N N 361 
TYR C   OXT  sing N N 362 
TYR CB  CG   sing N N 363 
TYR CB  HB2  sing N N 364 
TYR CB  HB3  sing N N 365 
TYR CG  CD1  doub Y N 366 
TYR CG  CD2  sing Y N 367 
TYR CD1 CE1  sing Y N 368 
TYR CD1 HD1  sing N N 369 
TYR CD2 CE2  doub Y N 370 
TYR CD2 HD2  sing N N 371 
TYR CE1 CZ   doub Y N 372 
TYR CE1 HE1  sing N N 373 
TYR CE2 CZ   sing Y N 374 
TYR CE2 HE2  sing N N 375 
TYR CZ  OH   sing N N 376 
TYR OH  HH   sing N N 377 
TYR OXT HXT  sing N N 378 
VAL N   CA   sing N N 379 
VAL N   H    sing N N 380 
VAL N   H2   sing N N 381 
VAL CA  C    sing N N 382 
VAL CA  CB   sing N N 383 
VAL CA  HA   sing N N 384 
VAL C   O    doub N N 385 
VAL C   OXT  sing N N 386 
VAL CB  CG1  sing N N 387 
VAL CB  CG2  sing N N 388 
VAL CB  HB   sing N N 389 
VAL CG1 HG11 sing N N 390 
VAL CG1 HG12 sing N N 391 
VAL CG1 HG13 sing N N 392 
VAL CG2 HG21 sing N N 393 
VAL CG2 HG22 sing N N 394 
VAL CG2 HG23 sing N N 395 
VAL OXT HXT  sing N N 396 
# 
_pdbx_audit_support.funding_organization   'Bill & Melinda Gates Foundation' 
_pdbx_audit_support.country                'United States' 
_pdbx_audit_support.grant_number           ? 
_pdbx_audit_support.ordinal                1 
# 
_pdbx_initial_refinement_model.id               1 
_pdbx_initial_refinement_model.entity_id_list   ? 
_pdbx_initial_refinement_model.type             'experimental model' 
_pdbx_initial_refinement_model.source_name      PDB 
_pdbx_initial_refinement_model.accession_code   1TFU 
_pdbx_initial_refinement_model.details          ? 
# 
_atom_sites.entry_id                    6QMH 
_atom_sites.fract_transf_matrix[1][1]   -0.00608452 
_atom_sites.fract_transf_matrix[1][2]   -0.00753148 
_atom_sites.fract_transf_matrix[1][3]   0.00651169 
_atom_sites.fract_transf_matrix[2][1]   -0.00589063 
_atom_sites.fract_transf_matrix[2][2]   0.00378908 
_atom_sites.fract_transf_matrix[2][3]   0.00933197 
_atom_sites.fract_transf_matrix[3][1]   -0.00697205 
_atom_sites.fract_transf_matrix[3][2]   0.00135265 
_atom_sites.fract_transf_matrix[3][3]   -0.00495020 
_atom_sites.fract_transf_vector[1]      0.179278 
_atom_sites.fract_transf_vector[2]      0.435675 
_atom_sites.fract_transf_vector[3]      0.055217 
# 
loop_
_atom_type.symbol 
C 
H 
N 
O 
S 
# 
loop_
_atom_site.group_PDB 
_atom_site.id 
_atom_site.type_symbol 
_atom_site.label_atom_id 
_atom_site.label_alt_id 
_atom_site.label_comp_id 
_atom_site.label_asym_id 
_atom_site.label_entity_id 
_atom_site.label_seq_id 
_atom_site.pdbx_PDB_ins_code 
_atom_site.Cartn_x 
_atom_site.Cartn_y 
_atom_site.Cartn_z 
_atom_site.occupancy 
_atom_site.B_iso_or_equiv 
_atom_site.pdbx_formal_charge 
_atom_site.auth_seq_id 
_atom_site.auth_comp_id 
_atom_site.auth_asym_id 
_atom_site.auth_atom_id 
_atom_site.pdbx_PDB_model_num 
ATOM   1    N N    . MET A 1 3   ? 3.552   15.290  -17.003 1.00 43.64 ?  1   MET A N    1 
ATOM   2    C CA   . MET A 1 3   ? 3.885   14.017  -16.359 1.00 47.92 ?  1   MET A CA   1 
ATOM   3    C C    . MET A 1 3   ? 3.178   13.867  -15.008 1.00 43.61 ?  1   MET A C    1 
ATOM   4    O O    . MET A 1 3   ? 3.176   14.793  -14.194 1.00 42.38 ?  1   MET A O    1 
ATOM   5    C CB   . MET A 1 3   ? 5.400   13.876  -16.178 1.00 48.48 ?  1   MET A CB   1 
ATOM   6    C CG   . MET A 1 3   ? 6.192   13.774  -17.480 1.00 57.45 ?  1   MET A CG   1 
ATOM   7    S SD   . MET A 1 3   ? 5.761   12.345  -18.498 1.00 70.82 ?  1   MET A SD   1 
ATOM   8    C CE   . MET A 1 3   ? 6.489   11.019  -17.540 1.00 57.79 ?  1   MET A CE   1 
ATOM   9    N N    . THR A 1 4   ? 2.572   12.706  -14.777 1.00 37.08 ?  2   THR A N    1 
ATOM   10   C CA   . THR A 1 4   ? 1.850   12.464  -13.526 1.00 36.03 ?  2   THR A CA   1 
ATOM   11   C C    . THR A 1 4   ? 2.515   11.373  -12.684 1.00 36.48 ?  2   THR A C    1 
ATOM   12   O O    . THR A 1 4   ? 3.244   10.520  -13.202 1.00 32.95 ?  2   THR A O    1 
ATOM   13   C CB   . THR A 1 4   ? 0.374   12.097  -13.784 1.00 34.86 ?  2   THR A CB   1 
ATOM   14   O OG1  . THR A 1 4   ? 0.306   10.908  -14.576 1.00 32.59 ?  2   THR A OG1  1 
ATOM   15   C CG2  . THR A 1 4   ? -0.327  13.222  -14.528 1.00 35.66 ?  2   THR A CG2  1 
ATOM   16   N N    . GLY A 1 5   ? 2.266   11.408  -11.379 1.00 29.03 ?  3   GLY A N    1 
ATOM   17   C CA   . GLY A 1 5   ? 2.860   10.445  -10.478 1.00 29.41 ?  3   GLY A CA   1 
ATOM   18   C C    . GLY A 1 5   ? 1.985   10.263  -9.253  1.00 27.11 ?  3   GLY A C    1 
ATOM   19   O O    . GLY A 1 5   ? 1.547   11.241  -8.643  1.00 25.29 ?  3   GLY A O    1 
ATOM   20   N N    . ALA A 1 6   ? 1.716   9.005   -8.914  1.00 24.30 ?  4   ALA A N    1 
ATOM   21   C CA   . ALA A 1 6   ? 0.947   8.674   -7.718  1.00 24.30 ?  4   ALA A CA   1 
ATOM   22   C C    . ALA A 1 6   ? 1.869   8.058   -6.676  1.00 24.52 ?  4   ALA A C    1 
ATOM   23   O O    . ALA A 1 6   ? 2.665   7.168   -6.995  1.00 26.18 ?  4   ALA A O    1 
ATOM   24   C CB   . ALA A 1 6   ? -0.165  7.693   -8.069  1.00 23.52 ?  4   ALA A CB   1 
ATOM   25   N N    . VAL A 1 7   ? 1.762   8.525   -5.433  1.00 18.38 ?  5   VAL A N    1 
ATOM   26   C CA   . VAL A 1 7   ? 2.417   7.868   -4.313  1.00 18.99 ?  5   VAL A CA   1 
ATOM   27   C C    . VAL A 1 7   ? 1.365   7.066   -3.561  1.00 22.57 ?  5   VAL A C    1 
ATOM   28   O O    . VAL A 1 7   ? 0.303   7.600   -3.232  1.00 17.06 ?  5   VAL A O    1 
ATOM   29   C CB   . VAL A 1 7   ? 3.016   8.884   -3.333  1.00 17.96 ?  5   VAL A CB   1 
ATOM   30   C CG1  . VAL A 1 7   ? 3.630   8.177   -2.114  1.00 19.40 ?  5   VAL A CG1  1 
ATOM   31   C CG2  . VAL A 1 7   ? 4.066   9.746   -4.046  1.00 23.04 ?  5   VAL A CG2  1 
ATOM   32   N N    . CYS A 1 8   ? 1.661   5.793   -3.306  1.00 18.54 ?  6   CYS A N    1 
ATOM   33   C CA   . CYS A 1 8   ? 0.821   4.927   -2.471  1.00 19.23 ?  6   CYS A CA   1 
ATOM   34   C C    . CYS A 1 8   ? 1.542   4.638   -1.161  1.00 20.32 ?  6   CYS A C    1 
ATOM   35   O O    . CYS A 1 8   ? 2.426   3.764   -1.110  1.00 21.10 ?  6   CYS A O    1 
ATOM   36   C CB   . CYS A 1 8   ? 0.525   3.596   -3.184  1.00 20.14 ?  6   CYS A CB   1 
ATOM   37   S SG   . CYS A 1 8   ? -0.381  3.717   -4.754  1.00 24.50 ?  6   CYS A SG   1 
ATOM   38   N N    . PRO A 1 9   ? 1.179   5.367   -0.092  1.00 19.33 ?  7   PRO A N    1 
ATOM   39   C CA   . PRO A 1 9   ? 1.885   5.275   1.184   1.00 21.02 ?  7   PRO A CA   1 
ATOM   40   C C    . PRO A 1 9   ? 1.236   4.261   2.114   1.00 29.36 ?  7   PRO A C    1 
ATOM   41   O O    . PRO A 1 9   ? 0.022   4.046   2.046   1.00 23.80 ?  7   PRO A O    1 
ATOM   42   C CB   . PRO A 1 9   ? 1.719   6.678   1.758   1.00 22.51 ?  7   PRO A CB   1 
ATOM   43   C CG   . PRO A 1 9   ? 0.311   7.091   1.274   1.00 21.83 ?  7   PRO A CG   1 
ATOM   44   C CD   . PRO A 1 9   ? 0.122   6.404   -0.069  1.00 18.05 ?  7   PRO A CD   1 
ATOM   45   N N    . GLY A 1 10  ? 2.039   3.641   2.971   1.00 18.99 ?  8   GLY A N    1 
ATOM   46   C CA   . GLY A 1 10  ? 1.521   2.702   3.955   1.00 24.53 ?  8   GLY A CA   1 
ATOM   47   C C    . GLY A 1 10  ? 2.637   1.964   4.669   1.00 29.46 ?  8   GLY A C    1 
ATOM   48   O O    . GLY A 1 10  ? 3.813   2.175   4.366   1.00 25.20 ?  8   GLY A O    1 
ATOM   49   N N    . SER A 1 11  ? 2.282   1.100   5.617   1.00 24.31 ?  9   SER A N    1 
ATOM   50   C CA   . SER A 1 11  ? 3.302   0.347   6.353   1.00 30.29 ?  9   SER A CA   1 
ATOM   51   C C    . SER A 1 11  ? 3.636   -0.979  5.680   1.00 32.18 ?  9   SER A C    1 
ATOM   52   O O    . SER A 1 11  ? 4.727   -1.515  5.875   1.00 30.13 ?  9   SER A O    1 
ATOM   53   C CB   . SER A 1 11  ? 2.877   0.109   7.808   1.00 29.34 ?  9   SER A CB   1 
ATOM   54   O OG   . SER A 1 11  ? 1.702   -0.679  7.867   1.00 36.25 ?  9   SER A OG   1 
ATOM   55   N N    . PHE A 1 12  ? 2.695   -1.496  4.891   1.00 24.91 ?  10  PHE A N    1 
ATOM   56   C CA   . PHE A 1 12  ? 2.879   -2.739  4.130   1.00 22.01 ?  10  PHE A CA   1 
ATOM   57   C C    . PHE A 1 12  ? 3.596   -3.849  4.913   1.00 27.13 ?  10  PHE A C    1 
ATOM   58   O O    . PHE A 1 12  ? 4.640   -4.354  4.479   1.00 27.92 ?  10  PHE A O    1 
ATOM   59   C CB   . PHE A 1 12  ? 3.586   -2.431  2.810   1.00 21.33 ?  10  PHE A CB   1 
ATOM   60   C CG   . PHE A 1 12  ? 2.928   -1.328  2.023   1.00 23.43 ?  10  PHE A CG   1 
ATOM   61   C CD1  . PHE A 1 12  ? 1.699   -1.543  1.399   1.00 20.50 ?  10  PHE A CD1  1 
ATOM   62   C CD2  . PHE A 1 12  ? 3.524   -0.073  1.923   1.00 21.66 ?  10  PHE A CD2  1 
ATOM   63   C CE1  . PHE A 1 12  ? 1.071   -0.516  0.679   1.00 20.87 ?  10  PHE A CE1  1 
ATOM   64   C CE2  . PHE A 1 12  ? 2.918   0.960   1.208   1.00 22.39 ?  10  PHE A CE2  1 
ATOM   65   C CZ   . PHE A 1 12  ? 1.694   0.739   0.571   1.00 21.28 ?  10  PHE A CZ   1 
ATOM   66   N N    . ASP A 1 13  ? 3.011   -4.222  6.055   1.00 26.95 ?  11  ASP A N    1 
ATOM   67   C CA   . ASP A 1 13  ? 3.606   -5.172  6.995   1.00 25.98 ?  11  ASP A CA   1 
ATOM   68   C C    . ASP A 1 13  ? 2.685   -6.368  7.263   1.00 23.77 ?  11  ASP A C    1 
ATOM   69   O O    . ASP A 1 13  ? 2.156   -6.513  8.361   1.00 30.06 ?  11  ASP A O    1 
ATOM   70   C CB   . ASP A 1 13  ? 3.920   -4.467  8.321   1.00 28.33 ?  11  ASP A CB   1 
ATOM   71   C CG   . ASP A 1 13  ? 4.590   -5.385  9.336   1.00 32.76 ?  11  ASP A CG   1 
ATOM   72   O OD1  . ASP A 1 13  ? 5.469   -6.176  8.935   1.00 35.82 ?  11  ASP A OD1  1 
ATOM   73   O OD2  . ASP A 1 13  ? 4.231   -5.315  10.532  1.00 28.60 ?  11  ASP A OD2  1 
ATOM   74   N N    . PRO A 1 14  ? 2.498   -7.242  6.264   1.00 20.57 ?  12  PRO A N    1 
ATOM   75   C CA   . PRO A 1 14  ? 3.046   -7.202  4.905   1.00 23.35 ?  12  PRO A CA   1 
ATOM   76   C C    . PRO A 1 14  ? 2.048   -6.670  3.876   1.00 23.90 ?  12  PRO A C    1 
ATOM   77   O O    . PRO A 1 14  ? 0.853   -6.488  4.184   1.00 21.34 ?  12  PRO A O    1 
ATOM   78   C CB   . PRO A 1 14  ? 3.296   -8.681  4.611   1.00 24.92 ?  12  PRO A CB   1 
ATOM   79   C CG   . PRO A 1 14  ? 2.106   -9.358  5.292   1.00 23.97 ?  12  PRO A CG   1 
ATOM   80   C CD   . PRO A 1 14  ? 1.859   -8.542  6.560   1.00 23.63 ?  12  PRO A CD   1 
ATOM   81   N N    . VAL A 1 15  ? 2.551   -6.436  2.665   1.00 21.63 ?  13  VAL A N    1 
ATOM   82   C CA   . VAL A 1 15  ? 1.737   -6.093  1.503   1.00 24.55 ?  13  VAL A CA   1 
ATOM   83   C C    . VAL A 1 15  ? 0.735   -7.218  1.217   1.00 25.50 ?  13  VAL A C    1 
ATOM   84   O O    . VAL A 1 15  ? 1.068   -8.395  1.354   1.00 21.21 ?  13  VAL A O    1 
ATOM   85   C CB   . VAL A 1 15  ? 2.640   -5.834  0.268   1.00 25.15 ?  13  VAL A CB   1 
ATOM   86   C CG1  . VAL A 1 15  ? 3.364   -7.118  -0.156  1.00 20.67 ?  13  VAL A CG1  1 
ATOM   87   C CG2  . VAL A 1 15  ? 1.837   -5.281  -0.892  1.00 19.62 ?  13  VAL A CG2  1 
ATOM   88   N N    . THR A 1 16  ? -0.498  -6.864  0.844   1.00 21.38 ?  14  THR A N    1 
ATOM   89   C CA   . THR A 1 16  ? -1.529  -7.869  0.544   1.00 17.31 ?  14  THR A CA   1 
ATOM   90   C C    . THR A 1 16  ? -1.944  -7.840  -0.916  1.00 18.33 ?  14  THR A C    1 
ATOM   91   O O    . THR A 1 16  ? -1.559  -6.932  -1.656  1.00 18.00 ?  14  THR A O    1 
ATOM   92   C CB   . THR A 1 16  ? -2.808  -7.614  1.357   1.00 19.50 ?  14  THR A CB   1 
ATOM   93   O OG1  . THR A 1 16  ? -3.449  -6.442  0.838   1.00 16.81 ?  14  THR A OG1  1 
ATOM   94   C CG2  . THR A 1 16  ? -2.488  -7.413  2.826   1.00 19.11 ?  14  THR A CG2  1 
ATOM   95   N N    . LEU A 1 17  ? -2.753  -8.815  -1.341  1.00 17.11 ?  15  LEU A N    1 
ATOM   96   C CA   . LEU A 1 17  ? -3.249  -8.808  -2.716  1.00 17.51 ?  15  LEU A CA   1 
ATOM   97   C C    . LEU A 1 17  ? -4.183  -7.620  -2.947  1.00 19.21 ?  15  LEU A C    1 
ATOM   98   O O    . LEU A 1 17  ? -4.320  -7.139  -4.083  1.00 17.92 ?  15  LEU A O    1 
ATOM   99   C CB   . LEU A 1 17  ? -3.951  -10.123 -3.070  1.00 20.27 ?  15  LEU A CB   1 
ATOM   100  C CG   . LEU A 1 17  ? -2.968  -11.292 -3.256  1.00 23.69 ?  15  LEU A CG   1 
ATOM   101  C CD1  . LEU A 1 17  ? -3.704  -12.599 -3.559  1.00 23.75 ?  15  LEU A CD1  1 
ATOM   102  C CD2  . LEU A 1 17  ? -1.968  -10.961 -4.365  1.00 25.17 ?  15  LEU A CD2  1 
ATOM   103  N N    . GLY A 1 18  ? -4.812  -7.148  -1.870  1.00 17.68 ?  16  GLY A N    1 
ATOM   104  C CA   . GLY A 1 18  ? -5.608  -5.925  -1.943  1.00 14.02 ?  16  GLY A CA   1 
ATOM   105  C C    . GLY A 1 18  ? -4.756  -4.715  -2.297  1.00 15.34 ?  16  GLY A C    1 
ATOM   106  O O    . GLY A 1 18  ? -5.128  -3.908  -3.153  1.00 17.15 ?  16  GLY A O    1 
ATOM   107  N N    . HIS A 1 19  ? -3.613  -4.573  -1.628  1.00 15.52 ?  17  HIS A N    1 
ATOM   108  C CA   . HIS A 1 19  ? -2.664  -3.499  -1.960  1.00 19.89 ?  17  HIS A CA   1 
ATOM   109  C C    . HIS A 1 19  ? -2.231  -3.606  -3.418  1.00 20.20 ?  17  HIS A C    1 
ATOM   110  O O    . HIS A 1 19  ? -2.180  -2.611  -4.141  1.00 17.43 ?  17  HIS A O    1 
ATOM   111  C CB   . HIS A 1 19  ? -1.400  -3.610  -1.104  1.00 16.21 ?  17  HIS A CB   1 
ATOM   112  C CG   . HIS A 1 19  ? -1.584  -3.197  0.318   1.00 17.80 ?  17  HIS A CG   1 
ATOM   113  N ND1  . HIS A 1 19  ? -1.141  -3.977  1.377   1.00 19.58 ?  17  HIS A ND1  1 
ATOM   114  C CD2  . HIS A 1 19  ? -2.112  -2.085  0.872   1.00 18.10 ?  17  HIS A CD2  1 
ATOM   115  C CE1  . HIS A 1 19  ? -1.413  -3.365  2.509   1.00 22.05 ?  17  HIS A CE1  1 
ATOM   116  N NE2  . HIS A 1 19  ? -2.015  -2.212  2.237   1.00 24.84 ?  17  HIS A NE2  1 
ATOM   117  N N    . VAL A 1 20  ? -1.870  -4.813  -3.849  1.00 18.85 ?  18  VAL A N    1 
ATOM   118  C CA   . VAL A 1 20  ? -1.355  -4.979  -5.210  1.00 17.38 ?  18  VAL A CA   1 
ATOM   119  C C    . VAL A 1 20  ? -2.403  -4.592  -6.258  1.00 17.00 ?  18  VAL A C    1 
ATOM   120  O O    . VAL A 1 20  ? -2.090  -3.999  -7.307  1.00 17.89 ?  18  VAL A O    1 
ATOM   121  C CB   . VAL A 1 20  ? -0.822  -6.413  -5.444  1.00 23.42 ?  18  VAL A CB   1 
ATOM   122  C CG1  . VAL A 1 20  ? -0.412  -6.590  -6.902  1.00 24.00 ?  18  VAL A CG1  1 
ATOM   123  C CG2  . VAL A 1 20  ? 0.364   -6.691  -4.503  1.00 21.34 ?  18  VAL A CG2  1 
ATOM   124  N N    . ASP A 1 21  ? -3.663  -4.885  -5.954  1.00 20.03 ?  19  ASP A N    1 
ATOM   125  C CA   . ASP A 1 21  ? -4.753  -4.555  -6.859  1.00 17.95 ?  19  ASP A CA   1 
ATOM   126  C C    . ASP A 1 21  ? -4.812  -3.041  -7.042  1.00 17.78 ?  19  ASP A C    1 
ATOM   127  O O    . ASP A 1 21  ? -4.945  -2.545  -8.175  1.00 20.32 ?  19  ASP A O    1 
ATOM   128  C CB   . ASP A 1 21  ? -6.073  -5.125  -6.316  1.00 18.38 ?  19  ASP A CB   1 
ATOM   129  C CG   . ASP A 1 21  ? -7.289  -4.702  -7.136  1.00 24.82 ?  19  ASP A CG   1 
ATOM   130  O OD1  . ASP A 1 21  ? -7.413  -5.117  -8.311  1.00 26.35 ?  19  ASP A OD1  1 
ATOM   131  O OD2  . ASP A 1 21  ? -8.147  -3.972  -6.595  1.00 21.89 ?  19  ASP A OD2  1 
ATOM   132  N N    . ILE A 1 22  ? -4.657  -2.310  -5.938  1.00 16.00 ?  20  ILE A N    1 
ATOM   133  C CA   . ILE A 1 22  ? -4.649  -0.845  -5.992  1.00 17.20 ?  20  ILE A CA   1 
ATOM   134  C C    . ILE A 1 22  ? -3.423  -0.334  -6.765  1.00 17.00 ?  20  ILE A C    1 
ATOM   135  O O    . ILE A 1 22  ? -3.542  0.560   -7.605  1.00 19.09 ?  20  ILE A O    1 
ATOM   136  C CB   . ILE A 1 22  ? -4.701  -0.220  -4.574  1.00 20.12 ?  20  ILE A CB   1 
ATOM   137  C CG1  . ILE A 1 22  ? -5.920  -0.751  -3.796  1.00 20.04 ?  20  ILE A CG1  1 
ATOM   138  C CG2  . ILE A 1 22  ? -4.735  1.318   -4.645  1.00 17.94 ?  20  ILE A CG2  1 
ATOM   139  C CD1  . ILE A 1 22  ? -7.233  -0.612  -4.528  1.00 19.83 ?  20  ILE A CD1  1 
ATOM   140  N N    . PHE A 1 23  ? -2.248  -0.898  -6.487  1.00 16.80 ?  21  PHE A N    1 
ATOM   141  C CA   . PHE A 1 23  ? -1.035  -0.552  -7.257  1.00 19.52 ?  21  PHE A CA   1 
ATOM   142  C C    . PHE A 1 23  ? -1.280  -0.676  -8.767  1.00 20.17 ?  21  PHE A C    1 
ATOM   143  O O    . PHE A 1 23  ? -0.938  0.231   -9.546  1.00 20.32 ?  21  PHE A O    1 
ATOM   144  C CB   . PHE A 1 23  ? 0.136   -1.483  -6.902  1.00 20.91 ?  21  PHE A CB   1 
ATOM   145  C CG   . PHE A 1 23  ? 0.587   -1.429  -5.458  1.00 21.65 ?  21  PHE A CG   1 
ATOM   146  C CD1  . PHE A 1 23  ? 0.255   -0.369  -4.621  1.00 16.15 ?  21  PHE A CD1  1 
ATOM   147  C CD2  . PHE A 1 23  ? 1.371   -2.456  -4.945  1.00 19.35 ?  21  PHE A CD2  1 
ATOM   148  C CE1  . PHE A 1 23  ? 0.689   -0.342  -3.291  1.00 22.22 ?  21  PHE A CE1  1 
ATOM   149  C CE2  . PHE A 1 23  ? 1.805   -2.443  -3.633  1.00 19.66 ?  21  PHE A CE2  1 
ATOM   150  C CZ   . PHE A 1 23  ? 1.474   -1.385  -2.797  1.00 20.65 ?  21  PHE A CZ   1 
ATOM   151  N N    . GLU A 1 24  ? -1.851  -1.810  -9.181  1.00 19.72 ?  22  GLU A N    1 
ATOM   152  C CA   . GLU A 1 24  ? -2.124  -2.077  -10.590 1.00 22.94 ?  22  GLU A CA   1 
ATOM   153  C C    . GLU A 1 24  ? -3.054  -1.032  -11.186 1.00 25.04 ?  22  GLU A C    1 
ATOM   154  O O    . GLU A 1 24  ? -2.828  -0.543  -12.291 1.00 19.85 ?  22  GLU A O    1 
ATOM   155  C CB   . GLU A 1 24  ? -2.748  -3.467  -10.768 1.00 22.65 ?  22  GLU A CB   1 
ATOM   156  C CG   . GLU A 1 24  ? -1.771  -4.609  -10.506 1.00 24.73 ?  22  GLU A CG   1 
ATOM   157  C CD   . GLU A 1 24  ? -2.459  -5.959  -10.410 1.00 30.52 ?  22  GLU A CD   1 
ATOM   158  O OE1  . GLU A 1 24  ? -3.704  -6.007  -10.531 1.00 27.66 ?  22  GLU A OE1  1 
ATOM   159  O OE2  . GLU A 1 24  ? -1.750  -6.967  -10.199 1.00 27.68 ?  22  GLU A OE2  1 
ATOM   160  N N    . ARG A 1 25  ? -4.114  -0.707  -10.451 1.00 17.73 ?  23  ARG A N    1 
ATOM   161  C CA   . ARG A 1 25  ? -5.092  0.272   -10.906 1.00 18.66 ?  23  ARG A CA   1 
ATOM   162  C C    . ARG A 1 25  ? -4.523  1.706   -10.949 1.00 19.45 ?  23  ARG A C    1 
ATOM   163  O O    . ARG A 1 25  ? -4.852  2.477   -11.854 1.00 23.41 ?  23  ARG A O    1 
ATOM   164  C CB   . ARG A 1 25  ? -6.366  0.150   -10.055 1.00 21.25 ?  23  ARG A CB   1 
ATOM   165  C CG   . ARG A 1 25  ? -7.076  -1.195  -10.324 1.00 24.10 ?  23  ARG A CG   1 
ATOM   166  C CD   . ARG A 1 25  ? -7.949  -1.690  -9.171  1.00 25.98 ?  23  ARG A CD   1 
ATOM   167  N NE   . ARG A 1 25  ? -9.155  -0.885  -9.010  1.00 25.34 ?  23  ARG A NE   1 
ATOM   168  C CZ   . ARG A 1 25  ? -9.994  -0.993  -7.983  1.00 27.97 ?  23  ARG A CZ   1 
ATOM   169  N NH1  . ARG A 1 25  ? -9.769  -1.883  -7.022  1.00 23.47 ?  23  ARG A NH1  1 
ATOM   170  N NH2  . ARG A 1 25  ? -11.066 -0.211  -7.916  1.00 27.90 ?  23  ARG A NH2  1 
ATOM   171  N N    . ALA A 1 26  ? -3.643  2.049   -10.009 1.00 16.62 ?  24  ALA A N    1 
ATOM   172  C CA   . ALA A 1 26  ? -2.952  3.344   -10.064 1.00 19.24 ?  24  ALA A CA   1 
ATOM   173  C C    . ALA A 1 26  ? -1.963  3.375   -11.235 1.00 22.76 ?  24  ALA A C    1 
ATOM   174  O O    . ALA A 1 26  ? -1.840  4.383   -11.945 1.00 21.52 ?  24  ALA A O    1 
ATOM   175  C CB   . ALA A 1 26  ? -2.216  3.633   -8.742  1.00 19.74 ?  24  ALA A CB   1 
ATOM   176  N N    . ALA A 1 27  ? -1.262  2.267   -11.440 1.00 23.11 ?  25  ALA A N    1 
ATOM   177  C CA   . ALA A 1 27  ? -0.258  2.194   -12.512 1.00 23.55 ?  25  ALA A CA   1 
ATOM   178  C C    . ALA A 1 27  ? -0.873  2.359   -13.912 1.00 29.78 ?  25  ALA A C    1 
ATOM   179  O O    . ALA A 1 27  ? -0.192  2.774   -14.853 1.00 26.41 ?  25  ALA A O    1 
ATOM   180  C CB   . ALA A 1 27  ? 0.535   0.885   -12.412 1.00 26.08 ?  25  ALA A CB   1 
ATOM   181  N N    . ALA A 1 28  ? -2.159  2.053   -14.054 1.00 26.80 ?  26  ALA A N    1 
ATOM   182  C CA   . ALA A 1 28  ? -2.820  2.213   -15.349 1.00 26.89 ?  26  ALA A CA   1 
ATOM   183  C C    . ALA A 1 28  ? -3.261  3.652   -15.661 1.00 32.39 ?  26  ALA A C    1 
ATOM   184  O O    . ALA A 1 28  ? -3.601  3.951   -16.808 1.00 29.09 ?  26  ALA A O    1 
ATOM   185  C CB   . ALA A 1 28  ? -4.010  1.259   -15.469 1.00 31.75 ?  26  ALA A CB   1 
ATOM   186  N N    . GLN A 1 29  ? -3.265  4.534   -14.657 1.00 26.38 ?  27  GLN A N    1 
ATOM   187  C CA   . GLN A 1 29  ? -3.738  5.907   -14.851 1.00 28.20 ?  27  GLN A CA   1 
ATOM   188  C C    . GLN A 1 29  ? -2.640  6.953   -14.699 1.00 27.67 ?  27  GLN A C    1 
ATOM   189  O O    . GLN A 1 29  ? -2.821  8.099   -15.107 1.00 36.26 ?  27  GLN A O    1 
ATOM   190  C CB   . GLN A 1 29  ? -4.856  6.252   -13.855 1.00 24.67 ?  27  GLN A CB   1 
ATOM   191  C CG   . GLN A 1 29  ? -6.025  5.275   -13.815 1.00 26.70 ?  27  GLN A CG   1 
ATOM   192  C CD   . GLN A 1 29  ? -6.904  5.330   -15.057 1.00 26.38 ?  27  GLN A CD   1 
ATOM   193  O OE1  . GLN A 1 29  ? -6.850  6.283   -15.841 1.00 29.35 ?  27  GLN A OE1  1 
ATOM   194  N NE2  . GLN A 1 29  ? -7.716  4.298   -15.240 1.00 30.40 ?  27  GLN A NE2  1 
ATOM   195  N N    . PHE A 1 30  ? -1.529  6.576   -14.071 1.00 26.53 ?  28  PHE A N    1 
ATOM   196  C CA   . PHE A 1 30  ? -0.440  7.520   -13.806 1.00 28.26 ?  28  PHE A CA   1 
ATOM   197  C C    . PHE A 1 30  ? 0.853   7.063   -14.494 1.00 29.91 ?  28  PHE A C    1 
ATOM   198  O O    . PHE A 1 30  ? 1.053   5.860   -14.696 1.00 26.05 ?  28  PHE A O    1 
ATOM   199  C CB   . PHE A 1 30  ? -0.201  7.654   -12.295 1.00 28.90 ?  28  PHE A CB   1 
ATOM   200  C CG   . PHE A 1 30  ? -1.355  8.280   -11.542 1.00 27.35 ?  28  PHE A CG   1 
ATOM   201  C CD1  . PHE A 1 30  ? -1.372  9.650   -11.283 1.00 28.22 ?  28  PHE A CD1  1 
ATOM   202  C CD2  . PHE A 1 30  ? -2.422  7.499   -11.101 1.00 25.90 ?  28  PHE A CD2  1 
ATOM   203  C CE1  . PHE A 1 30  ? -2.439  10.233  -10.591 1.00 28.01 ?  28  PHE A CE1  1 
ATOM   204  C CE2  . PHE A 1 30  ? -3.495  8.070   -10.409 1.00 21.62 ?  28  PHE A CE2  1 
ATOM   205  C CZ   . PHE A 1 30  ? -3.504  9.437   -10.155 1.00 24.00 ?  28  PHE A CZ   1 
ATOM   206  N N    . ASP A 1 31  ? 1.731   8.015   -14.832 1.00 33.47 ?  29  ASP A N    1 
ATOM   207  C CA   . ASP A 1 31  ? 2.996   7.691   -15.507 1.00 32.05 ?  29  ASP A CA   1 
ATOM   208  C C    . ASP A 1 31  ? 3.929   6.881   -14.615 1.00 32.41 ?  29  ASP A C    1 
ATOM   209  O O    . ASP A 1 31  ? 4.545   5.910   -15.065 1.00 34.00 ?  29  ASP A O    1 
ATOM   210  C CB   . ASP A 1 31  ? 3.712   8.958   -16.001 1.00 34.80 ?  29  ASP A CB   1 
ATOM   211  C CG   . ASP A 1 31  ? 2.907   9.721   -17.036 1.00 39.30 ?  29  ASP A CG   1 
ATOM   212  O OD1  . ASP A 1 31  ? 2.313   9.077   -17.931 1.00 47.80 ?  29  ASP A OD1  1 
ATOM   213  O OD2  . ASP A 1 31  ? 2.860   10.966  -16.952 1.00 47.06 ?  29  ASP A OD2  1 
ATOM   214  N N    . GLU A 1 32  ? 4.050   7.285   -13.353 1.00 27.50 ?  30  GLU A N    1 
ATOM   215  C CA   . GLU A 1 32  ? 4.823   6.514   -12.391 1.00 32.50 ?  30  GLU A CA   1 
ATOM   216  C C    . GLU A 1 32  ? 3.998   6.299   -11.137 1.00 29.52 ?  30  GLU A C    1 
ATOM   217  O O    . GLU A 1 32  ? 3.140   7.122   -10.795 1.00 24.77 ?  30  GLU A O    1 
ATOM   218  C CB   . GLU A 1 32  ? 6.112   7.238   -12.001 1.00 34.05 ?  30  GLU A CB   1 
ATOM   219  C CG   . GLU A 1 32  ? 6.592   8.270   -12.995 1.00 46.18 ?  30  GLU A CG   1 
ATOM   220  C CD   . GLU A 1 32  ? 7.341   9.405   -12.311 1.00 63.31 ?  30  GLU A CD   1 
ATOM   221  O OE1  . GLU A 1 32  ? 6.949   10.580  -12.504 1.00 63.43 ?  30  GLU A OE1  1 
ATOM   222  O OE2  . GLU A 1 32  ? 8.311   9.116   -11.571 1.00 60.92 ?  30  GLU A OE2  1 
ATOM   223  N N    . VAL A 1 33  ? 4.272   5.195   -10.455 1.00 29.30 ?  31  VAL A N    1 
ATOM   224  C CA   . VAL A 1 33  ? 3.737   4.959   -9.121  1.00 29.02 ?  31  VAL A CA   1 
ATOM   225  C C    . VAL A 1 33  ? 4.918   4.746   -8.190  1.00 29.78 ?  31  VAL A C    1 
ATOM   226  O O    . VAL A 1 33  ? 5.834   3.974   -8.500  1.00 29.04 ?  31  VAL A O    1 
ATOM   227  C CB   . VAL A 1 33  ? 2.834   3.712   -9.081  1.00 28.57 ?  31  VAL A CB   1 
ATOM   228  C CG1  . VAL A 1 33  ? 2.343   3.450   -7.659  1.00 21.89 ?  31  VAL A CG1  1 
ATOM   229  C CG2  . VAL A 1 33  ? 1.659   3.875   -10.037 1.00 27.32 ?  31  VAL A CG2  1 
ATOM   230  N N    . VAL A 1 34  ? 4.924   5.445   -7.063  1.00 19.96 ?  32  VAL A N    1 
ATOM   231  C CA   . VAL A 1 34  ? 5.902   5.157   -6.028  1.00 25.00 ?  32  VAL A CA   1 
ATOM   232  C C    . VAL A 1 34  ? 5.183   4.581   -4.822  1.00 25.88 ?  32  VAL A C    1 
ATOM   233  O O    . VAL A 1 34  ? 4.276   5.217   -4.270  1.00 20.97 ?  32  VAL A O    1 
ATOM   234  C CB   . VAL A 1 34  ? 6.667   6.418   -5.593  1.00 28.03 ?  32  VAL A CB   1 
ATOM   235  C CG1  . VAL A 1 34  ? 7.620   6.080   -4.456  1.00 23.35 ?  32  VAL A CG1  1 
ATOM   236  C CG2  . VAL A 1 34  ? 7.413   7.018   -6.786  1.00 31.13 ?  32  VAL A CG2  1 
ATOM   237  N N    . VAL A 1 35  ? 5.556   3.365   -4.436  1.00 21.59 ?  33  VAL A N    1 
ATOM   238  C CA   . VAL A 1 35  ? 5.063   2.787   -3.193  1.00 19.93 ?  33  VAL A CA   1 
ATOM   239  C C    . VAL A 1 35  ? 5.980   3.282   -2.084  1.00 26.81 ?  33  VAL A C    1 
ATOM   240  O O    . VAL A 1 35  ? 7.184   2.989   -2.078  1.00 27.39 ?  33  VAL A O    1 
ATOM   241  C CB   . VAL A 1 35  ? 5.034   1.233   -3.236  1.00 20.20 ?  33  VAL A CB   1 
ATOM   242  C CG1  . VAL A 1 35  ? 4.603   0.664   -1.896  1.00 23.12 ?  33  VAL A CG1  1 
ATOM   243  C CG2  . VAL A 1 35  ? 4.103   0.745   -4.331  1.00 23.45 ?  33  VAL A CG2  1 
ATOM   244  N N    . ALA A 1 36  ? 5.424   4.075   -1.169  1.00 20.50 ?  34  ALA A N    1 
ATOM   245  C CA   . ALA A 1 36  ? 6.217   4.659   -0.093  1.00 23.38 ?  34  ALA A CA   1 
ATOM   246  C C    . ALA A 1 36  ? 5.988   3.879   1.192   1.00 26.43 ?  34  ALA A C    1 
ATOM   247  O O    . ALA A 1 36  ? 4.880   3.876   1.735   1.00 24.21 ?  34  ALA A O    1 
ATOM   248  C CB   . ALA A 1 36  ? 5.849   6.118   0.102   1.00 23.75 ?  34  ALA A CB   1 
ATOM   249  N N    . ILE A 1 37  ? 7.031   3.202   1.674   1.00 28.99 ?  35  ILE A N    1 
ATOM   250  C CA   . ILE A 1 37  ? 6.905   2.389   2.882   1.00 25.80 ?  35  ILE A CA   1 
ATOM   251  C C    . ILE A 1 37  ? 7.282   3.220   4.100   1.00 33.43 ?  35  ILE A C    1 
ATOM   252  O O    . ILE A 1 37  ? 8.436   3.641   4.245   1.00 33.58 ?  35  ILE A O    1 
ATOM   253  C CB   . ILE A 1 37  ? 7.759   1.097   2.798   1.00 28.92 ?  35  ILE A CB   1 
ATOM   254  C CG1  . ILE A 1 37  ? 7.357   0.281   1.569   1.00 29.13 ?  35  ILE A CG1  1 
ATOM   255  C CG2  . ILE A 1 37  ? 7.602   0.267   4.056   1.00 30.95 ?  35  ILE A CG2  1 
ATOM   256  C CD1  . ILE A 1 37  ? 8.090   -1.054  1.431   1.00 36.82 ?  35  ILE A CD1  1 
ATOM   257  N N    . LEU A 1 38  ? 6.300   3.469   4.965   1.00 29.61 ?  36  LEU A N    1 
ATOM   258  C CA   . LEU A 1 38  ? 6.483   4.356   6.115   1.00 38.14 ?  36  LEU A CA   1 
ATOM   259  C C    . LEU A 1 38  ? 6.880   3.586   7.370   1.00 43.16 ?  36  LEU A C    1 
ATOM   260  O O    . LEU A 1 38  ? 6.033   2.988   8.035   1.00 54.02 ?  36  LEU A O    1 
ATOM   261  C CB   . LEU A 1 38  ? 5.207   5.165   6.379   1.00 40.41 ?  36  LEU A CB   1 
ATOM   262  C CG   . LEU A 1 38  ? 4.990   6.466   5.601   1.00 41.87 ?  36  LEU A CG   1 
ATOM   263  C CD1  . LEU A 1 38  ? 5.220   6.265   4.122   1.00 38.69 ?  36  LEU A CD1  1 
ATOM   264  C CD2  . LEU A 1 38  ? 3.590   7.028   5.854   1.00 43.28 ?  36  LEU A CD2  1 
ATOM   265  N N    . GLY A 1 45  ? 5.994   -3.999  14.629  1.00 51.99 ?  43  GLY A N    1 
ATOM   266  C CA   . GLY A 1 45  ? 6.007   -4.515  13.272  1.00 43.75 ?  43  GLY A CA   1 
ATOM   267  C C    . GLY A 1 45  ? 6.552   -5.928  13.194  1.00 45.45 ?  43  GLY A C    1 
ATOM   268  O O    . GLY A 1 45  ? 7.402   -6.318  13.998  1.00 45.75 ?  43  GLY A O    1 
ATOM   269  N N    . MET A 1 46  ? 6.062   -6.694  12.223  1.00 39.13 ?  44  MET A N    1 
ATOM   270  C CA   . MET A 1 46  ? 6.473   -8.085  12.051  1.00 42.29 ?  44  MET A CA   1 
ATOM   271  C C    . MET A 1 46  ? 7.717   -8.206  11.177  1.00 44.39 ?  44  MET A C    1 
ATOM   272  O O    . MET A 1 46  ? 8.623   -8.981  11.485  1.00 44.46 ?  44  MET A O    1 
ATOM   273  C CB   . MET A 1 46  ? 5.327   -8.927  11.466  1.00 39.51 ?  44  MET A CB   1 
ATOM   274  C CG   . MET A 1 46  ? 5.750   -10.318 11.003  1.00 38.55 ?  44  MET A CG   1 
ATOM   275  S SD   . MET A 1 46  ? 4.366   -11.465 10.830  1.00 38.30 ?  44  MET A SD   1 
ATOM   276  C CE   . MET A 1 46  ? 3.689   -11.370 12.489  1.00 39.90 ?  44  MET A CE   1 
ATOM   277  N N    . PHE A 1 47  ? 7.758   -7.441  10.089  1.00 35.84 ?  45  PHE A N    1 
ATOM   278  C CA   . PHE A 1 47  ? 8.864   -7.537  9.138   1.00 39.01 ?  45  PHE A CA   1 
ATOM   279  C C    . PHE A 1 47  ? 9.733   -6.281  9.141   1.00 42.43 ?  45  PHE A C    1 
ATOM   280  O O    . PHE A 1 47  ? 9.233   -5.168  9.362   1.00 35.18 ?  45  PHE A O    1 
ATOM   281  C CB   . PHE A 1 47  ? 8.341   -7.792  7.716   1.00 35.20 ?  45  PHE A CB   1 
ATOM   282  C CG   . PHE A 1 47  ? 7.597   -9.095  7.557   1.00 38.81 ?  45  PHE A CG   1 
ATOM   283  C CD1  . PHE A 1 47  ? 8.280   -10.276 7.291   1.00 37.68 ?  45  PHE A CD1  1 
ATOM   284  C CD2  . PHE A 1 47  ? 6.207   -9.134  7.660   1.00 32.24 ?  45  PHE A CD2  1 
ATOM   285  C CE1  . PHE A 1 47  ? 7.592   -11.481 7.140   1.00 37.98 ?  45  PHE A CE1  1 
ATOM   286  C CE2  . PHE A 1 47  ? 5.511   -10.333 7.508   1.00 33.40 ?  45  PHE A CE2  1 
ATOM   287  C CZ   . PHE A 1 47  ? 6.204   -11.505 7.248   1.00 39.55 ?  45  PHE A CZ   1 
ATOM   288  N N    . ASP A 1 48  ? 11.029  -6.471  8.887   1.00 39.60 ?  46  ASP A N    1 
ATOM   289  C CA   . ASP A 1 48  ? 11.977  -5.367  8.741   1.00 41.65 ?  46  ASP A CA   1 
ATOM   290  C C    . ASP A 1 48  ? 11.642  -4.543  7.515   1.00 42.45 ?  46  ASP A C    1 
ATOM   291  O O    . ASP A 1 48  ? 10.984  -5.033  6.589   1.00 40.18 ?  46  ASP A O    1 
ATOM   292  C CB   . ASP A 1 48  ? 13.410  -5.890  8.563   1.00 43.28 ?  46  ASP A CB   1 
ATOM   293  C CG   . ASP A 1 48  ? 13.918  -6.643  9.771   1.00 55.02 ?  46  ASP A CG   1 
ATOM   294  O OD1  . ASP A 1 48  ? 14.572  -7.693  9.577   1.00 59.01 ?  46  ASP A OD1  1 
ATOM   295  O OD2  . ASP A 1 48  ? 13.671  -6.182  10.909  1.00 58.88 ?  46  ASP A OD2  1 
ATOM   296  N N    . LEU A 1 49  ? 12.127  -3.303  7.507   1.00 38.60 ?  47  LEU A N    1 
ATOM   297  C CA   . LEU A 1 49  ? 12.011  -2.421  6.350   1.00 40.01 ?  47  LEU A CA   1 
ATOM   298  C C    . LEU A 1 49  ? 12.521  -3.114  5.090   1.00 38.80 ?  47  LEU A C    1 
ATOM   299  O O    . LEU A 1 49  ? 11.848  -3.119  4.054   1.00 37.14 ?  47  LEU A O    1 
ATOM   300  C CB   . LEU A 1 49  ? 12.787  -1.123  6.605   1.00 40.75 ?  47  LEU A CB   1 
ATOM   301  C CG   . LEU A 1 49  ? 12.671  -0.009  5.565   1.00 49.08 ?  47  LEU A CG   1 
ATOM   302  C CD1  . LEU A 1 49  ? 11.215  0.412   5.391   1.00 42.97 ?  47  LEU A CD1  1 
ATOM   303  C CD2  . LEU A 1 49  ? 13.537  1.180   5.959   1.00 45.84 ?  47  LEU A CD2  1 
ATOM   304  N N    . ASP A 1 50  ? 13.706  -3.717  5.191   1.00 40.87 ?  48  ASP A N    1 
ATOM   305  C CA   . ASP A 1 50  ? 14.322  -4.416  4.067   1.00 42.52 ?  48  ASP A CA   1 
ATOM   306  C C    . ASP A 1 50  ? 13.420  -5.514  3.500   1.00 33.78 ?  48  ASP A C    1 
ATOM   307  O O    . ASP A 1 50  ? 13.270  -5.650  2.281   1.00 35.86 ?  48  ASP A O    1 
ATOM   308  C CB   . ASP A 1 50  ? 15.660  -5.032  4.493   1.00 44.57 ?  48  ASP A CB   1 
ATOM   309  C CG   . ASP A 1 50  ? 16.578  -4.030  5.176   1.00 62.53 ?  48  ASP A CG   1 
ATOM   310  O OD1  . ASP A 1 50  ? 16.396  -2.806  4.977   1.00 62.69 ?  48  ASP A OD1  1 
ATOM   311  O OD2  . ASP A 1 50  ? 17.492  -4.476  5.908   1.00 73.58 ?  48  ASP A OD2  1 
ATOM   312  N N    . GLU A 1 51  ? 12.834  -6.318  4.382   1.00 32.91 ?  49  GLU A N    1 
ATOM   313  C CA   . GLU A 1 51  ? 11.948  -7.378  3.913   1.00 35.29 ?  49  GLU A CA   1 
ATOM   314  C C    . GLU A 1 51  ? 10.670  -6.803  3.290   1.00 29.67 ?  49  GLU A C    1 
ATOM   315  O O    . GLU A 1 51  ? 10.244  -7.253  2.220   1.00 28.62 ?  49  GLU A O    1 
ATOM   316  C CB   . GLU A 1 51  ? 11.614  -8.381  5.018   1.00 36.75 ?  49  GLU A CB   1 
ATOM   317  C CG   . GLU A 1 51  ? 12.098  -8.018  6.412   1.00 47.35 ?  49  GLU A CG   1 
ATOM   318  C CD   . GLU A 1 51  ? 12.051  -9.220  7.350   1.00 48.49 ?  49  GLU A CD   1 
ATOM   319  O OE1  . GLU A 1 51  ? 12.062  -10.365 6.838   1.00 50.23 ?  49  GLU A OE1  1 
ATOM   320  O OE2  . GLU A 1 51  ? 12.002  -9.025  8.588   1.00 45.32 ?  49  GLU A OE2  1 
ATOM   321  N N    . ARG A 1 52  ? 10.068  -5.810  3.942   1.00 32.20 ?  50  ARG A N    1 
ATOM   322  C CA   . ARG A 1 52  ? 8.867   -5.175  3.382   1.00 29.24 ?  50  ARG A CA   1 
ATOM   323  C C    . ARG A 1 52  ? 9.110   -4.703  1.948   1.00 30.03 ?  50  ARG A C    1 
ATOM   324  O O    . ARG A 1 52  ? 8.256   -4.873  1.075   1.00 28.25 ?  50  ARG A O    1 
ATOM   325  C CB   . ARG A 1 52  ? 8.399   -4.007  4.245   1.00 28.92 ?  50  ARG A CB   1 
ATOM   326  C CG   . ARG A 1 52  ? 7.955   -4.395  5.643   1.00 29.55 ?  50  ARG A CG   1 
ATOM   327  C CD   . ARG A 1 52  ? 7.461   -3.175  6.402   1.00 34.94 ?  50  ARG A CD   1 
ATOM   328  N NE   . ARG A 1 52  ? 7.584   -3.346  7.845   1.00 35.44 ?  50  ARG A NE   1 
ATOM   329  C CZ   . ARG A 1 52  ? 7.018   -2.548  8.745   1.00 44.25 ?  50  ARG A CZ   1 
ATOM   330  N NH1  . ARG A 1 52  ? 7.186   -2.782  10.042  1.00 44.47 ?  50  ARG A NH1  1 
ATOM   331  N NH2  . ARG A 1 52  ? 6.275   -1.520  8.352   1.00 45.09 ?  50  ARG A NH2  1 
ATOM   332  N N    . ILE A 1 53  ? 10.289  -4.132  1.704   1.00 34.28 ?  51  ILE A N    1 
ATOM   333  C CA   . ILE A 1 53  ? 10.654  -3.658  0.371   1.00 26.82 ?  51  ILE A CA   1 
ATOM   334  C C    . ILE A 1 53  ? 10.736  -4.789  -0.641  1.00 29.45 ?  51  ILE A C    1 
ATOM   335  O O    . ILE A 1 53  ? 10.180  -4.688  -1.736  1.00 28.66 ?  51  ILE A O    1 
ATOM   336  C CB   . ILE A 1 53  ? 12.009  -2.909  0.382   1.00 34.57 ?  51  ILE A CB   1 
ATOM   337  C CG1  . ILE A 1 53  ? 11.880  -1.591  1.147   1.00 32.32 ?  51  ILE A CG1  1 
ATOM   338  C CG2  . ILE A 1 53  ? 12.484  -2.647  -1.039  1.00 36.23 ?  51  ILE A CG2  1 
ATOM   339  C CD1  . ILE A 1 53  ? 13.200  -0.858  1.343   1.00 44.35 ?  51  ILE A CD1  1 
ATOM   340  N N    . ALA A 1 54  ? 11.451  -5.855  -0.288  1.00 34.77 ?  52  ALA A N    1 
ATOM   341  C CA   . ALA A 1 54  ? 11.593  -7.003  -1.181  1.00 31.70 ?  52  ALA A CA   1 
ATOM   342  C C    . ALA A 1 54  ? 10.237  -7.610  -1.491  1.00 27.35 ?  52  ALA A C    1 
ATOM   343  O O    . ALA A 1 54  ? 9.955   -7.961  -2.640  1.00 30.31 ?  52  ALA A O    1 
ATOM   344  C CB   . ALA A 1 54  ? 12.501  -8.048  -0.565  1.00 34.03 ?  52  ALA A CB   1 
ATOM   345  N N    . MET A 1 55  ? 9.401   -7.744  -0.461  1.00 31.60 ?  53  MET A N    1 
ATOM   346  C CA   . MET A 1 55  ? 8.065   -8.306  -0.648  1.00 25.79 ?  53  MET A CA   1 
ATOM   347  C C    . MET A 1 55  ? 7.260   -7.474  -1.644  1.00 27.24 ?  53  MET A C    1 
ATOM   348  O O    . MET A 1 55  ? 6.631   -8.028  -2.551  1.00 29.33 ?  53  MET A O    1 
ATOM   349  C CB   . MET A 1 55  ? 7.333   -8.465  0.689   1.00 30.69 ?  53  MET A CB   1 
ATOM   350  C CG   . MET A 1 55  ? 7.834   -9.662  1.494   1.00 30.15 ?  53  MET A CG   1 
ATOM   351  S SD   . MET A 1 55  ? 6.894   -10.011 2.985   1.00 34.02 ?  53  MET A SD   1 
ATOM   352  C CE   . MET A 1 55  ? 7.345   -8.642  4.039   1.00 27.00 ?  53  MET A CE   1 
ATOM   353  N N    . VAL A 1 56  ? 7.306   -6.148  -1.502  1.00 27.56 ?  54  VAL A N    1 
ATOM   354  C CA   . VAL A 1 56  ? 6.616   -5.281  -2.459  1.00 25.14 ?  54  VAL A CA   1 
ATOM   355  C C    . VAL A 1 56  ? 7.241   -5.412  -3.845  1.00 26.00 ?  54  VAL A C    1 
ATOM   356  O O    . VAL A 1 56  ? 6.534   -5.547  -4.843  1.00 22.87 ?  54  VAL A O    1 
ATOM   357  C CB   . VAL A 1 56  ? 6.612   -3.782  -2.031  1.00 24.68 ?  54  VAL A CB   1 
ATOM   358  C CG1  . VAL A 1 56  ? 5.983   -2.933  -3.125  1.00 26.87 ?  54  VAL A CG1  1 
ATOM   359  C CG2  . VAL A 1 56  ? 5.851   -3.587  -0.717  1.00 25.26 ?  54  VAL A CG2  1 
ATOM   360  N N    . LYS A 1 57  ? 8.570   -5.370  -3.919  1.00 31.01 ?  55  LYS A N    1 
ATOM   361  C CA   . LYS A 1 57  ? 9.232   -5.478  -5.221  1.00 29.97 ?  55  LYS A CA   1 
ATOM   362  C C    . LYS A 1 57  ? 8.916   -6.796  -5.923  1.00 26.84 ?  55  LYS A C    1 
ATOM   363  O O    . LYS A 1 57  ? 8.564   -6.811  -7.104  1.00 26.71 ?  55  LYS A O    1 
ATOM   364  C CB   . LYS A 1 57  ? 10.747  -5.327  -5.079  1.00 34.65 ?  55  LYS A CB   1 
ATOM   365  C CG   . LYS A 1 57  ? 11.203  -3.936  -4.706  1.00 34.82 ?  55  LYS A CG   1 
ATOM   366  C CD   . LYS A 1 57  ? 12.707  -3.775  -4.966  1.00 40.58 ?  55  LYS A CD   1 
ATOM   367  C CE   . LYS A 1 57  ? 13.275  -2.582  -4.216  1.00 44.98 ?  55  LYS A CE   1 
ATOM   368  N NZ   . LYS A 1 57  ? 14.687  -2.297  -4.611  1.00 46.11 ?  55  LYS A NZ   1 
ATOM   369  N N    . GLU A 1 58  ? 9.053   -7.904  -5.199  1.00 30.00 ?  56  GLU A N    1 
ATOM   370  C CA   . GLU A 1 58  ? 8.799   -9.221  -5.787  1.00 32.09 ?  56  GLU A CA   1 
ATOM   371  C C    . GLU A 1 58  ? 7.341   -9.407  -6.206  1.00 33.88 ?  56  GLU A C    1 
ATOM   372  O O    . GLU A 1 58  ? 7.039   -10.226 -7.074  1.00 26.99 ?  56  GLU A O    1 
ATOM   373  C CB   . GLU A 1 58  ? 9.231   -10.327 -4.822  1.00 33.25 ?  56  GLU A CB   1 
ATOM   374  C CG   . GLU A 1 58  ? 10.739  -10.326 -4.558  1.00 33.70 ?  56  GLU A CG   1 
ATOM   375  C CD   . GLU A 1 58  ? 11.154  -11.324 -3.498  1.00 39.38 ?  56  GLU A CD   1 
ATOM   376  O OE1  . GLU A 1 58  ? 10.362  -12.244 -3.187  1.00 41.03 ?  56  GLU A OE1  1 
ATOM   377  O OE2  . GLU A 1 58  ? 12.276  -11.185 -2.971  1.00 41.06 ?  56  GLU A OE2  1 
ATOM   378  N N    . SER A 1 59  ? 6.440   -8.639  -5.593  1.00 28.58 ?  57  SER A N    1 
ATOM   379  C CA   . SER A 1 59  ? 5.011   -8.753  -5.893  1.00 29.61 ?  57  SER A CA   1 
ATOM   380  C C    . SER A 1 59  ? 4.558   -7.840  -7.027  1.00 32.25 ?  57  SER A C    1 
ATOM   381  O O    . SER A 1 59  ? 3.406   -7.925  -7.469  1.00 29.38 ?  57  SER A O    1 
ATOM   382  C CB   . SER A 1 59  ? 4.183   -8.451  -4.641  1.00 27.24 ?  57  SER A CB   1 
ATOM   383  O OG   . SER A 1 59  ? 4.499   -9.356  -3.596  1.00 25.90 ?  57  SER A OG   1 
ATOM   384  N N    . THR A 1 60  ? 5.454   -6.972  -7.495  1.00 25.53 ?  58  THR A N    1 
ATOM   385  C CA   . THR A 1 60  ? 5.093   -5.967  -8.495  1.00 27.27 ?  58  THR A CA   1 
ATOM   386  C C    . THR A 1 60  ? 5.980   -5.977  -9.742  1.00 35.82 ?  58  THR A C    1 
ATOM   387  O O    . THR A 1 60  ? 6.012   -4.997  -10.487 1.00 30.09 ?  58  THR A O    1 
ATOM   388  C CB   . THR A 1 60  ? 5.104   -4.530  -7.900  1.00 30.43 ?  58  THR A CB   1 
ATOM   389  O OG1  . THR A 1 60  ? 6.386   -4.248  -7.316  1.00 27.51 ?  58  THR A OG1  1 
ATOM   390  C CG2  . THR A 1 60  ? 4.017   -4.372  -6.834  1.00 27.69 ?  58  THR A CG2  1 
ATOM   391  N N    . THR A 1 61  ? 6.682   -7.083  -9.982  1.00 37.60 ?  59  THR A N    1 
ATOM   392  C CA   . THR A 1 61  ? 7.584   -7.170  -11.134 1.00 35.40 ?  59  THR A CA   1 
ATOM   393  C C    . THR A 1 61  ? 6.853   -6.929  -12.455 1.00 34.83 ?  59  THR A C    1 
ATOM   394  O O    . THR A 1 61  ? 7.460   -6.526  -13.444 1.00 34.67 ?  59  THR A O    1 
ATOM   395  C CB   . THR A 1 61  ? 8.305   -8.535  -11.185 1.00 31.04 ?  59  THR A CB   1 
ATOM   396  O OG1  . THR A 1 61  ? 7.351   -9.583  -11.415 1.00 38.81 ?  59  THR A OG1  1 
ATOM   397  C CG2  . THR A 1 61  ? 9.013   -8.792  -9.874  1.00 31.08 ?  59  THR A CG2  1 
ATOM   398  N N    . HIS A 1 62  ? 5.544   -7.164  -12.459 1.00 33.74 ?  60  HIS A N    1 
ATOM   399  C CA   . HIS A 1 62  ? 4.728   -6.967  -13.653 1.00 29.36 ?  60  HIS A CA   1 
ATOM   400  C C    . HIS A 1 62  ? 4.309   -5.510  -13.870 1.00 31.86 ?  60  HIS A C    1 
ATOM   401  O O    . HIS A 1 62  ? 3.544   -5.212  -14.793 1.00 29.47 ?  60  HIS A O    1 
ATOM   402  C CB   . HIS A 1 62  ? 3.488   -7.871  -13.614 1.00 35.09 ?  60  HIS A CB   1 
ATOM   403  C CG   . HIS A 1 62  ? 2.563   -7.590  -12.467 1.00 34.86 ?  60  HIS A CG   1 
ATOM   404  N ND1  . HIS A 1 62  ? 2.938   -7.750  -11.146 1.00 32.97 ?  60  HIS A ND1  1 
ATOM   405  C CD2  . HIS A 1 62  ? 1.280   -7.164  -12.438 1.00 32.97 ?  60  HIS A CD2  1 
ATOM   406  C CE1  . HIS A 1 62  ? 1.932   -7.427  -10.360 1.00 32.88 ?  60  HIS A CE1  1 
ATOM   407  N NE2  . HIS A 1 62  ? 0.904   -7.070  -11.122 1.00 29.13 ?  60  HIS A NE2  1 
ATOM   408  N N    . LEU A 1 63  ? 4.815   -4.607  -13.035 1.00 32.38 ?  61  LEU A N    1 
ATOM   409  C CA   . LEU A 1 63  ? 4.473   -3.184  -13.140 1.00 31.70 ?  61  LEU A CA   1 
ATOM   410  C C    . LEU A 1 63  ? 5.734   -2.349  -13.371 1.00 29.76 ?  61  LEU A C    1 
ATOM   411  O O    . LEU A 1 63  ? 6.371   -1.894  -12.416 1.00 35.01 ?  61  LEU A O    1 
ATOM   412  C CB   . LEU A 1 63  ? 3.734   -2.717  -11.875 1.00 27.60 ?  61  LEU A CB   1 
ATOM   413  C CG   . LEU A 1 63  ? 2.415   -3.454  -11.588 1.00 30.01 ?  61  LEU A CG   1 
ATOM   414  C CD1  . LEU A 1 63  ? 1.854   -3.115  -10.210 1.00 29.48 ?  61  LEU A CD1  1 
ATOM   415  C CD2  . LEU A 1 63  ? 1.382   -3.157  -12.668 1.00 31.68 ?  61  LEU A CD2  1 
ATOM   416  N N    . PRO A 1 64  ? 6.102   -2.146  -14.650 1.00 34.08 ?  62  PRO A N    1 
ATOM   417  C CA   . PRO A 1 64  ? 7.382   -1.504  -14.971 1.00 39.71 ?  62  PRO A CA   1 
ATOM   418  C C    . PRO A 1 64  ? 7.464   -0.054  -14.498 1.00 36.29 ?  62  PRO A C    1 
ATOM   419  O O    . PRO A 1 64  ? 8.570   0.406   -14.203 1.00 38.43 ?  62  PRO A O    1 
ATOM   420  C CB   . PRO A 1 64  ? 7.447   -1.578  -16.508 1.00 35.11 ?  62  PRO A CB   1 
ATOM   421  C CG   . PRO A 1 64  ? 6.025   -1.736  -16.954 1.00 37.86 ?  62  PRO A CG   1 
ATOM   422  C CD   . PRO A 1 64  ? 5.344   -2.520  -15.859 1.00 31.36 ?  62  PRO A CD   1 
ATOM   423  N N    . ASN A 1 65  ? 6.326   0.644   -14.429 1.00 34.54 ?  63  ASN A N    1 
ATOM   424  C CA   . ASN A 1 65  ? 6.301   2.047   -13.999 1.00 28.93 ?  63  ASN A CA   1 
ATOM   425  C C    . ASN A 1 65  ? 6.104   2.242   -12.491 1.00 33.19 ?  63  ASN A C    1 
ATOM   426  O O    . ASN A 1 65  ? 5.757   3.335   -12.041 1.00 32.99 ?  63  ASN A O    1 
ATOM   427  C CB   . ASN A 1 65  ? 5.249   2.848   -14.783 1.00 30.60 ?  63  ASN A CB   1 
ATOM   428  C CG   . ASN A 1 65  ? 3.823   2.368   -14.527 1.00 33.04 ?  63  ASN A CG   1 
ATOM   429  O OD1  . ASN A 1 65  ? 3.587   1.191   -14.226 1.00 31.31 ?  63  ASN A OD1  1 
ATOM   430  N ND2  . ASN A 1 65  ? 2.860   3.282   -14.663 1.00 30.27 ?  63  ASN A ND2  1 
ATOM   431  N N    . LEU A 1 66  ? 6.341   1.188   -11.717 1.00 29.68 ?  64  LEU A N    1 
ATOM   432  C CA   . LEU A 1 66  ? 6.225   1.262   -10.263 1.00 31.11 ?  64  LEU A CA   1 
ATOM   433  C C    . LEU A 1 66  ? 7.572   1.042   -9.581  1.00 34.56 ?  64  LEU A C    1 
ATOM   434  O O    . LEU A 1 66  ? 8.319   0.124   -9.944  1.00 35.31 ?  64  LEU A O    1 
ATOM   435  C CB   . LEU A 1 66  ? 5.210   0.224   -9.757  1.00 29.37 ?  64  LEU A CB   1 
ATOM   436  C CG   . LEU A 1 66  ? 4.967   0.111   -8.247  1.00 30.61 ?  64  LEU A CG   1 
ATOM   437  C CD1  . LEU A 1 66  ? 3.552   -0.407  -7.966  1.00 26.74 ?  64  LEU A CD1  1 
ATOM   438  C CD2  . LEU A 1 66  ? 6.003   -0.777  -7.558  1.00 31.04 ?  64  LEU A CD2  1 
ATOM   439  N N    . ARG A 1 67  ? 7.885   1.874   -8.590  1.00 28.43 ?  65  ARG A N    1 
ATOM   440  C CA   . ARG A 1 67  ? 9.054   1.620   -7.762  1.00 27.44 ?  65  ARG A CA   1 
ATOM   441  C C    . ARG A 1 67  ? 8.751   1.770   -6.281  1.00 32.53 ?  65  ARG A C    1 
ATOM   442  O O    . ARG A 1 67  ? 7.762   2.409   -5.890  1.00 30.59 ?  65  ARG A O    1 
ATOM   443  C CB   . ARG A 1 67  ? 10.225  2.527   -8.161  1.00 36.92 ?  65  ARG A CB   1 
ATOM   444  C CG   . ARG A 1 67  ? 10.007  3.981   -7.841  1.00 33.24 ?  65  ARG A CG   1 
ATOM   445  C CD   . ARG A 1 67  ? 11.212  4.837   -8.229  1.00 41.59 ?  65  ARG A CD   1 
ATOM   446  N NE   . ARG A 1 67  ? 10.857  6.255   -8.307  1.00 40.65 ?  65  ARG A NE   1 
ATOM   447  C CZ   . ARG A 1 67  ? 11.071  7.146   -7.340  1.00 47.07 ?  65  ARG A CZ   1 
ATOM   448  N NH1  . ARG A 1 67  ? 11.651  6.782   -6.198  1.00 42.37 ?  65  ARG A NH1  1 
ATOM   449  N NH2  . ARG A 1 67  ? 10.704  8.412   -7.517  1.00 51.00 ?  65  ARG A NH2  1 
ATOM   450  N N    . VAL A 1 68  ? 9.608   1.177   -5.460  1.00 26.79 ?  66  VAL A N    1 
ATOM   451  C CA   . VAL A 1 68  ? 9.394   1.121   -4.024  1.00 26.49 ?  66  VAL A CA   1 
ATOM   452  C C    . VAL A 1 68  ? 10.479  1.921   -3.351  1.00 35.99 ?  66  VAL A C    1 
ATOM   453  O O    . VAL A 1 68  ? 11.651  1.853   -3.745  1.00 35.41 ?  66  VAL A O    1 
ATOM   454  C CB   . VAL A 1 68  ? 9.461   -0.330  -3.499  1.00 33.04 ?  66  VAL A CB   1 
ATOM   455  C CG1  . VAL A 1 68  ? 9.094   -0.385  -2.023  1.00 32.15 ?  66  VAL A CG1  1 
ATOM   456  C CG2  . VAL A 1 68  ? 8.543   -1.214  -4.307  1.00 32.04 ?  66  VAL A CG2  1 
ATOM   457  N N    . GLN A 1 69  ? 10.091  2.665   -2.325  1.00 24.63 ?  67  GLN A N    1 
ATOM   458  C CA   . GLN A 1 69  ? 11.000  3.566   -1.658  1.00 33.41 ?  67  GLN A CA   1 
ATOM   459  C C    . GLN A 1 69  ? 10.572  3.734   -0.209  1.00 39.48 ?  67  GLN A C    1 
ATOM   460  O O    . GLN A 1 69  ? 9.375   3.722   0.101   1.00 37.81 ?  67  GLN A O    1 
ATOM   461  C CB   . GLN A 1 69  ? 10.987  4.904   -2.405  1.00 37.19 ?  67  GLN A CB   1 
ATOM   462  C CG   . GLN A 1 69  ? 11.058  6.124   -1.526  1.00 45.10 ?  67  GLN A CG   1 
ATOM   463  C CD   . GLN A 1 69  ? 12.305  6.925   -1.792  1.00 43.29 ?  67  GLN A CD   1 
ATOM   464  O OE1  . GLN A 1 69  ? 12.560  7.335   -2.925  1.00 46.29 ?  67  GLN A OE1  1 
ATOM   465  N NE2  . GLN A 1 69  ? 13.104  7.136   -0.752  1.00 43.19 ?  67  GLN A NE2  1 
ATOM   466  N N    . VAL A 1 70  ? 11.547  3.848   0.687   1.00 31.65 ?  68  VAL A N    1 
ATOM   467  C CA   . VAL A 1 70  ? 11.262  4.130   2.083   1.00 31.09 ?  68  VAL A CA   1 
ATOM   468  C C    . VAL A 1 70  ? 10.882  5.596   2.219   1.00 31.65 ?  68  VAL A C    1 
ATOM   469  O O    . VAL A 1 70  ? 11.432  6.453   1.521   1.00 35.38 ?  68  VAL A O    1 
ATOM   470  C CB   . VAL A 1 70  ? 12.473  3.831   2.981   1.00 37.56 ?  68  VAL A CB   1 
ATOM   471  C CG1  . VAL A 1 70  ? 12.135  4.107   4.434   1.00 35.35 ?  68  VAL A CG1  1 
ATOM   472  C CG2  . VAL A 1 70  ? 12.910  2.381   2.803   1.00 39.70 ?  68  VAL A CG2  1 
ATOM   473  N N    . GLY A 1 71  ? 9.922   5.880   3.094   1.00 35.61 ?  69  GLY A N    1 
ATOM   474  C CA   . GLY A 1 71  ? 9.482   7.246   3.313   1.00 33.70 ?  69  GLY A CA   1 
ATOM   475  C C    . GLY A 1 71  ? 9.671   7.643   4.762   1.00 34.78 ?  69  GLY A C    1 
ATOM   476  O O    . GLY A 1 71  ? 9.527   6.815   5.665   1.00 35.35 ?  69  GLY A O    1 
ATOM   477  N N    . HIS A 1 72  ? 10.009  8.911   4.982   1.00 28.07 ?  70  HIS A N    1 
ATOM   478  C CA   . HIS A 1 72  ? 10.121  9.464   6.325   1.00 33.03 ?  70  HIS A CA   1 
ATOM   479  C C    . HIS A 1 72  ? 9.342   10.772  6.389   1.00 31.31 ?  70  HIS A C    1 
ATOM   480  O O    . HIS A 1 72  ? 9.407   11.588  5.462   1.00 34.21 ?  70  HIS A O    1 
ATOM   481  C CB   . HIS A 1 72  ? 11.586  9.741   6.680   1.00 37.76 ?  70  HIS A CB   1 
ATOM   482  C CG   . HIS A 1 72  ? 12.489  8.556   6.523   1.00 40.05 ?  70  HIS A CG   1 
ATOM   483  N ND1  . HIS A 1 72  ? 13.003  8.160   5.310   1.00 37.27 ?  70  HIS A ND1  1 
ATOM   484  C CD2  . HIS A 1 72  ? 12.979  7.683   7.443   1.00 40.99 ?  70  HIS A CD2  1 
ATOM   485  C CE1  . HIS A 1 72  ? 13.766  7.094   5.479   1.00 37.68 ?  70  HIS A CE1  1 
ATOM   486  N NE2  . HIS A 1 72  ? 13.767  6.786   6.767   1.00 40.10 ?  70  HIS A NE2  1 
ATOM   487  N N    . GLY A 1 73  ? 8.617   10.985  7.481   1.00 33.52 ?  71  GLY A N    1 
ATOM   488  C CA   . GLY A 1 73  ? 7.912   12.239  7.677   1.00 31.79 ?  71  GLY A CA   1 
ATOM   489  C C    . GLY A 1 73  ? 6.624   12.315  6.872   1.00 30.53 ?  71  GLY A C    1 
ATOM   490  O O    . GLY A 1 73  ? 6.095   11.291  6.443   1.00 34.42 ?  71  GLY A O    1 
ATOM   491  N N    . LEU A 1 74  ? 6.142   13.535  6.657   1.00 28.82 ?  72  LEU A N    1 
ATOM   492  C CA   . LEU A 1 74  ? 4.875   13.775  5.962   1.00 29.44 ?  72  LEU A CA   1 
ATOM   493  C C    . LEU A 1 74  ? 4.869   13.220  4.536   1.00 27.14 ?  72  LEU A C    1 
ATOM   494  O O    . LEU A 1 74  ? 5.826   13.417  3.768   1.00 23.26 ?  72  LEU A O    1 
ATOM   495  C CB   . LEU A 1 74  ? 4.564   15.274  5.943   1.00 25.37 ?  72  LEU A CB   1 
ATOM   496  C CG   . LEU A 1 74  ? 4.419   15.949  7.307   1.00 28.66 ?  72  LEU A CG   1 
ATOM   497  C CD1  . LEU A 1 74  ? 4.173   17.434  7.131   1.00 27.92 ?  72  LEU A CD1  1 
ATOM   498  C CD2  . LEU A 1 74  ? 3.291   15.308  8.097   1.00 28.34 ?  72  LEU A CD2  1 
ATOM   499  N N    . VAL A 1 75  ? 3.800   12.502  4.180   1.00 25.36 ?  73  VAL A N    1 
ATOM   500  C CA   . VAL A 1 75  ? 3.675   12.002  2.812   1.00 22.19 ?  73  VAL A CA   1 
ATOM   501  C C    . VAL A 1 75  ? 3.675   13.156  1.811   1.00 17.31 ?  73  VAL A C    1 
ATOM   502  O O    . VAL A 1 75  ? 4.211   13.021  0.713   1.00 22.82 ?  73  VAL A O    1 
ATOM   503  C CB   . VAL A 1 75  ? 2.390   11.136  2.619   1.00 22.80 ?  73  VAL A CB   1 
ATOM   504  C CG1  . VAL A 1 75  ? 2.268   10.680  1.178   1.00 25.95 ?  73  VAL A CG1  1 
ATOM   505  C CG2  . VAL A 1 75  ? 2.423   9.925   3.552   1.00 25.70 ?  73  VAL A CG2  1 
ATOM   506  N N    . VAL A 1 76  ? 3.081   14.294  2.180   1.00 19.18 ?  74  VAL A N    1 
ATOM   507  C CA   . VAL A 1 76  ? 3.019   15.415  1.243   1.00 20.49 ?  74  VAL A CA   1 
ATOM   508  C C    . VAL A 1 76  ? 4.419   15.948  0.897   1.00 21.99 ?  74  VAL A C    1 
ATOM   509  O O    . VAL A 1 76  ? 4.644   16.421  -0.225  1.00 20.18 ?  74  VAL A O    1 
ATOM   510  C CB   . VAL A 1 76  ? 2.105   16.581  1.720   1.00 21.95 ?  74  VAL A CB   1 
ATOM   511  C CG1  . VAL A 1 76  ? 0.611   16.157  1.689   1.00 21.60 ?  74  VAL A CG1  1 
ATOM   512  C CG2  . VAL A 1 76  ? 2.525   17.087  3.116   1.00 19.39 ?  74  VAL A CG2  1 
ATOM   513  N N    . ASP A 1 77  ? 5.355   15.876  1.840   1.00 22.51 ?  75  ASP A N    1 
ATOM   514  C CA   . ASP A 1 77  ? 6.715   16.356  1.546   1.00 21.62 ?  75  ASP A CA   1 
ATOM   515  C C    . ASP A 1 77  ? 7.384   15.396  0.576   1.00 26.06 ?  75  ASP A C    1 
ATOM   516  O O    . ASP A 1 77  ? 8.163   15.797  -0.286  1.00 26.26 ?  75  ASP A O    1 
ATOM   517  C CB   . ASP A 1 77  ? 7.549   16.506  2.827   1.00 23.91 ?  75  ASP A CB   1 
ATOM   518  C CG   . ASP A 1 77  ? 7.076   17.662  3.700   1.00 29.11 ?  75  ASP A CG   1 
ATOM   519  O OD1  . ASP A 1 77  ? 6.407   18.571  3.169   1.00 30.87 ?  75  ASP A OD1  1 
ATOM   520  O OD2  . ASP A 1 77  ? 7.372   17.663  4.916   1.00 36.14 ?  75  ASP A OD2  1 
ATOM   521  N N    . PHE A 1 78  ? 7.066   14.116  0.714   1.00 23.12 ?  76  PHE A N    1 
ATOM   522  C CA   . PHE A 1 78  ? 7.585   13.110  -0.199  1.00 26.18 ?  76  PHE A CA   1 
ATOM   523  C C    . PHE A 1 78  ? 7.054   13.396  -1.610  1.00 28.14 ?  76  PHE A C    1 
ATOM   524  O O    . PHE A 1 78  ? 7.825   13.422  -2.581  1.00 25.40 ?  76  PHE A O    1 
ATOM   525  C CB   . PHE A 1 78  ? 7.182   11.715  0.302   1.00 24.89 ?  76  PHE A CB   1 
ATOM   526  C CG   . PHE A 1 78  ? 7.699   10.572  -0.542  1.00 35.84 ?  76  PHE A CG   1 
ATOM   527  C CD1  . PHE A 1 78  ? 8.694   9.728   -0.058  1.00 39.87 ?  76  PHE A CD1  1 
ATOM   528  C CD2  . PHE A 1 78  ? 7.175   10.325  -1.808  1.00 35.52 ?  76  PHE A CD2  1 
ATOM   529  C CE1  . PHE A 1 78  ? 9.163   8.667   -0.827  1.00 38.33 ?  76  PHE A CE1  1 
ATOM   530  C CE2  . PHE A 1 78  ? 7.642   9.269   -2.586  1.00 37.48 ?  76  PHE A CE2  1 
ATOM   531  C CZ   . PHE A 1 78  ? 8.637   8.438   -2.093  1.00 38.73 ?  76  PHE A CZ   1 
ATOM   532  N N    . VAL A 1 79  ? 5.744   13.632  -1.721  1.00 24.71 ?  77  VAL A N    1 
ATOM   533  C CA   . VAL A 1 79  ? 5.123   13.931  -3.010  1.00 21.26 ?  77  VAL A CA   1 
ATOM   534  C C    . VAL A 1 79  ? 5.734   15.161  -3.681  1.00 25.26 ?  77  VAL A C    1 
ATOM   535  O O    . VAL A 1 79  ? 6.094   15.118  -4.855  1.00 26.38 ?  77  VAL A O    1 
ATOM   536  C CB   . VAL A 1 79  ? 3.596   14.173  -2.866  1.00 24.30 ?  77  VAL A CB   1 
ATOM   537  C CG1  . VAL A 1 79  ? 2.999   14.676  -4.190  1.00 23.41 ?  77  VAL A CG1  1 
ATOM   538  C CG2  . VAL A 1 79  ? 2.900   12.909  -2.396  1.00 23.53 ?  77  VAL A CG2  1 
ATOM   539  N N    . ARG A 1 80  ? 5.847   16.258  -2.936  1.00 20.39 ?  78  ARG A N    1 
ATOM   540  C CA   . ARG A 1 80  ? 6.335   17.514  -3.504  1.00 23.92 ?  78  ARG A CA   1 
ATOM   541  C C    . ARG A 1 80  ? 7.814   17.433  -3.893  1.00 28.06 ?  78  ARG A C    1 
ATOM   542  O O    . ARG A 1 80  ? 8.207   17.913  -4.959  1.00 26.39 ?  78  ARG A O    1 
ATOM   543  C CB   . ARG A 1 80  ? 6.127   18.682  -2.528  1.00 25.18 ?  78  ARG A CB   1 
ATOM   544  C CG   . ARG A 1 80  ? 4.676   19.195  -2.400  1.00 27.13 ?  78  ARG A CG   1 
ATOM   545  C CD   . ARG A 1 80  ? 4.104   19.588  -3.760  1.00 39.79 ?  78  ARG A CD   1 
ATOM   546  N NE   . ARG A 1 80  ? 2.832   20.303  -3.650  1.00 44.81 ?  78  ARG A NE   1 
ATOM   547  C CZ   . ARG A 1 80  ? 1.830   20.203  -4.524  1.00 42.32 ?  78  ARG A CZ   1 
ATOM   548  N NH1  . ARG A 1 80  ? 1.933   19.405  -5.587  1.00 40.21 ?  78  ARG A NH1  1 
ATOM   549  N NH2  . ARG A 1 80  ? 0.712   20.897  -4.334  1.00 37.13 ?  78  ARG A NH2  1 
ATOM   550  N N    . SER A 1 81  ? 8.632   16.839  -3.029  1.00 26.48 ?  79  SER A N    1 
ATOM   551  C CA   . SER A 1 81  ? 10.082  16.792  -3.266  1.00 30.40 ?  79  SER A CA   1 
ATOM   552  C C    . SER A 1 81  ? 10.426  15.999  -4.518  1.00 34.90 ?  79  SER A C    1 
ATOM   553  O O    . SER A 1 81  ? 11.323  16.378  -5.281  1.00 34.78 ?  79  SER A O    1 
ATOM   554  C CB   . SER A 1 81  ? 10.806  16.187  -2.060  1.00 32.30 ?  79  SER A CB   1 
ATOM   555  O OG   . SER A 1 81  ? 10.810  17.100  -0.978  1.00 41.22 ?  79  SER A OG   1 
ATOM   556  N N    . CYS A 1 82  ? 9.705   14.902  -4.725  1.00 29.04 ?  80  CYS A N    1 
ATOM   557  C CA   . CYS A 1 82  ? 9.978   14.010  -5.845  1.00 36.82 ?  80  CYS A CA   1 
ATOM   558  C C    . CYS A 1 82  ? 9.142   14.283  -7.093  1.00 34.41 ?  80  CYS A C    1 
ATOM   559  O O    . CYS A 1 82  ? 9.186   13.516  -8.055  1.00 39.14 ?  80  CYS A O    1 
ATOM   560  C CB   . CYS A 1 82  ? 9.839   12.563  -5.391  1.00 36.60 ?  80  CYS A CB   1 
ATOM   561  S SG   . CYS A 1 82  ? 11.107  12.171  -4.165  1.00 57.30 ?  80  CYS A SG   1 
ATOM   562  N N    . GLY A 1 83  ? 8.405   15.389  -7.083  1.00 28.42 ?  81  GLY A N    1 
ATOM   563  C CA   . GLY A 1 83  ? 7.700   15.845  -8.265  1.00 29.00 ?  81  GLY A CA   1 
ATOM   564  C C    . GLY A 1 83  ? 6.510   14.979  -8.634  1.00 34.12 ?  81  GLY A C    1 
ATOM   565  O O    . GLY A 1 83  ? 6.069   14.995  -9.785  1.00 32.66 ?  81  GLY A O    1 
ATOM   566  N N    . MET A 1 84  ? 5.996   14.218  -7.667  1.00 29.87 ?  82  MET A N    1 
ATOM   567  C CA   . MET A 1 84  ? 4.799   13.411  -7.891  1.00 27.39 ?  82  MET A CA   1 
ATOM   568  C C    . MET A 1 84  ? 3.599   14.350  -7.854  1.00 27.67 ?  82  MET A C    1 
ATOM   569  O O    . MET A 1 84  ? 3.739   15.523  -7.485  1.00 26.50 ?  82  MET A O    1 
ATOM   570  C CB   . MET A 1 84  ? 4.682   12.312  -6.833  1.00 31.95 ?  82  MET A CB   1 
ATOM   571  C CG   . MET A 1 84  ? 5.919   11.389  -6.750  1.00 34.90 ?  82  MET A CG   1 
ATOM   572  S SD   . MET A 1 84  ? 6.240   10.490  -8.286  1.00 48.03 ?  82  MET A SD   1 
ATOM   573  C CE   . MET A 1 84  ? 4.895   9.318   -8.267  1.00 36.10 ?  82  MET A CE   1 
ATOM   574  N N    . THR A 1 85  ? 2.420   13.860  -8.228  1.00 24.22 ?  83  THR A N    1 
ATOM   575  C CA   . THR A 1 85  ? 1.281   14.764  -8.406  1.00 22.60 ?  83  THR A CA   1 
ATOM   576  C C    . THR A 1 85  ? 0.041   14.410  -7.580  1.00 24.36 ?  83  THR A C    1 
ATOM   577  O O    . THR A 1 85  ? -0.918  15.179  -7.558  1.00 26.68 ?  83  THR A O    1 
ATOM   578  C CB   . THR A 1 85  ? 0.860   14.860  -9.882  1.00 27.15 ?  83  THR A CB   1 
ATOM   579  O OG1  . THR A 1 85  ? 0.561   13.549  -10.376 1.00 28.44 ?  83  THR A OG1  1 
ATOM   580  C CG2  . THR A 1 85  ? 1.982   15.485  -10.733 1.00 29.00 ?  83  THR A CG2  1 
ATOM   581  N N    . ALA A 1 86  ? 0.050   13.260  -6.908  1.00 22.13 ?  84  ALA A N    1 
ATOM   582  C CA   . ALA A 1 86  ? -1.131  12.824  -6.150  1.00 19.60 ?  84  ALA A CA   1 
ATOM   583  C C    . ALA A 1 86  ? -0.811  11.688  -5.192  1.00 20.15 ?  84  ALA A C    1 
ATOM   584  O O    . ALA A 1 86  ? 0.155   10.951  -5.384  1.00 21.00 ?  84  ALA A O    1 
ATOM   585  C CB   . ALA A 1 86  ? -2.227  12.376  -7.115  1.00 20.29 ?  84  ALA A CB   1 
ATOM   586  N N    . ILE A 1 87  ? -1.632  11.538  -4.156  1.00 15.17 ?  85  ILE A N    1 
ATOM   587  C CA   . ILE A 1 87  ? -1.571  10.355  -3.308  1.00 13.43 ?  85  ILE A CA   1 
ATOM   588  C C    . ILE A 1 87  ? -2.713  9.435   -3.748  1.00 16.88 ?  85  ILE A C    1 
ATOM   589  O O    . ILE A 1 87  ? -3.817  9.920   -4.026  1.00 16.84 ?  85  ILE A O    1 
ATOM   590  C CB   . ILE A 1 87  ? -1.773  10.744  -1.835  1.00 13.11 ?  85  ILE A CB   1 
ATOM   591  C CG1  . ILE A 1 87  ? -0.633  11.676  -1.377  1.00 17.99 ?  85  ILE A CG1  1 
ATOM   592  C CG2  . ILE A 1 87  ? -1.840  9.501   -0.948  1.00 15.63 ?  85  ILE A CG2  1 
ATOM   593  C CD1  . ILE A 1 87  ? -0.937  12.442  -0.093  1.00 17.81 ?  85  ILE A CD1  1 
ATOM   594  N N    . VAL A 1 88  ? -2.472  8.122   -3.814  1.00 14.71 ?  86  VAL A N    1 
ATOM   595  C CA   . VAL A 1 88  ? -3.545  7.189   -4.179  1.00 15.29 ?  86  VAL A CA   1 
ATOM   596  C C    . VAL A 1 88  ? -3.646  6.091   -3.127  1.00 20.25 ?  86  VAL A C    1 
ATOM   597  O O    . VAL A 1 88  ? -2.633  5.497   -2.735  1.00 18.17 ?  86  VAL A O    1 
ATOM   598  C CB   . VAL A 1 88  ? -3.331  6.582   -5.588  1.00 19.23 ?  86  VAL A CB   1 
ATOM   599  C CG1  . VAL A 1 88  ? -4.353  5.456   -5.865  1.00 19.00 ?  86  VAL A CG1  1 
ATOM   600  C CG2  . VAL A 1 88  ? -3.474  7.663   -6.639  1.00 17.30 ?  86  VAL A CG2  1 
ATOM   601  N N    . LYS A 1 89  ? -4.859  5.820   -2.649  1.00 17.09 ?  87  LYS A N    1 
ATOM   602  C CA   . LYS A 1 89  ? -5.038  4.670   -1.756  1.00 21.88 ?  87  LYS A CA   1 
ATOM   603  C C    . LYS A 1 89  ? -6.392  3.999   -1.926  1.00 22.02 ?  87  LYS A C    1 
ATOM   604  O O    . LYS A 1 89  ? -7.284  4.550   -2.571  1.00 17.28 ?  87  LYS A O    1 
ATOM   605  C CB   . LYS A 1 89  ? -4.799  5.043   -0.288  1.00 26.18 ?  87  LYS A CB   1 
ATOM   606  C CG   . LYS A 1 89  ? -5.026  6.497   0.051   1.00 35.39 ?  87  LYS A CG   1 
ATOM   607  C CD   . LYS A 1 89  ? -4.874  6.753   1.551   1.00 32.51 ?  87  LYS A CD   1 
ATOM   608  C CE   . LYS A 1 89  ? -3.433  6.739   2.017   1.00 32.41 ?  87  LYS A CE   1 
ATOM   609  N NZ   . LYS A 1 89  ? -3.297  7.305   3.398   1.00 29.81 ?  87  LYS A NZ   1 
ATOM   610  N N    . GLY A 1 90  ? -6.534  2.803   -1.360  1.00 18.42 ?  88  GLY A N    1 
ATOM   611  C CA   . GLY A 1 90  ? -7.789  2.075   -1.438  1.00 17.77 ?  88  GLY A CA   1 
ATOM   612  C C    . GLY A 1 90  ? -8.696  2.376   -0.258  1.00 21.85 ?  88  GLY A C    1 
ATOM   613  O O    . GLY A 1 90  ? -8.225  2.843   0.785   1.00 19.98 ?  88  GLY A O    1 
ATOM   614  N N    . LEU A 1 91  ? -9.998  2.135   -0.419  1.00 12.80 ?  89  LEU A N    1 
ATOM   615  C CA   . LEU A 1 91  ? -10.926 2.266   0.690   1.00 16.13 ?  89  LEU A CA   1 
ATOM   616  C C    . LEU A 1 91  ? -11.740 0.987   0.708   1.00 17.89 ?  89  LEU A C    1 
ATOM   617  O O    . LEU A 1 91  ? -12.175 0.524   -0.356  1.00 17.57 ?  89  LEU A O    1 
ATOM   618  C CB   . LEU A 1 91  ? -11.865 3.445   0.466   1.00 18.74 ?  89  LEU A CB   1 
ATOM   619  C CG   . LEU A 1 91  ? -11.259 4.856   0.473   1.00 21.37 ?  89  LEU A CG   1 
ATOM   620  C CD1  . LEU A 1 91  ? -12.317 5.867   0.057   1.00 21.90 ?  89  LEU A CD1  1 
ATOM   621  C CD2  . LEU A 1 91  ? -10.702 5.200   1.853   1.00 22.47 ?  89  LEU A CD2  1 
ATOM   622  N N    . ARG A 1 92  ? -11.964 0.431   1.895   1.00 17.28 ?  90  ARG A N    1 
ATOM   623  C CA   . ARG A 1 92  ? -12.792 -0.775  2.017   1.00 20.37 ?  90  ARG A CA   1 
ATOM   624  C C    . ARG A 1 92  ? -14.203 -0.447  2.525   1.00 25.04 ?  90  ARG A C    1 
ATOM   625  O O    . ARG A 1 92  ? -15.193 -0.932  1.983   1.00 28.49 ?  90  ARG A O    1 
ATOM   626  C CB   . ARG A 1 92  ? -12.140 -1.802  2.954   1.00 23.01 ?  90  ARG A CB   1 
ATOM   627  C CG   . ARG A 1 92  ? -10.759 -2.303  2.519   1.00 22.23 ?  90  ARG A CG   1 
ATOM   628  C CD   . ARG A 1 92  ? -10.003 -2.891  3.723   1.00 28.98 ?  90  ARG A CD   1 
ATOM   629  N NE   . ARG A 1 92  ? -9.885  -1.878  4.774   1.00 36.07 ?  90  ARG A NE   1 
ATOM   630  C CZ   . ARG A 1 92  ? -9.329  -2.075  5.966   1.00 42.23 ?  90  ARG A CZ   1 
ATOM   631  N NH1  . ARG A 1 92  ? -8.823  -3.255  6.288   1.00 33.35 ?  90  ARG A NH1  1 
ATOM   632  N NH2  . ARG A 1 92  ? -9.279  -1.083  6.844   1.00 44.96 ?  90  ARG A NH2  1 
ATOM   633  N N    . THR A 1 93  ? -14.289 0.385   3.560   1.00 24.60 ?  91  THR A N    1 
ATOM   634  C CA   . THR A 1 93  ? -15.560 0.646   4.244   1.00 30.54 ?  91  THR A CA   1 
ATOM   635  C C    . THR A 1 93  ? -15.801 2.138   4.423   1.00 35.60 ?  91  THR A C    1 
ATOM   636  O O    . THR A 1 93  ? -14.879 2.942   4.255   1.00 26.41 ?  91  THR A O    1 
ATOM   637  C CB   . THR A 1 93  ? -15.543 0.052   5.660   1.00 36.19 ?  91  THR A CB   1 
ATOM   638  O OG1  . THR A 1 93  ? -14.472 0.654   6.400   1.00 34.11 ?  91  THR A OG1  1 
ATOM   639  C CG2  . THR A 1 93  ? -15.346 -1.467  5.613   1.00 31.71 ?  91  THR A CG2  1 
ATOM   640  N N    . GLY A 1 94  ? -17.029 2.506   4.789   1.00 31.24 ?  92  GLY A N    1 
ATOM   641  C CA   . GLY A 1 94  ? -17.347 3.889   5.097   1.00 31.72 ?  92  GLY A CA   1 
ATOM   642  C C    . GLY A 1 94  ? -16.492 4.400   6.250   1.00 32.70 ?  92  GLY A C    1 
ATOM   643  O O    . GLY A 1 94  ? -16.192 5.594   6.327   1.00 30.68 ?  92  GLY A O    1 
ATOM   644  N N    . THR A 1 95  ? -16.085 3.495   7.136   1.00 30.39 ?  93  THR A N    1 
ATOM   645  C CA   . THR A 1 95  ? -15.201 3.855   8.244   1.00 30.51 ?  93  THR A CA   1 
ATOM   646  C C    . THR A 1 95  ? -13.761 4.156   7.790   1.00 32.80 ?  93  THR A C    1 
ATOM   647  O O    . THR A 1 95  ? -13.115 5.067   8.325   1.00 30.33 ?  93  THR A O    1 
ATOM   648  C CB   . THR A 1 95  ? -15.221 2.781   9.350   1.00 43.62 ?  93  THR A CB   1 
ATOM   649  O OG1  . THR A 1 95  ? -16.558 2.659   9.860   1.00 45.90 ?  93  THR A OG1  1 
ATOM   650  C CG2  . THR A 1 95  ? -14.294 3.165   10.491  1.00 35.34 ?  93  THR A CG2  1 
ATOM   651  N N    . ASP A 1 96  ? -13.260 3.393   6.820   1.00 28.06 ?  94  ASP A N    1 
ATOM   652  C CA   . ASP A 1 96  ? -12.003 3.738   6.157   1.00 25.76 ?  94  ASP A CA   1 
ATOM   653  C C    . ASP A 1 96  ? -12.128 5.155   5.610   1.00 22.16 ?  94  ASP A C    1 
ATOM   654  O O    . ASP A 1 96  ? -11.222 5.995   5.755   1.00 23.57 ?  94  ASP A O    1 
ATOM   655  C CB   . ASP A 1 96  ? -11.760 2.818   4.959   1.00 26.73 ?  94  ASP A CB   1 
ATOM   656  C CG   . ASP A 1 96  ? -11.020 1.544   5.321   1.00 40.30 ?  94  ASP A CG   1 
ATOM   657  O OD1  . ASP A 1 96  ? -10.861 1.232   6.526   1.00 36.87 ?  94  ASP A OD1  1 
ATOM   658  O OD2  . ASP A 1 96  ? -10.610 0.845   4.369   1.00 32.94 ?  94  ASP A OD2  1 
ATOM   659  N N    . PHE A 1 97  ? -13.252 5.424   4.957   1.00 20.22 ?  95  PHE A N    1 
ATOM   660  C CA   . PHE A 1 97  ? -13.401 6.702   4.297   1.00 18.79 ?  95  PHE A CA   1 
ATOM   661  C C    . PHE A 1 97  ? -13.345 7.862   5.288   1.00 21.32 ?  95  PHE A C    1 
ATOM   662  O O    . PHE A 1 97  ? -12.719 8.877   5.008   1.00 20.36 ?  95  PHE A O    1 
ATOM   663  C CB   . PHE A 1 97  ? -14.697 6.791   3.494   1.00 21.95 ?  95  PHE A CB   1 
ATOM   664  C CG   . PHE A 1 97  ? -14.900 8.137   2.867   1.00 21.21 ?  95  PHE A CG   1 
ATOM   665  C CD1  . PHE A 1 97  ? -14.050 8.575   1.856   1.00 24.60 ?  95  PHE A CD1  1 
ATOM   666  C CD2  . PHE A 1 97  ? -15.896 8.992   3.323   1.00 26.65 ?  95  PHE A CD2  1 
ATOM   667  C CE1  . PHE A 1 97  ? -14.212 9.836   1.285   1.00 29.04 ?  95  PHE A CE1  1 
ATOM   668  C CE2  . PHE A 1 97  ? -16.071 10.252  2.752   1.00 25.48 ?  95  PHE A CE2  1 
ATOM   669  C CZ   . PHE A 1 97  ? -15.230 10.674  1.738   1.00 24.68 ?  95  PHE A CZ   1 
ATOM   670  N N    . GLU A 1 98  ? -14.001 7.732   6.438   1.00 17.80 ?  96  GLU A N    1 
ATOM   671  C CA   . GLU A 1 98  ? -14.060 8.882   7.350   1.00 19.94 ?  96  GLU A CA   1 
ATOM   672  C C    . GLU A 1 98  ? -12.669 9.204   7.911   1.00 22.33 ?  96  GLU A C    1 
ATOM   673  O O    . GLU A 1 98  ? -12.301 10.372  8.066   1.00 26.04 ?  96  GLU A O    1 
ATOM   674  C CB   . GLU A 1 98  ? -15.063 8.645   8.479   1.00 33.35 ?  96  GLU A CB   1 
ATOM   675  C CG   . GLU A 1 98  ? -16.513 8.871   8.059   1.00 35.35 ?  96  GLU A CG   1 
ATOM   676  C CD   . GLU A 1 98  ? -17.491 8.518   9.160   1.00 48.17 ?  96  GLU A CD   1 
ATOM   677  O OE1  . GLU A 1 98  ? -17.028 8.103   10.247  1.00 47.12 ?  96  GLU A OE1  1 
ATOM   678  O OE2  . GLU A 1 98  ? -18.717 8.651   8.941   1.00 52.95 ?  96  GLU A OE2  1 
ATOM   679  N N    . TYR A 1 99  ? -11.903 8.160   8.203   1.00 25.97 ?  97  TYR A N    1 
ATOM   680  C CA   . TYR A 1 99  ? -10.536 8.325   8.689   1.00 24.84 ?  97  TYR A CA   1 
ATOM   681  C C    . TYR A 1 99  ? -9.632  8.917   7.601   1.00 28.35 ?  97  TYR A C    1 
ATOM   682  O O    . TYR A 1 99  ? -8.866  9.857   7.845   1.00 26.39 ?  97  TYR A O    1 
ATOM   683  C CB   . TYR A 1 99  ? -10.012 6.969   9.168   1.00 29.11 ?  97  TYR A CB   1 
ATOM   684  C CG   . TYR A 1 99  ? -8.534  6.935   9.504   1.00 43.19 ?  97  TYR A CG   1 
ATOM   685  C CD1  . TYR A 1 99  ? -8.020  7.671   10.568  1.00 48.87 ?  97  TYR A CD1  1 
ATOM   686  C CD2  . TYR A 1 99  ? -7.657  6.146   8.766   1.00 49.09 ?  97  TYR A CD2  1 
ATOM   687  C CE1  . TYR A 1 99  ? -6.663  7.635   10.877  1.00 53.60 ?  97  TYR A CE1  1 
ATOM   688  C CE2  . TYR A 1 99  ? -6.306  6.101   9.067   1.00 55.68 ?  97  TYR A CE2  1 
ATOM   689  C CZ   . TYR A 1 99  ? -5.814  6.845   10.123  1.00 59.40 ?  97  TYR A CZ   1 
ATOM   690  O OH   . TYR A 1 99  ? -4.471  6.801   10.420  1.00 64.19 ?  97  TYR A OH   1 
ATOM   691  N N    . GLU A 1 100 ? -9.728  8.380   6.391   1.00 22.22 ?  98  GLU A N    1 
ATOM   692  C CA   . GLU A 1 100 ? -8.850  8.822   5.314   1.00 20.75 ?  98  GLU A CA   1 
ATOM   693  C C    . GLU A 1 100 ? -9.265  10.183  4.799   1.00 22.59 ?  98  GLU A C    1 
ATOM   694  O O    . GLU A 1 100 ? -8.455  10.912  4.219   1.00 20.88 ?  98  GLU A O    1 
ATOM   695  C CB   . GLU A 1 100 ? -8.844  7.799   4.176   1.00 19.13 ?  98  GLU A CB   1 
ATOM   696  C CG   . GLU A 1 100 ? -8.175  6.494   4.564   1.00 21.95 ?  98  GLU A CG   1 
ATOM   697  C CD   . GLU A 1 100 ? -6.661  6.597   4.636   1.00 30.28 ?  98  GLU A CD   1 
ATOM   698  O OE1  . GLU A 1 100 ? -6.092  7.628   4.198   1.00 27.74 ?  98  GLU A OE1  1 
ATOM   699  O OE2  . GLU A 1 100 ? -6.033  5.638   5.126   1.00 36.14 ?  98  GLU A OE2  1 
ATOM   700  N N    . LEU A 1 101 ? -10.531 10.530  5.007   1.00 19.93 ?  99  LEU A N    1 
ATOM   701  C CA   . LEU A 1 101 ? -11.029 11.838  4.603   1.00 20.03 ?  99  LEU A CA   1 
ATOM   702  C C    . LEU A 1 101 ? -10.352 12.917  5.437   1.00 19.14 ?  99  LEU A C    1 
ATOM   703  O O    . LEU A 1 101 ? -10.003 13.971  4.921   1.00 19.69 ?  99  LEU A O    1 
ATOM   704  C CB   . LEU A 1 101 ? -12.552 11.933  4.782   1.00 21.06 ?  99  LEU A CB   1 
ATOM   705  C CG   . LEU A 1 101 ? -13.115 13.342  4.583   1.00 23.70 ?  99  LEU A CG   1 
ATOM   706  C CD1  . LEU A 1 101 ? -13.169 13.663  3.119   1.00 31.66 ?  99  LEU A CD1  1 
ATOM   707  C CD2  . LEU A 1 101 ? -14.492 13.497  5.219   1.00 31.33 ?  99  LEU A CD2  1 
ATOM   708  N N    . GLN A 1 102 ? -10.173 12.651  6.730   1.00 21.13 ?  100 GLN A N    1 
ATOM   709  C CA   . GLN A 1 102 ? -9.496  13.599  7.615   1.00 20.87 ?  100 GLN A CA   1 
ATOM   710  C C    . GLN A 1 102 ? -8.056  13.857  7.166   1.00 22.05 ?  100 GLN A C    1 
ATOM   711  O O    . GLN A 1 102 ? -7.632  15.014  7.028   1.00 19.15 ?  100 GLN A O    1 
ATOM   712  C CB   . GLN A 1 102 ? -9.509  13.088  9.061   1.00 23.91 ?  100 GLN A CB   1 
ATOM   713  C CG   . GLN A 1 102 ? -8.662  13.925  10.020  1.00 30.98 ?  100 GLN A CG   1 
ATOM   714  C CD   . GLN A 1 102 ? -8.771  13.489  11.483  1.00 43.35 ?  100 GLN A CD   1 
ATOM   715  O OE1  . GLN A 1 102 ? -9.115  12.339  11.784  1.00 43.51 ?  100 GLN A OE1  1 
ATOM   716  N NE2  . GLN A 1 102 ? -8.468  14.415  12.401  1.00 29.08 ?  100 GLN A NE2  1 
ATOM   717  N N    . MET A 1 103 ? -7.303  12.783  6.947   1.00 16.70 ?  101 MET A N    1 
ATOM   718  C CA   . MET A 1 103 ? -5.926  12.905  6.464   1.00 18.34 ?  101 MET A CA   1 
ATOM   719  C C    . MET A 1 103 ? -5.860  13.601  5.107   1.00 18.57 ?  101 MET A C    1 
ATOM   720  O O    . MET A 1 103 ? -4.995  14.449  4.879   1.00 16.10 ?  101 MET A O    1 
ATOM   721  C CB   . MET A 1 103 ? -5.277  11.518  6.374   1.00 19.96 ?  101 MET A CB   1 
ATOM   722  C CG   . MET A 1 103 ? -3.744  11.556  6.284   1.00 32.24 ?  101 MET A CG   1 
ATOM   723  S SD   . MET A 1 103 ? -3.054  12.322  7.775   1.00 44.10 ?  101 MET A SD   1 
ATOM   724  C CE   . MET A 1 103 ? -1.318  12.526  7.363   1.00 46.86 ?  101 MET A CE   1 
ATOM   725  N N    . ALA A 1 104 ? -6.776  13.267  4.194   1.00 14.31 ?  102 ALA A N    1 
ATOM   726  C CA   . ALA A 1 104 ? -6.753  13.881  2.864   1.00 15.06 ?  102 ALA A CA   1 
ATOM   727  C C    . ALA A 1 104 ? -7.003  15.382  2.921   1.00 15.81 ?  102 ALA A C    1 
ATOM   728  O O    . ALA A 1 104 ? -6.334  16.162  2.220   1.00 18.15 ?  102 ALA A O    1 
ATOM   729  C CB   . ALA A 1 104 ? -7.754  13.201  1.923   1.00 17.04 ?  102 ALA A CB   1 
ATOM   730  N N    . GLN A 1 105 ? -7.962  15.813  3.746   1.00 15.49 ?  103 GLN A N    1 
ATOM   731  C CA   A GLN A 1 105 ? -8.269  17.239  3.829   0.50 16.51 ?  103 GLN A CA   1 
ATOM   732  C CA   B GLN A 1 105 ? -8.269  17.239  3.829   0.50 16.53 ?  103 GLN A CA   1 
ATOM   733  C C    . GLN A 1 105 ? -7.137  17.996  4.527   1.00 14.52 ?  103 GLN A C    1 
ATOM   734  O O    . GLN A 1 105 ? -6.823  19.139  4.157   1.00 16.28 ?  103 GLN A O    1 
ATOM   735  C CB   A GLN A 1 105 ? -9.614  17.478  4.530   0.50 17.60 ?  103 GLN A CB   1 
ATOM   736  C CB   B GLN A 1 105 ? -9.614  17.478  4.530   0.50 17.60 ?  103 GLN A CB   1 
ATOM   737  C CG   A GLN A 1 105 ? -10.821 17.081  3.655   0.50 16.55 ?  103 GLN A CG   1 
ATOM   738  C CG   B GLN A 1 105 ? -10.821 17.081  3.655   0.50 16.59 ?  103 GLN A CG   1 
ATOM   739  C CD   A GLN A 1 105 ? -12.144 17.156  4.389   0.50 20.51 ?  103 GLN A CD   1 
ATOM   740  C CD   B GLN A 1 105 ? -12.144 17.155  4.390   0.50 20.49 ?  103 GLN A CD   1 
ATOM   741  O OE1  A GLN A 1 105 ? -12.193 17.102  5.623   0.50 19.03 ?  103 GLN A OE1  1 
ATOM   742  O OE1  B GLN A 1 105 ? -12.193 17.102  5.624   0.50 19.01 ?  103 GLN A OE1  1 
ATOM   743  N NE2  A GLN A 1 105 ? -13.229 17.270  3.634   0.50 17.55 ?  103 GLN A NE2  1 
ATOM   744  N NE2  B GLN A 1 105 ? -13.229 17.271  3.634   0.50 17.55 ?  103 GLN A NE2  1 
ATOM   745  N N    . MET A 1 106 ? -6.526  17.355  5.520   1.00 16.10 ?  104 MET A N    1 
ATOM   746  C CA   . MET A 1 106 ? -5.357  17.939  6.199   1.00 20.07 ?  104 MET A CA   1 
ATOM   747  C C    . MET A 1 106 ? -4.191  18.062  5.222   1.00 20.83 ?  104 MET A C    1 
ATOM   748  O O    . MET A 1 106 ? -3.499  19.093  5.169   1.00 18.77 ?  104 MET A O    1 
ATOM   749  C CB   . MET A 1 106 ? -4.948  17.084  7.402   1.00 19.77 ?  104 MET A CB   1 
ATOM   750  C CG   . MET A 1 106 ? -3.663  17.562  8.110   1.00 22.33 ?  104 MET A CG   1 
ATOM   751  S SD   . MET A 1 106 ? -3.863  19.201  8.866   1.00 25.88 ?  104 MET A SD   1 
ATOM   752  C CE   . MET A 1 106 ? -4.614  18.770  10.432  1.00 24.47 ?  104 MET A CE   1 
ATOM   753  N N    . ASN A 1 107 ? -3.985  17.026  4.414   1.00 15.66 ?  105 ASN A N    1 
ATOM   754  C CA   . ASN A 1 107 ? -2.912  17.069  3.411   1.00 18.35 ?  105 ASN A CA   1 
ATOM   755  C C    . ASN A 1 107 ? -3.154  18.128  2.345   1.00 21.79 ?  105 ASN A C    1 
ATOM   756  O O    . ASN A 1 107 ? -2.211  18.787  1.888   1.00 22.44 ?  105 ASN A O    1 
ATOM   757  C CB   . ASN A 1 107 ? -2.685  15.694  2.770   1.00 17.70 ?  105 ASN A CB   1 
ATOM   758  C CG   . ASN A 1 107 ? -1.919  14.754  3.669   1.00 26.04 ?  105 ASN A CG   1 
ATOM   759  O OD1  . ASN A 1 107 ? -1.144  15.185  4.530   1.00 21.50 ?  105 ASN A OD1  1 
ATOM   760  N ND2  . ASN A 1 107 ? -2.136  13.456  3.485   1.00 19.60 ?  105 ASN A ND2  1 
ATOM   761  N N    . LYS A 1 108 ? -4.412  18.294  1.941   1.00 18.65 ?  106 LYS A N    1 
ATOM   762  C CA   . LYS A 1 108 ? -4.777  19.363  1.016   1.00 17.38 ?  106 LYS A CA   1 
ATOM   763  C C    . LYS A 1 108 ? -4.517  20.734  1.664   1.00 24.69 ?  106 LYS A C    1 
ATOM   764  O O    . LYS A 1 108 ? -4.020  21.671  1.013   1.00 22.58 ?  106 LYS A O    1 
ATOM   765  C CB   . LYS A 1 108 ? -6.249  19.223  0.602   1.00 22.60 ?  106 LYS A CB   1 
ATOM   766  C CG   . LYS A 1 108 ? -6.714  20.158  -0.501  1.00 31.51 ?  106 LYS A CG   1 
ATOM   767  C CD   . LYS A 1 108 ? -6.200  19.734  -1.874  1.00 28.38 ?  106 LYS A CD   1 
ATOM   768  C CE   . LYS A 1 108 ? -6.809  20.607  -2.983  1.00 33.82 ?  106 LYS A CE   1 
ATOM   769  N NZ   . LYS A 1 108 ? -5.957  20.627  -4.211  1.00 37.70 ?  106 LYS A NZ   1 
ATOM   770  N N    . HIS A 1 109 ? -4.833  20.845  2.951   1.00 19.67 ?  107 HIS A N    1 
ATOM   771  C CA   . HIS A 1 109 ? -4.670  22.119  3.668   1.00 22.72 ?  107 HIS A CA   1 
ATOM   772  C C    . HIS A 1 109 ? -3.209  22.554  3.769   1.00 24.95 ?  107 HIS A C    1 
ATOM   773  O O    . HIS A 1 109 ? -2.871  23.718  3.483   1.00 29.64 ?  107 HIS A O    1 
ATOM   774  C CB   . HIS A 1 109 ? -5.288  22.048  5.074   1.00 23.18 ?  107 HIS A CB   1 
ATOM   775  C CG   . HIS A 1 109 ? -5.155  23.328  5.853   1.00 24.62 ?  107 HIS A CG   1 
ATOM   776  N ND1  . HIS A 1 109 ? -4.124  23.554  6.739   1.00 29.77 ?  107 HIS A ND1  1 
ATOM   777  C CD2  . HIS A 1 109 ? -5.904  24.456  5.851   1.00 25.48 ?  107 HIS A CD2  1 
ATOM   778  C CE1  . HIS A 1 109 ? -4.247  24.764  7.259   1.00 24.87 ?  107 HIS A CE1  1 
ATOM   779  N NE2  . HIS A 1 109 ? -5.323  25.335  6.732   1.00 32.31 ?  107 HIS A NE2  1 
ATOM   780  N N    . ILE A 1 110 ? -2.344  21.630  4.169   1.00 19.83 ?  108 ILE A N    1 
ATOM   781  C CA   . ILE A 1 110 ? -0.950  21.987  4.447   1.00 28.43 ?  108 ILE A CA   1 
ATOM   782  C C    . ILE A 1 110 ? -0.056  22.079  3.211   1.00 29.48 ?  108 ILE A C    1 
ATOM   783  O O    . ILE A 1 110 ? 0.946   22.801  3.230   1.00 26.43 ?  108 ILE A O    1 
ATOM   784  C CB   . ILE A 1 110 ? -0.288  21.052  5.510   1.00 24.53 ?  108 ILE A CB   1 
ATOM   785  C CG1  . ILE A 1 110 ? -0.142  19.619  5.000   1.00 21.35 ?  108 ILE A CG1  1 
ATOM   786  C CG2  . ILE A 1 110 ? -1.072  21.067  6.824   1.00 26.49 ?  108 ILE A CG2  1 
ATOM   787  C CD1  . ILE A 1 110 ? 0.312   18.654  6.084   1.00 21.32 ?  108 ILE A CD1  1 
ATOM   788  N N    . ALA A 1 111 ? -0.408  21.368  2.140   1.00 22.01 ?  109 ALA A N    1 
ATOM   789  C CA   . ALA A 1 111 ? 0.501   21.236  1.003   1.00 25.70 ?  109 ALA A CA   1 
ATOM   790  C C    . ALA A 1 111 ? -0.161  21.327  -0.368  1.00 25.66 ?  109 ALA A C    1 
ATOM   791  O O    . ALA A 1 111 ? 0.531   21.326  -1.381  1.00 21.21 ?  109 ALA A O    1 
ATOM   792  C CB   . ALA A 1 111 ? 1.283   19.934  1.113   1.00 22.47 ?  109 ALA A CB   1 
ATOM   793  N N    . GLY A 1 112 ? -1.489  21.390  -0.412  1.00 22.26 ?  110 GLY A N    1 
ATOM   794  C CA   . GLY A 1 112 ? -2.191  21.465  -1.685  1.00 25.13 ?  110 GLY A CA   1 
ATOM   795  C C    . GLY A 1 112 ? -2.189  20.158  -2.469  1.00 23.67 ?  110 GLY A C    1 
ATOM   796  O O    . GLY A 1 112 ? -2.537  20.129  -3.656  1.00 23.74 ?  110 GLY A O    1 
ATOM   797  N N    . VAL A 1 113 ? -1.804  19.071  -1.808  1.00 20.92 ?  111 VAL A N    1 
ATOM   798  C CA   . VAL A 1 113 ? -1.687  17.771  -2.471  1.00 19.39 ?  111 VAL A CA   1 
ATOM   799  C C    . VAL A 1 113 ? -3.025  17.044  -2.422  1.00 22.47 ?  111 VAL A C    1 
ATOM   800  O O    . VAL A 1 113 ? -3.630  16.945  -1.350  1.00 17.57 ?  111 VAL A O    1 
ATOM   801  C CB   . VAL A 1 113 ? -0.622  16.899  -1.782  1.00 20.80 ?  111 VAL A CB   1 
ATOM   802  C CG1  . VAL A 1 113 ? -0.657  15.470  -2.314  1.00 22.67 ?  111 VAL A CG1  1 
ATOM   803  C CG2  . VAL A 1 113 ? 0.769   17.510  -1.986  1.00 24.40 ?  111 VAL A CG2  1 
ATOM   804  N N    . ASP A 1 114 ? -3.480  16.550  -3.576  1.00 20.51 ?  112 ASP A N    1 
ATOM   805  C CA   . ASP A 1 114 ? -4.754  15.841  -3.665  1.00 17.99 ?  112 ASP A CA   1 
ATOM   806  C C    . ASP A 1 114 ? -4.588  14.340  -3.460  1.00 19.97 ?  112 ASP A C    1 
ATOM   807  O O    . ASP A 1 114 ? -3.517  13.782  -3.720  1.00 19.76 ?  112 ASP A O    1 
ATOM   808  C CB   . ASP A 1 114 ? -5.400  16.092  -5.020  1.00 23.60 ?  112 ASP A CB   1 
ATOM   809  C CG   . ASP A 1 114 ? -6.857  16.428  -4.894  1.00 34.88 ?  112 ASP A CG   1 
ATOM   810  O OD1  . ASP A 1 114 ? -7.519  15.860  -3.986  1.00 29.53 ?  112 ASP A OD1  1 
ATOM   811  O OD2  . ASP A 1 114 ? -7.330  17.275  -5.673  1.00 40.21 ?  112 ASP A OD2  1 
ATOM   812  N N    . THR A 1 115 ? -5.651  13.695  -2.983  1.00 17.21 ?  113 THR A N    1 
ATOM   813  C CA   . THR A 1 115 ? -5.647  12.262  -2.737  1.00 16.15 ?  113 THR A CA   1 
ATOM   814  C C    . THR A 1 115 ? -6.787  11.682  -3.563  1.00 19.18 ?  113 THR A C    1 
ATOM   815  O O    . THR A 1 115 ? -7.904  12.211  -3.535  1.00 17.74 ?  113 THR A O    1 
ATOM   816  C CB   . THR A 1 115 ? -5.878  11.938  -1.236  1.00 15.76 ?  113 THR A CB   1 
ATOM   817  O OG1  . THR A 1 115 ? -4.814  12.523  -0.463  1.00 15.98 ?  113 THR A OG1  1 
ATOM   818  C CG2  . THR A 1 115 ? -5.883  10.428  -1.001  1.00 14.78 ?  113 THR A CG2  1 
ATOM   819  N N    . PHE A 1 116 ? -6.493  10.628  -4.322  1.00 14.85 ?  114 PHE A N    1 
ATOM   820  C CA   . PHE A 1 116 ? -7.522  9.919   -5.080  1.00 17.85 ?  114 PHE A CA   1 
ATOM   821  C C    . PHE A 1 116 ? -7.752  8.551   -4.457  1.00 17.64 ?  114 PHE A C    1 
ATOM   822  O O    . PHE A 1 116 ? -6.788  7.830   -4.191  1.00 21.58 ?  114 PHE A O    1 
ATOM   823  C CB   . PHE A 1 116 ? -7.083  9.769   -6.531  1.00 16.11 ?  114 PHE A CB   1 
ATOM   824  C CG   . PHE A 1 116 ? -7.160  11.049  -7.307  1.00 21.35 ?  114 PHE A CG   1 
ATOM   825  C CD1  . PHE A 1 116 ? -8.173  11.249  -8.233  1.00 21.23 ?  114 PHE A CD1  1 
ATOM   826  C CD2  . PHE A 1 116 ? -6.242  12.073  -7.083  1.00 24.74 ?  114 PHE A CD2  1 
ATOM   827  C CE1  . PHE A 1 116 ? -8.263  12.436  -8.949  1.00 21.69 ?  114 PHE A CE1  1 
ATOM   828  C CE2  . PHE A 1 116 ? -6.325  13.269  -7.791  1.00 25.97 ?  114 PHE A CE2  1 
ATOM   829  C CZ   . PHE A 1 116 ? -7.346  13.448  -8.725  1.00 23.11 ?  114 PHE A CZ   1 
ATOM   830  N N    . PHE A 1 117 ? -9.011  8.189   -4.208  1.00 13.59 ?  115 PHE A N    1 
ATOM   831  C CA   . PHE A 1 117 ? -9.302  6.900   -3.584  1.00 14.00 ?  115 PHE A CA   1 
ATOM   832  C C    . PHE A 1 117 ? -9.892  5.936   -4.592  1.00 17.07 ?  115 PHE A C    1 
ATOM   833  O O    . PHE A 1 117 ? -10.639 6.351   -5.471  1.00 16.26 ?  115 PHE A O    1 
ATOM   834  C CB   . PHE A 1 117 ? -10.306 7.060   -2.448  1.00 13.82 ?  115 PHE A CB   1 
ATOM   835  C CG   . PHE A 1 117 ? -9.809  7.933   -1.326  1.00 19.01 ?  115 PHE A CG   1 
ATOM   836  C CD1  . PHE A 1 117 ? -8.912  7.441   -0.380  1.00 20.10 ?  115 PHE A CD1  1 
ATOM   837  C CD2  . PHE A 1 117 ? -10.232 9.245   -1.226  1.00 20.25 ?  115 PHE A CD2  1 
ATOM   838  C CE1  . PHE A 1 117 ? -8.457  8.261   0.661   1.00 18.71 ?  115 PHE A CE1  1 
ATOM   839  C CE2  . PHE A 1 117 ? -9.786  10.064  -0.184  1.00 19.18 ?  115 PHE A CE2  1 
ATOM   840  C CZ   . PHE A 1 117 ? -8.903  9.568   0.750   1.00 16.76 ?  115 PHE A CZ   1 
ATOM   841  N N    . VAL A 1 118 ? -9.582  4.655   -4.457  1.00 13.67 ?  116 VAL A N    1 
ATOM   842  C CA   . VAL A 1 118 ? -10.275 3.660   -5.282  1.00 17.74 ?  116 VAL A CA   1 
ATOM   843  C C    . VAL A 1 118 ? -10.888 2.592   -4.376  1.00 16.20 ?  116 VAL A C    1 
ATOM   844  O O    . VAL A 1 118 ? -10.313 2.232   -3.346  1.00 18.86 ?  116 VAL A O    1 
ATOM   845  C CB   . VAL A 1 118 ? -9.356  3.012   -6.344  1.00 24.59 ?  116 VAL A CB   1 
ATOM   846  C CG1  . VAL A 1 118 ? -8.682  4.090   -7.228  1.00 22.91 ?  116 VAL A CG1  1 
ATOM   847  C CG2  . VAL A 1 118 ? -8.324  2.167   -5.683  1.00 24.28 ?  116 VAL A CG2  1 
ATOM   848  N N    . ALA A 1 119 ? -12.066 2.107   -4.751  1.00 17.39 ?  117 ALA A N    1 
ATOM   849  C CA   . ALA A 1 119 ? -12.767 1.107   -3.951  1.00 17.24 ?  117 ALA A CA   1 
ATOM   850  C C    . ALA A 1 119 ? -12.055 -0.230  -4.045  1.00 14.90 ?  117 ALA A C    1 
ATOM   851  O O    . ALA A 1 119 ? -11.651 -0.652  -5.136  1.00 18.32 ?  117 ALA A O    1 
ATOM   852  C CB   . ALA A 1 119 ? -14.192 0.954   -4.450  1.00 19.53 ?  117 ALA A CB   1 
ATOM   853  N N    . THR A 1 120 ? -11.933 -0.910  -2.906  1.00 15.28 ?  118 THR A N    1 
ATOM   854  C CA   . THR A 1 120 ? -11.406 -2.262  -2.859  1.00 15.52 ?  118 THR A CA   1 
ATOM   855  C C    . THR A 1 120 ? -12.110 -3.177  -3.867  1.00 17.30 ?  118 THR A C    1 
ATOM   856  O O    . THR A 1 120 ? -13.276 -2.952  -4.205  1.00 15.96 ?  118 THR A O    1 
ATOM   857  C CB   . THR A 1 120 ? -11.638 -2.878  -1.462  1.00 16.89 ?  118 THR A CB   1 
ATOM   858  O OG1  . THR A 1 120 ? -11.122 -4.214  -1.441  1.00 18.76 ?  118 THR A OG1  1 
ATOM   859  C CG2  . THR A 1 120 ? -13.162 -2.920  -1.124  1.00 15.53 ?  118 THR A CG2  1 
ATOM   860  N N    . ALA A 1 121 ? -11.402 -4.201  -4.352  1.00 17.29 ?  119 ALA A N    1 
ATOM   861  C CA   . ALA A 1 121 ? -12.057 -5.295  -5.076  1.00 15.31 ?  119 ALA A CA   1 
ATOM   862  C C    . ALA A 1 121 ? -12.924 -5.994  -4.039  1.00 15.40 ?  119 ALA A C    1 
ATOM   863  O O    . ALA A 1 121 ? -12.499 -6.156  -2.895  1.00 15.32 ?  119 ALA A O    1 
ATOM   864  C CB   . ALA A 1 121 ? -11.017 -6.278  -5.620  1.00 19.49 ?  119 ALA A CB   1 
ATOM   865  N N    . PRO A 1 122 ? -14.137 -6.425  -4.421  1.00 16.10 ?  120 PRO A N    1 
ATOM   866  C CA   . PRO A 1 122 ? -14.999 -7.026  -3.388  1.00 15.76 ?  120 PRO A CA   1 
ATOM   867  C C    . PRO A 1 122 ? -14.351 -8.214  -2.691  1.00 19.48 ?  120 PRO A C    1 
ATOM   868  O O    . PRO A 1 122 ? -14.557 -8.402  -1.482  1.00 17.22 ?  120 PRO A O    1 
ATOM   869  C CB   . PRO A 1 122 ? -16.218 -7.513  -4.184  1.00 19.10 ?  120 PRO A CB   1 
ATOM   870  C CG   . PRO A 1 122 ? -16.284 -6.608  -5.370  1.00 21.03 ?  120 PRO A CG   1 
ATOM   871  C CD   . PRO A 1 122 ? -14.846 -6.218  -5.697  1.00 18.84 ?  120 PRO A CD   1 
ATOM   872  N N    . ARG A 1 123 ? -13.584 -9.020  -3.421  1.00 15.67 ?  121 ARG A N    1 
ATOM   873  C CA   . ARG A 1 123 ? -13.017 -10.224 -2.801  1.00 19.77 ?  121 ARG A CA   1 
ATOM   874  C C    . ARG A 1 123 ? -11.984 -9.962  -1.689  1.00 22.55 ?  121 ARG A C    1 
ATOM   875  O O    . ARG A 1 123 ? -11.661 -10.875 -0.918  1.00 18.36 ?  121 ARG A O    1 
ATOM   876  C CB   . ARG A 1 123 ? -12.458 -11.181 -3.860  1.00 21.54 ?  121 ARG A CB   1 
ATOM   877  C CG   . ARG A 1 123 ? -11.226 -10.695 -4.591  1.00 21.71 ?  121 ARG A CG   1 
ATOM   878  C CD   . ARG A 1 123 ? -11.008 -11.509 -5.882  1.00 27.31 ?  121 ARG A CD   1 
ATOM   879  N NE   . ARG A 1 123 ? -9.769  -11.106 -6.535  1.00 32.43 ?  121 ARG A NE   1 
ATOM   880  C CZ   . ARG A 1 123 ? -9.655  -10.066 -7.357  1.00 37.96 ?  121 ARG A CZ   1 
ATOM   881  N NH1  . ARG A 1 123 ? -10.714 -9.320  -7.652  1.00 34.77 ?  121 ARG A NH1  1 
ATOM   882  N NH2  . ARG A 1 123 ? -8.475  -9.775  -7.895  1.00 43.40 ?  121 ARG A NH2  1 
ATOM   883  N N    . TYR A 1 124 ? -11.482 -8.730  -1.593  1.00 18.36 ?  122 TYR A N    1 
ATOM   884  C CA   . TYR A 1 124 ? -10.481 -8.389  -0.569  1.00 17.43 ?  122 TYR A CA   1 
ATOM   885  C C    . TYR A 1 124 ? -10.976 -7.408  0.485   1.00 21.06 ?  122 TYR A C    1 
ATOM   886  O O    . TYR A 1 124 ? -10.170 -6.868  1.250   1.00 18.90 ?  122 TYR A O    1 
ATOM   887  C CB   . TYR A 1 124 ? -9.228  -7.788  -1.220  1.00 19.32 ?  122 TYR A CB   1 
ATOM   888  C CG   . TYR A 1 124 ? -8.574  -8.724  -2.202  1.00 22.16 ?  122 TYR A CG   1 
ATOM   889  C CD1  . TYR A 1 124 ? -8.385  -10.062 -1.884  1.00 24.98 ?  122 TYR A CD1  1 
ATOM   890  C CD2  . TYR A 1 124 ? -8.157  -8.274  -3.448  1.00 23.16 ?  122 TYR A CD2  1 
ATOM   891  C CE1  . TYR A 1 124 ? -7.793  -10.929 -2.779  1.00 28.96 ?  122 TYR A CE1  1 
ATOM   892  C CE2  . TYR A 1 124 ? -7.557  -9.136  -4.354  1.00 29.50 ?  122 TYR A CE2  1 
ATOM   893  C CZ   . TYR A 1 124 ? -7.378  -10.459 -4.010  1.00 29.98 ?  122 TYR A CZ   1 
ATOM   894  O OH   . TYR A 1 124 ? -6.791  -11.332 -4.900  1.00 33.50 ?  122 TYR A OH   1 
ATOM   895  N N    . SER A 1 125 ? -12.286 -7.177  0.538   1.00 17.79 ?  123 SER A N    1 
ATOM   896  C CA   . SER A 1 125 ? -12.830 -6.127  1.400   1.00 19.13 ?  123 SER A CA   1 
ATOM   897  C C    . SER A 1 125 ? -12.529 -6.355  2.882   1.00 21.01 ?  123 SER A C    1 
ATOM   898  O O    . SER A 1 125 ? -12.432 -5.396  3.653   1.00 21.53 ?  123 SER A O    1 
ATOM   899  C CB   . SER A 1 125 ? -14.341 -6.006  1.190   1.00 22.19 ?  123 SER A CB   1 
ATOM   900  O OG   . SER A 1 125 ? -14.978 -7.224  1.528   1.00 23.93 ?  123 SER A OG   1 
ATOM   901  N N    . PHE A 1 126 ? -12.388 -7.621  3.279   1.00 17.69 ?  124 PHE A N    1 
ATOM   902  C CA   . PHE A 1 126 ? -12.189 -7.968  4.685   1.00 17.53 ?  124 PHE A CA   1 
ATOM   903  C C    . PHE A 1 126 ? -10.713 -8.129  5.053   1.00 21.14 ?  124 PHE A C    1 
ATOM   904  O O    . PHE A 1 126 ? -10.389 -8.437  6.204   1.00 21.45 ?  124 PHE A O    1 
ATOM   905  C CB   . PHE A 1 126 ? -12.943 -9.258  5.040   1.00 15.95 ?  124 PHE A CB   1 
ATOM   906  C CG   . PHE A 1 126 ? -12.494 -10.463 4.250   1.00 20.53 ?  124 PHE A CG   1 
ATOM   907  C CD1  . PHE A 1 126 ? -11.475 -11.285 4.730   1.00 20.39 ?  124 PHE A CD1  1 
ATOM   908  C CD2  . PHE A 1 126 ? -13.080 -10.767 3.027   1.00 18.28 ?  124 PHE A CD2  1 
ATOM   909  C CE1  . PHE A 1 126 ? -11.047 -12.404 4.008   1.00 21.54 ?  124 PHE A CE1  1 
ATOM   910  C CE2  . PHE A 1 126 ? -12.667 -11.883 2.297   1.00 19.04 ?  124 PHE A CE2  1 
ATOM   911  C CZ   . PHE A 1 126 ? -11.645 -12.702 2.786   1.00 23.03 ?  124 PHE A CZ   1 
ATOM   912  N N    . VAL A 1 127 ? -9.833  -7.910  4.079   1.00 19.67 ?  125 VAL A N    1 
ATOM   913  C CA   . VAL A 1 127 ? -8.395  -8.099  4.287   1.00 20.00 ?  125 VAL A CA   1 
ATOM   914  C C    . VAL A 1 127 ? -7.733  -6.897  4.961   1.00 21.57 ?  125 VAL A C    1 
ATOM   915  O O    . VAL A 1 127 ? -7.939  -5.743  4.556   1.00 22.58 ?  125 VAL A O    1 
ATOM   916  C CB   . VAL A 1 127 ? -7.699  -8.398  2.953   1.00 22.23 ?  125 VAL A CB   1 
ATOM   917  C CG1  . VAL A 1 127 ? -6.174  -8.460  3.125   1.00 23.13 ?  125 VAL A CG1  1 
ATOM   918  C CG2  . VAL A 1 127 ? -8.216  -9.709  2.408   1.00 21.11 ?  125 VAL A CG2  1 
ATOM   919  N N    . SER A 1 128 ? -6.973  -7.159  6.019   1.00 18.05 ?  126 SER A N    1 
ATOM   920  C CA   . SER A 1 128 ? -6.047  -6.166  6.557   1.00 21.32 ?  126 SER A CA   1 
ATOM   921  C C    . SER A 1 128 ? -4.728  -6.882  6.867   1.00 21.86 ?  126 SER A C    1 
ATOM   922  O O    . SER A 1 128 ? -4.720  -8.101  7.085   1.00 21.43 ?  126 SER A O    1 
ATOM   923  C CB   . SER A 1 128 ? -6.620  -5.494  7.809   1.00 24.67 ?  126 SER A CB   1 
ATOM   924  O OG   . SER A 1 128 ? -6.636  -6.381  8.915   1.00 24.11 ?  126 SER A OG   1 
ATOM   925  N N    . SER A 1 129 ? -3.615  -6.157  6.853   1.00 19.79 ?  127 SER A N    1 
ATOM   926  C CA   . SER A 1 129 ? -2.330  -6.781  7.164   1.00 22.13 ?  127 SER A CA   1 
ATOM   927  C C    . SER A 1 129 ? -2.367  -7.363  8.569   1.00 21.92 ?  127 SER A C    1 
ATOM   928  O O    . SER A 1 129 ? -1.907  -8.478  8.803   1.00 25.73 ?  127 SER A O    1 
ATOM   929  C CB   . SER A 1 129 ? -1.191  -5.765  7.050   1.00 23.06 ?  127 SER A CB   1 
ATOM   930  O OG   . SER A 1 129 ? -1.043  -5.338  5.709   1.00 20.63 ?  127 SER A OG   1 
ATOM   931  N N    . SER A 1 130 ? -2.930  -6.600  9.502   1.00 22.16 ?  128 SER A N    1 
ATOM   932  C CA   . SER A 1 130 ? -2.986  -7.011  10.895  1.00 24.44 ?  128 SER A CA   1 
ATOM   933  C C    . SER A 1 130 ? -3.821  -8.281  11.096  1.00 27.00 ?  128 SER A C    1 
ATOM   934  O O    . SER A 1 130 ? -3.398  -9.206  11.800  1.00 28.30 ?  128 SER A O    1 
ATOM   935  C CB   . SER A 1 130 ? -3.517  -5.868  11.754  1.00 29.55 ?  128 SER A CB   1 
ATOM   936  O OG   . SER A 1 130 ? -3.783  -6.310  13.073  1.00 42.29 ?  128 SER A OG   1 
ATOM   937  N N    . LEU A 1 131 ? -4.996  -8.350  10.472  1.00 22.59 ?  129 LEU A N    1 
ATOM   938  C CA   . LEU A 1 131 ? -5.826  -9.542  10.625  1.00 25.71 ?  129 LEU A CA   1 
ATOM   939  C C    . LEU A 1 131 ? -5.156  -10.746 9.959   1.00 24.88 ?  129 LEU A C    1 
ATOM   940  O O    . LEU A 1 131 ? -5.115  -11.838 10.537  1.00 28.37 ?  129 LEU A O    1 
ATOM   941  C CB   . LEU A 1 131 ? -7.238  -9.319  10.064  1.00 23.17 ?  129 LEU A CB   1 
ATOM   942  C CG   . LEU A 1 131 ? -8.253  -10.417 10.400  1.00 27.11 ?  129 LEU A CG   1 
ATOM   943  C CD1  . LEU A 1 131 ? -8.345  -10.607 11.911  1.00 34.64 ?  129 LEU A CD1  1 
ATOM   944  C CD2  . LEU A 1 131 ? -9.628  -10.074 9.817   1.00 26.12 ?  129 LEU A CD2  1 
ATOM   945  N N    . ALA A 1 132 ? -4.623  -10.550 8.752   1.00 20.03 ?  130 ALA A N    1 
ATOM   946  C CA   . ALA A 1 132 ? -3.916  -11.626 8.065   1.00 21.23 ?  130 ALA A CA   1 
ATOM   947  C C    . ALA A 1 132 ? -2.767  -12.205 8.916   1.00 28.02 ?  130 ALA A C    1 
ATOM   948  O O    . ALA A 1 132 ? -2.638  -13.427 9.022   1.00 28.43 ?  130 ALA A O    1 
ATOM   949  C CB   . ALA A 1 132 ? -3.403  -11.160 6.712   1.00 22.64 ?  130 ALA A CB   1 
ATOM   950  N N    . LYS A 1 133 ? -1.943  -11.332 9.509   1.00 28.69 ?  131 LYS A N    1 
ATOM   951  C CA   . LYS A 1 133 ? -0.872  -11.748 10.435  1.00 29.96 ?  131 LYS A CA   1 
ATOM   952  C C    . LYS A 1 133 ? -1.366  -12.567 11.631  1.00 33.08 ?  131 LYS A C    1 
ATOM   953  O O    . LYS A 1 133 ? -0.849  -13.665 11.894  1.00 35.95 ?  131 LYS A O    1 
ATOM   954  C CB   . LYS A 1 133 ? -0.089  -10.527 10.963  1.00 28.27 ?  131 LYS A CB   1 
ATOM   955  C CG   . LYS A 1 133 ? 0.919   -9.933  9.983   1.00 33.86 ?  131 LYS A CG   1 
ATOM   956  C CD   . LYS A 1 133 ? 1.730   -8.796  10.620  1.00 32.03 ?  131 LYS A CD   1 
ATOM   957  C CE   . LYS A 1 133 ? 0.869   -7.598  10.974  1.00 33.11 ?  131 LYS A CE   1 
ATOM   958  N NZ   . LYS A 1 133 ? 1.690   -6.415  11.378  1.00 30.83 ?  131 LYS A NZ   1 
ATOM   959  N N    . GLU A 1 134 ? -2.334  -12.017 12.368  1.00 31.64 ?  132 GLU A N    1 
ATOM   960  C CA   . GLU A 1 134 ? -2.897  -12.669 13.555  1.00 33.28 ?  132 GLU A CA   1 
ATOM   961  C C    . GLU A 1 134 ? -3.455  -14.051 13.240  1.00 38.03 ?  132 GLU A C    1 
ATOM   962  O O    . GLU A 1 134 ? -3.279  -14.990 14.021  1.00 38.92 ?  132 GLU A O    1 
ATOM   963  C CB   . GLU A 1 134 ? -3.995  -11.808 14.196  1.00 40.90 ?  132 GLU A CB   1 
ATOM   964  C CG   . GLU A 1 134 ? -4.712  -12.488 15.381  1.00 50.22 ?  132 GLU A CG   1 
ATOM   965  C CD   . GLU A 1 134 ? -5.924  -11.710 15.894  1.00 57.56 ?  132 GLU A CD   1 
ATOM   966  O OE1  . GLU A 1 134 ? -6.118  -10.552 15.466  1.00 67.10 ?  132 GLU A OE1  1 
ATOM   967  O OE2  . GLU A 1 134 ? -6.684  -12.260 16.724  1.00 60.65 ?  132 GLU A OE2  1 
ATOM   968  N N    . VAL A 1 135 ? -4.135  -14.170 12.104  1.00 29.54 ?  133 VAL A N    1 
ATOM   969  C CA   . VAL A 1 135 ? -4.682  -15.448 11.664  1.00 31.22 ?  133 VAL A CA   1 
ATOM   970  C C    . VAL A 1 135 ? -3.588  -16.404 11.167  1.00 36.42 ?  133 VAL A C    1 
ATOM   971  O O    . VAL A 1 135 ? -3.574  -17.580 11.535  1.00 32.71 ?  133 VAL A O    1 
ATOM   972  C CB   . VAL A 1 135 ? -5.730  -15.261 10.543  1.00 29.38 ?  133 VAL A CB   1 
ATOM   973  C CG1  . VAL A 1 135 ? -6.159  -16.613 9.972   1.00 28.81 ?  133 VAL A CG1  1 
ATOM   974  C CG2  . VAL A 1 135 ? -6.938  -14.488 11.063  1.00 24.14 ?  133 VAL A CG2  1 
ATOM   975  N N    . ALA A 1 136 ? -2.685  -15.907 10.322  1.00 32.38 ?  134 ALA A N    1 
ATOM   976  C CA   . ALA A 1 136 ? -1.635  -16.759 9.753   1.00 37.83 ?  134 ALA A CA   1 
ATOM   977  C C    . ALA A 1 136 ? -0.766  -17.385 10.840  1.00 41.66 ?  134 ALA A C    1 
ATOM   978  O O    . ALA A 1 136 ? -0.398  -18.559 10.753  1.00 42.76 ?  134 ALA A O    1 
ATOM   979  C CB   . ALA A 1 136 ? -0.772  -15.979 8.772   1.00 32.25 ?  134 ALA A CB   1 
ATOM   980  N N    . MET A 1 137 ? -0.456  -16.602 11.867  0.85 36.34 ?  135 MET A N    1 
ATOM   981  C CA   . MET A 1 137 ? 0.402   -17.069 12.949  0.85 42.38 ?  135 MET A CA   1 
ATOM   982  C C    . MET A 1 137 ? -0.326  -18.047 13.882  0.85 46.31 ?  135 MET A C    1 
ATOM   983  O O    . MET A 1 137 ? 0.265   -18.592 14.817  0.85 46.79 ?  135 MET A O    1 
ATOM   984  C CB   . MET A 1 137 ? 0.989   -15.873 13.707  0.85 44.41 ?  135 MET A CB   1 
ATOM   985  C CG   . MET A 1 137 ? 0.562   -15.731 15.156  0.85 49.72 ?  135 MET A CG   1 
ATOM   986  S SD   . MET A 1 137 ? 1.015   -14.105 15.805  0.85 82.62 ?  135 MET A SD   1 
ATOM   987  C CE   . MET A 1 137 ? 2.353   -13.644 14.701  0.85 50.12 ?  135 MET A CE   1 
ATOM   988  N N    . LEU A 1 138 ? -1.603  -18.286 13.607  1.00 39.71 ?  136 LEU A N    1 
ATOM   989  C CA   . LEU A 1 138 ? -2.395  -19.224 14.402  1.00 38.93 ?  136 LEU A CA   1 
ATOM   990  C C    . LEU A 1 138 ? -2.791  -20.453 13.594  1.00 34.57 ?  136 LEU A C    1 
ATOM   991  O O    . LEU A 1 138 ? -3.585  -21.275 14.058  1.00 47.68 ?  136 LEU A O    1 
ATOM   992  C CB   . LEU A 1 138 ? -3.640  -18.539 14.971  1.00 41.30 ?  136 LEU A CB   1 
ATOM   993  C CG   . LEU A 1 138 ? -3.402  -17.572 16.129  1.00 38.06 ?  136 LEU A CG   1 
ATOM   994  C CD1  . LEU A 1 138 ? -4.648  -16.784 16.501  1.00 36.67 ?  136 LEU A CD1  1 
ATOM   995  C CD2  . LEU A 1 138 ? -2.904  -18.343 17.330  1.00 44.99 ?  136 LEU A CD2  1 
ATOM   996  N N    . GLY A 1 139 ? -2.255  -20.568 12.384  1.00 33.09 ?  137 GLY A N    1 
ATOM   997  C CA   . GLY A 1 139 ? -2.488  -21.740 11.564  1.00 39.81 ?  137 GLY A CA   1 
ATOM   998  C C    . GLY A 1 139 ? -3.523  -21.562 10.477  1.00 43.24 ?  137 GLY A C    1 
ATOM   999  O O    . GLY A 1 139 ? -3.699  -22.448 9.635   1.00 39.49 ?  137 GLY A O    1 
ATOM   1000 N N    . GLY A 1 140 ? -4.215  -20.424 10.489  1.00 34.60 ?  138 GLY A N    1 
ATOM   1001 C CA   . GLY A 1 140 ? -5.206  -20.151 9.465   1.00 30.29 ?  138 GLY A CA   1 
ATOM   1002 C C    . GLY A 1 140 ? -4.565  -19.959 8.103   1.00 28.75 ?  138 GLY A C    1 
ATOM   1003 O O    . GLY A 1 140 ? -3.489  -19.372 7.997   1.00 34.54 ?  138 GLY A O    1 
ATOM   1004 N N    . ASP A 1 141 ? -5.224  -20.457 7.062   1.00 30.18 ?  139 ASP A N    1 
ATOM   1005 C CA   . ASP A 1 141 ? -4.711  -20.346 5.706   1.00 35.24 ?  139 ASP A CA   1 
ATOM   1006 C C    . ASP A 1 141 ? -5.151  -19.029 5.069   1.00 29.12 ?  139 ASP A C    1 
ATOM   1007 O O    . ASP A 1 141 ? -6.268  -18.926 4.548   1.00 30.99 ?  139 ASP A O    1 
ATOM   1008 C CB   . ASP A 1 141 ? -5.177  -21.541 4.862   1.00 33.84 ?  139 ASP A CB   1 
ATOM   1009 C CG   . ASP A 1 141 ? -4.623  -21.521 3.436   1.00 42.32 ?  139 ASP A CG   1 
ATOM   1010 O OD1  . ASP A 1 141 ? -3.834  -20.613 3.092   1.00 40.03 ?  139 ASP A OD1  1 
ATOM   1011 O OD2  . ASP A 1 141 ? -4.973  -22.433 2.652   1.00 44.64 ?  139 ASP A OD2  1 
ATOM   1012 N N    . VAL A 1 142 ? -4.265  -18.035 5.099   1.00 30.88 ?  140 VAL A N    1 
ATOM   1013 C CA   . VAL A 1 142 ? -4.529  -16.739 4.461   1.00 30.70 ?  140 VAL A CA   1 
ATOM   1014 C C    . VAL A 1 142 ? -3.762  -16.606 3.148   1.00 31.40 ?  140 VAL A C    1 
ATOM   1015 O O    . VAL A 1 142 ? -3.625  -15.505 2.605   1.00 25.95 ?  140 VAL A O    1 
ATOM   1016 C CB   . VAL A 1 142 ? -4.152  -15.547 5.385   1.00 28.56 ?  140 VAL A CB   1 
ATOM   1017 C CG1  . VAL A 1 142 ? -4.942  -15.601 6.682   1.00 33.17 ?  140 VAL A CG1  1 
ATOM   1018 C CG2  . VAL A 1 142 ? -2.666  -15.539 5.684   1.00 30.44 ?  140 VAL A CG2  1 
ATOM   1019 N N    . SER A 1 143 ? -3.271  -17.733 2.633   1.00 28.84 ?  141 SER A N    1 
ATOM   1020 C CA   . SER A 1 143 ? -2.418  -17.726 1.447   1.00 29.11 ?  141 SER A CA   1 
ATOM   1021 C C    . SER A 1 143 ? -3.117  -17.143 0.210   1.00 27.61 ?  141 SER A C    1 
ATOM   1022 O O    . SER A 1 143 ? -2.474  -16.505 -0.623  1.00 29.02 ?  141 SER A O    1 
ATOM   1023 C CB   . SER A 1 143 ? -1.840  -19.135 1.176   1.00 31.33 ?  141 SER A CB   1 
ATOM   1024 O OG   . SER A 1 143 ? -2.841  -20.049 0.767   1.00 32.57 ?  141 SER A OG   1 
ATOM   1025 N N    . GLU A 1 144 ? -4.434  -17.316 0.105   1.00 26.43 ?  142 GLU A N    1 
ATOM   1026 C CA   . GLU A 1 144 ? -5.169  -16.792 -1.045  1.00 26.52 ?  142 GLU A CA   1 
ATOM   1027 C C    . GLU A 1 144 ? -5.375  -15.272 -0.971  1.00 24.32 ?  142 GLU A C    1 
ATOM   1028 O O    . GLU A 1 144 ? -5.896  -14.661 -1.907  1.00 28.62 ?  142 GLU A O    1 
ATOM   1029 C CB   . GLU A 1 144 ? -6.520  -17.502 -1.204  1.00 31.08 ?  142 GLU A CB   1 
ATOM   1030 C CG   . GLU A 1 144 ? -6.413  -18.956 -1.666  1.00 42.26 ?  142 GLU A CG   1 
ATOM   1031 C CD   . GLU A 1 144 ? -7.775  -19.608 -1.877  1.00 52.66 ?  142 GLU A CD   1 
ATOM   1032 O OE1  . GLU A 1 144 ? -8.768  -19.132 -1.281  1.00 51.18 ?  142 GLU A OE1  1 
ATOM   1033 O OE2  . GLU A 1 144 ? -7.850  -20.596 -2.640  1.00 60.57 ?  142 GLU A OE2  1 
ATOM   1034 N N    . LEU A 1 145 ? -4.950  -14.670 0.132   1.00 22.78 ?  143 LEU A N    1 
ATOM   1035 C CA   . LEU A 1 145 ? -5.169  -13.236 0.349   1.00 24.34 ?  143 LEU A CA   1 
ATOM   1036 C C    . LEU A 1 145 ? -3.895  -12.423 0.144   1.00 23.62 ?  143 LEU A C    1 
ATOM   1037 O O    . LEU A 1 145 ? -3.925  -11.184 0.161   1.00 20.77 ?  143 LEU A O    1 
ATOM   1038 C CB   . LEU A 1 145 ? -5.690  -13.000 1.767   1.00 24.26 ?  143 LEU A CB   1 
ATOM   1039 C CG   . LEU A 1 145 ? -6.927  -13.819 2.144   1.00 25.17 ?  143 LEU A CG   1 
ATOM   1040 C CD1  . LEU A 1 145 ? -7.388  -13.471 3.558   1.00 25.91 ?  143 LEU A CD1  1 
ATOM   1041 C CD2  . LEU A 1 145 ? -8.018  -13.550 1.127   1.00 24.41 ?  143 LEU A CD2  1 
ATOM   1042 N N    . LEU A 1 146 ? -2.775  -13.116 -0.055  1.00 21.34 ?  144 LEU A N    1 
ATOM   1043 C CA   . LEU A 1 146 ? -1.461  -12.466 -0.043  1.00 19.75 ?  144 LEU A CA   1 
ATOM   1044 C C    . LEU A 1 146 ? -0.637  -12.937 -1.237  1.00 25.06 ?  144 LEU A C    1 
ATOM   1045 O O    . LEU A 1 146 ? -0.875  -14.034 -1.752  1.00 24.43 ?  144 LEU A O    1 
ATOM   1046 C CB   . LEU A 1 146 ? -0.710  -12.822 1.244   1.00 22.80 ?  144 LEU A CB   1 
ATOM   1047 C CG   . LEU A 1 146 ? -1.350  -12.527 2.599   1.00 25.26 ?  144 LEU A CG   1 
ATOM   1048 C CD1  . LEU A 1 146 ? -0.474  -13.106 3.687   1.00 25.01 ?  144 LEU A CD1  1 
ATOM   1049 C CD2  . LEU A 1 146 ? -1.534  -11.018 2.813   1.00 20.01 ?  144 LEU A CD2  1 
ATOM   1050 N N    . PRO A 1 147 ? 0.320   -12.108 -1.697  1.00 22.03 ?  145 PRO A N    1 
ATOM   1051 C CA   . PRO A 1 147 ? 1.154   -12.541 -2.832  1.00 25.06 ?  145 PRO A CA   1 
ATOM   1052 C C    . PRO A 1 147 ? 2.064   -13.697 -2.411  1.00 24.16 ?  145 PRO A C    1 
ATOM   1053 O O    . PRO A 1 147 ? 2.431   -13.777 -1.232  1.00 23.57 ?  145 PRO A O    1 
ATOM   1054 C CB   . PRO A 1 147 ? 2.014   -11.305 -3.140  1.00 27.18 ?  145 PRO A CB   1 
ATOM   1055 C CG   . PRO A 1 147 ? 1.317   -10.136 -2.463  1.00 24.50 ?  145 PRO A CG   1 
ATOM   1056 C CD   . PRO A 1 147 ? 0.640   -10.735 -1.254  1.00 20.41 ?  145 PRO A CD   1 
ATOM   1057 N N    . GLU A 1 148 ? 2.446   -14.558 -3.351  1.00 31.42 ?  146 GLU A N    1 
ATOM   1058 C CA   . GLU A 1 148 ? 3.306   -15.699 -3.010  1.00 30.49 ?  146 GLU A CA   1 
ATOM   1059 C C    . GLU A 1 148 ? 4.638   -15.311 -2.339  1.00 30.41 ?  146 GLU A C    1 
ATOM   1060 O O    . GLU A 1 148 ? 5.106   -16.017 -1.444  1.00 33.64 ?  146 GLU A O    1 
ATOM   1061 C CB   . GLU A 1 148 ? 3.522   -16.617 -4.222  1.00 36.05 ?  146 GLU A CB   1 
ATOM   1062 C CG   . GLU A 1 148 ? 4.093   -18.012 -3.872  1.00 44.55 ?  146 GLU A CG   1 
ATOM   1063 C CD   . GLU A 1 148 ? 3.270   -18.776 -2.819  1.00 48.98 ?  146 GLU A CD   1 
ATOM   1064 O OE1  . GLU A 1 148 ? 2.034   -18.568 -2.733  1.00 45.91 ?  146 GLU A OE1  1 
ATOM   1065 O OE2  . GLU A 1 148 ? 3.865   -19.587 -2.068  1.00 47.72 ?  146 GLU A OE2  1 
ATOM   1066 N N    . PRO A 1 149 ? 5.245   -14.178 -2.748  1.00 29.13 ?  147 PRO A N    1 
ATOM   1067 C CA   . PRO A 1 149 ? 6.458   -13.714 -2.056  1.00 28.99 ?  147 PRO A CA   1 
ATOM   1068 C C    . PRO A 1 149 ? 6.245   -13.448 -0.565  1.00 31.89 ?  147 PRO A C    1 
ATOM   1069 O O    . PRO A 1 149 ? 7.178   -13.600 0.235   1.00 28.64 ?  147 PRO A O    1 
ATOM   1070 C CB   . PRO A 1 149 ? 6.797   -12.409 -2.785  1.00 30.56 ?  147 PRO A CB   1 
ATOM   1071 C CG   . PRO A 1 149 ? 6.289   -12.628 -4.176  1.00 30.55 ?  147 PRO A CG   1 
ATOM   1072 C CD   . PRO A 1 149 ? 5.017   -13.446 -4.009  1.00 32.00 ?  147 PRO A CD   1 
ATOM   1073 N N    . VAL A 1 150 ? 5.033   -13.041 -0.193  1.00 26.14 ?  148 VAL A N    1 
ATOM   1074 C CA   . VAL A 1 150 ? 4.692   -12.865 1.212   1.00 22.66 ?  148 VAL A CA   1 
ATOM   1075 C C    . VAL A 1 150 ? 4.435   -14.220 1.884   1.00 25.86 ?  148 VAL A C    1 
ATOM   1076 O O    . VAL A 1 150 ? 4.873   -14.461 3.014   1.00 28.22 ?  148 VAL A O    1 
ATOM   1077 C CB   . VAL A 1 150 ? 3.452   -11.949 1.371   1.00 26.49 ?  148 VAL A CB   1 
ATOM   1078 C CG1  . VAL A 1 150 ? 2.984   -11.900 2.819   1.00 24.04 ?  148 VAL A CG1  1 
ATOM   1079 C CG2  . VAL A 1 150 ? 3.788   -10.545 0.875   1.00 24.73 ?  148 VAL A CG2  1 
ATOM   1080 N N    . ASN A 1 151 ? 3.713   -15.094 1.190   1.00 23.25 ?  149 ASN A N    1 
ATOM   1081 C CA   . ASN A 1 151 ? 3.406   -16.422 1.713   1.00 26.79 ?  149 ASN A CA   1 
ATOM   1082 C C    . ASN A 1 151 ? 4.677   -17.207 2.049   1.00 31.42 ?  149 ASN A C    1 
ATOM   1083 O O    . ASN A 1 151 ? 4.778   -17.811 3.117   1.00 31.67 ?  149 ASN A O    1 
ATOM   1084 C CB   . ASN A 1 151 ? 2.539   -17.188 0.715   1.00 27.61 ?  149 ASN A CB   1 
ATOM   1085 C CG   . ASN A 1 151 ? 1.121   -16.659 0.677   1.00 25.51 ?  149 ASN A CG   1 
ATOM   1086 O OD1  . ASN A 1 151 ? 0.626   -16.140 1.684   1.00 26.94 ?  149 ASN A OD1  1 
ATOM   1087 N ND2  . ASN A 1 151 ? 0.471   -16.767 -0.471  1.00 23.33 ?  149 ASN A ND2  1 
ATOM   1088 N N    . ARG A 1 152 ? 5.647   -17.169 1.140   1.00 32.39 ?  150 ARG A N    1 
ATOM   1089 C CA   . ARG A 1 152 ? 6.971   -17.749 1.389   1.00 39.52 ?  150 ARG A CA   1 
ATOM   1090 C C    . ARG A 1 152 ? 7.539   -17.319 2.737   1.00 37.59 ?  150 ARG A C    1 
ATOM   1091 O O    . ARG A 1 152 ? 7.896   -18.150 3.567   1.00 37.03 ?  150 ARG A O    1 
ATOM   1092 C CB   . ARG A 1 152 ? 7.949   -17.331 0.291   1.00 38.66 ?  150 ARG A CB   1 
ATOM   1093 C CG   . ARG A 1 152 ? 7.809   -18.093 -1.009  1.00 47.12 ?  150 ARG A CG   1 
ATOM   1094 C CD   . ARG A 1 152 ? 9.124   -18.046 -1.783  1.00 49.58 ?  150 ARG A CD   1 
ATOM   1095 N NE   . ARG A 1 152 ? 9.477   -16.694 -2.209  1.00 51.91 ?  150 ARG A NE   1 
ATOM   1096 C CZ   . ARG A 1 152 ? 9.141   -16.174 -3.386  1.00 49.64 ?  150 ARG A CZ   1 
ATOM   1097 N NH1  . ARG A 1 152 ? 8.436   -16.893 -4.254  1.00 54.33 ?  150 ARG A NH1  1 
ATOM   1098 N NH2  . ARG A 1 152 ? 9.505   -14.935 -3.699  1.00 46.15 ?  150 ARG A NH2  1 
ATOM   1099 N N    . ARG A 1 153 ? 7.606   -16.009 2.955   1.00 33.44 ?  151 ARG A N    1 
ATOM   1100 C CA   . ARG A 1 153 ? 8.201   -15.471 4.175   1.00 32.72 ?  151 ARG A CA   1 
ATOM   1101 C C    . ARG A 1 153 ? 7.383   -15.761 5.432   1.00 43.66 ?  151 ARG A C    1 
ATOM   1102 O O    . ARG A 1 153 ? 7.942   -15.911 6.514   1.00 44.87 ?  151 ARG A O    1 
ATOM   1103 C CB   . ARG A 1 153 ? 8.473   -13.973 4.011   1.00 36.97 ?  151 ARG A CB   1 
ATOM   1104 C CG   . ARG A 1 153 ? 9.511   -13.692 2.933   1.00 37.33 ?  151 ARG A CG   1 
ATOM   1105 C CD   . ARG A 1 153 ? 9.560   -12.234 2.532   1.00 37.98 ?  151 ARG A CD   1 
ATOM   1106 N NE   . ARG A 1 153 ? 10.774  -11.931 1.777   1.00 42.16 ?  151 ARG A NE   1 
ATOM   1107 C CZ   . ARG A 1 153 ? 10.905  -12.082 0.462   1.00 38.00 ?  151 ARG A CZ   1 
ATOM   1108 N NH1  . ARG A 1 153 ? 9.899   -12.544 -0.269  1.00 35.78 ?  151 ARG A NH1  1 
ATOM   1109 N NH2  . ARG A 1 153 ? 12.053  -11.772 -0.129  1.00 41.63 ?  151 ARG A NH2  1 
ATOM   1110 N N    . LEU A 1 154 ? 6.064   -15.859 5.297   1.00 33.29 ?  152 LEU A N    1 
ATOM   1111 C CA   . LEU A 1 154 ? 5.234   -16.208 6.442   1.00 35.82 ?  152 LEU A CA   1 
ATOM   1112 C C    . LEU A 1 154 ? 5.457   -17.666 6.833   1.00 40.21 ?  152 LEU A C    1 
ATOM   1113 O O    . LEU A 1 154 ? 5.515   -17.993 8.021   1.00 44.05 ?  152 LEU A O    1 
ATOM   1114 C CB   . LEU A 1 154 ? 3.753   -15.961 6.147   1.00 38.85 ?  152 LEU A CB   1 
ATOM   1115 C CG   . LEU A 1 154 ? 3.247   -14.537 6.380   1.00 33.08 ?  152 LEU A CG   1 
ATOM   1116 C CD1  . LEU A 1 154 ? 1.789   -14.427 5.949   1.00 30.21 ?  152 LEU A CD1  1 
ATOM   1117 C CD2  . LEU A 1 154 ? 3.412   -14.139 7.839   1.00 35.13 ?  152 LEU A CD2  1 
ATOM   1118 N N    . ARG A 1 155 ? 5.577   -18.534 5.830   1.00 41.16 ?  153 ARG A N    1 
ATOM   1119 C CA   . ARG A 1 155 ? 5.843   -19.951 6.072   1.00 43.83 ?  153 ARG A CA   1 
ATOM   1120 C C    . ARG A 1 155 ? 7.191   -20.140 6.748   1.00 48.69 ?  153 ARG A C    1 
ATOM   1121 O O    . ARG A 1 155 ? 7.292   -20.856 7.743   1.00 52.11 ?  153 ARG A O    1 
ATOM   1122 C CB   . ARG A 1 155 ? 5.784   -20.753 4.773   1.00 42.42 ?  153 ARG A CB   1 
ATOM   1123 C CG   . ARG A 1 155 ? 4.369   -21.053 4.324   1.00 49.89 ?  153 ARG A CG   1 
ATOM   1124 C CD   . ARG A 1 155 ? 4.307   -21.704 2.949   1.00 54.61 ?  153 ARG A CD   1 
ATOM   1125 N NE   . ARG A 1 155 ? 2.988   -21.487 2.360   1.00 54.06 ?  153 ARG A NE   1 
ATOM   1126 C CZ   . ARG A 1 155 ? 2.777   -21.048 1.123   1.00 53.35 ?  153 ARG A CZ   1 
ATOM   1127 N NH1  . ARG A 1 155 ? 1.533   -20.869 0.689   1.00 48.10 ?  153 ARG A NH1  1 
ATOM   1128 N NH2  . ARG A 1 155 ? 3.806   -20.792 0.318   1.00 50.71 ?  153 ARG A NH2  1 
ATOM   1129 N N    . ASP A 1 156 ? 8.220   -19.491 6.211   1.00 46.20 ?  154 ASP A N    1 
ATOM   1130 C CA   . ASP A 1 156 ? 9.556   -19.551 6.797   1.00 52.51 ?  154 ASP A CA   1 
ATOM   1131 C C    . ASP A 1 156 ? 9.558   -18.996 8.215   1.00 58.37 ?  154 ASP A C    1 
ATOM   1132 O O    . ASP A 1 156 ? 9.949   -19.672 9.174   1.00 55.69 ?  154 ASP A O    1 
ATOM   1133 C CB   . ASP A 1 156 ? 10.534  -18.735 5.958   1.00 53.24 ?  154 ASP A CB   1 
ATOM   1134 C CG   . ASP A 1 156 ? 11.751  -18.294 6.754   1.00 65.47 ?  154 ASP A CG   1 
ATOM   1135 O OD1  . ASP A 1 156 ? 12.758  -19.032 6.755   1.00 73.78 ?  154 ASP A OD1  1 
ATOM   1136 O OD2  . ASP A 1 156 ? 11.701  -17.215 7.388   1.00 66.41 ?  154 ASP A OD2  1 
ATOM   1137 N N    . ARG A 1 157 ? 9.119   -17.744 8.315   1.00 55.99 ?  155 ARG A N    1 
ATOM   1138 C CA   . ARG A 1 157 ? 9.123   -16.949 9.539   1.00 58.37 ?  155 ARG A CA   1 
ATOM   1139 C C    . ARG A 1 157 ? 8.384   -17.631 10.680  1.00 60.39 ?  155 ARG A C    1 
ATOM   1140 O O    . ARG A 1 157 ? 8.562   -17.286 11.850  1.00 66.38 ?  155 ARG A O    1 
ATOM   1141 C CB   . ARG A 1 157 ? 8.459   -15.603 9.240   1.00 55.68 ?  155 ARG A CB   1 
ATOM   1142 C CG   . ARG A 1 157 ? 8.157   -14.753 10.434  1.00 55.07 ?  155 ARG A CG   1 
ATOM   1143 C CD   . ARG A 1 157 ? 9.288   -13.800 10.713  1.00 60.43 ?  155 ARG A CD   1 
ATOM   1144 N NE   . ARG A 1 157 ? 8.952   -12.902 11.808  1.00 57.94 ?  155 ARG A NE   1 
ATOM   1145 C CZ   . ARG A 1 157 ? 9.472   -11.691 11.955  1.00 62.66 ?  155 ARG A CZ   1 
ATOM   1146 N NH1  . ARG A 1 157 ? 10.344  -11.236 11.063  1.00 61.18 ?  155 ARG A NH1  1 
ATOM   1147 N NH2  . ARG A 1 157 ? 9.111   -10.933 12.983  1.00 58.54 ?  155 ARG A NH2  1 
ATOM   1148 N N    . LEU A 1 158 ? 7.558   -18.609 10.327  1.00 60.20 ?  156 LEU A N    1 
ATOM   1149 C CA   . LEU A 1 158 ? 6.652   -19.239 11.271  1.00 62.80 ?  156 LEU A CA   1 
ATOM   1150 C C    . LEU A 1 158 ? 7.016   -20.709 11.450  1.00 65.03 ?  156 LEU A C    1 
ATOM   1151 O O    . LEU A 1 158 ? 6.394   -21.428 12.237  1.00 67.55 ?  156 LEU A O    1 
ATOM   1152 C CB   . LEU A 1 158 ? 5.217   -19.096 10.767  1.00 61.90 ?  156 LEU A CB   1 
ATOM   1153 C CG   . LEU A 1 158 ? 4.061   -19.252 11.750  1.00 59.36 ?  156 LEU A CG   1 
ATOM   1154 C CD1  . LEU A 1 158 ? 4.044   -18.091 12.730  1.00 62.34 ?  156 LEU A CD1  1 
ATOM   1155 C CD2  . LEU A 1 158 ? 2.742   -19.347 10.995  1.00 62.90 ?  156 LEU A CD2  1 
ATOM   1156 N N    . ASN A 1 159 ? 8.012   -21.153 10.689  1.00 66.04 ?  157 ASN A N    1 
ATOM   1157 C CA   . ASN A 1 159 ? 8.687   -22.414 10.960  1.00 65.69 ?  157 ASN A CA   1 
ATOM   1158 C C    . ASN A 1 159 ? 9.928   -22.113 11.789  1.00 64.88 ?  157 ASN A C    1 
ATOM   1159 O O    . ASN A 1 159 ? 9.872   -22.030 13.017  1.00 69.65 ?  157 ASN A O    1 
ATOM   1160 C CB   . ASN A 1 159 ? 9.085   -23.125 9.664   1.00 64.39 ?  157 ASN A CB   1 
ATOM   1161 C CG   . ASN A 1 159 ? 7.908   -23.795 8.970   1.00 64.08 ?  157 ASN A CG   1 
ATOM   1162 O OD1  . ASN A 1 159 ? 6.863   -24.028 9.576   1.00 67.26 ?  157 ASN A OD1  1 
ATOM   1163 N ND2  . ASN A 1 159 ? 8.081   -24.116 7.695   1.00 58.90 ?  157 ASN A ND2  1 
HETATM 1164 C C10  . EP8 B 2 .   ? -5.903  1.670   3.077   1.00 30.90 ?  201 EP8 A C10  1 
HETATM 1165 C C15  . EP8 B 2 .   ? -4.598  -3.346  4.691   1.00 23.76 ?  201 EP8 A C15  1 
HETATM 1166 C C20  . EP8 B 2 .   ? -7.482  -4.436  1.384   1.00 17.95 ?  201 EP8 A C20  1 
HETATM 1167 C C21  . EP8 B 2 .   ? -8.298  -4.265  0.258   1.00 20.84 ?  201 EP8 A C21  1 
HETATM 1168 C C22  . EP8 B 2 .   ? -7.955  -3.366  -0.739  1.00 17.20 ?  201 EP8 A C22  1 
HETATM 1169 C C24  . EP8 B 2 .   ? -5.972  -2.787  0.503   1.00 20.35 ?  201 EP8 A C24  1 
HETATM 1170 C C01  . EP8 B 2 .   ? -3.749  0.623   -1.109  1.00 29.95 ?  201 EP8 A C01  1 
HETATM 1171 C C02  . EP8 B 2 .   ? -4.523  0.827   0.044   1.00 23.72 ?  201 EP8 A C02  1 
HETATM 1172 C C03  . EP8 B 2 .   ? -4.029  1.592   1.114   1.00 29.27 ?  201 EP8 A C03  1 
HETATM 1173 C C04  . EP8 B 2 .   ? -2.762  2.142   1.006   1.00 28.74 ?  201 EP8 A C04  1 
HETATM 1174 C C05  . EP8 B 2 .   ? -1.991  1.934   -0.159  1.00 25.78 ?  201 EP8 A C05  1 
HETATM 1175 C C06  . EP8 B 2 .   ? -2.492  1.175   -1.214  1.00 25.39 ?  201 EP8 A C06  1 
HETATM 1176 N N07  . EP8 B 2 .   ? -2.499  2.818   2.130   1.00 32.80 ?  201 EP8 A N07  1 
HETATM 1177 C C08  . EP8 B 2 .   ? -3.512  2.744   2.964   1.00 33.21 ?  201 EP8 A C08  1 
HETATM 1178 C C09  . EP8 B 2 .   ? -4.535  1.979   2.400   1.00 28.29 ?  201 EP8 A C09  1 
HETATM 1179 C C11  . EP8 B 2 .   ? -6.461  0.274   2.782   1.00 32.47 ?  201 EP8 A C11  1 
HETATM 1180 C C12  . EP8 B 2 .   ? -6.243  -0.622  4.047   1.00 32.45 ?  201 EP8 A C12  1 
HETATM 1181 O O13  . EP8 B 2 .   ? -6.626  -1.973  3.784   1.00 29.13 ?  201 EP8 A O13  1 
HETATM 1182 C C14  . EP8 B 2 .   ? -5.592  -2.992  3.717   1.00 26.63 ?  201 EP8 A C14  1 
HETATM 1183 C C16  . EP8 B 2 .   ? -3.895  -4.430  4.086   1.00 23.35 ?  201 EP8 A C16  1 
HETATM 1184 N N17  . EP8 B 2 .   ? -4.452  -4.657  2.874   1.00 20.83 ?  201 EP8 A N17  1 
HETATM 1185 N N18  . EP8 B 2 .   ? -5.441  -3.813  2.672   1.00 22.67 ?  201 EP8 A N18  1 
HETATM 1186 C C19  . EP8 B 2 .   ? -6.314  -3.695  1.500   1.00 17.19 ?  201 EP8 A C19  1 
HETATM 1187 C C23  . EP8 B 2 .   ? -6.793  -2.630  -0.615  1.00 22.64 ?  201 EP8 A C23  1 
HETATM 1188 C C25  . EP8 B 2 .   ? -4.356  -2.738  6.080   1.00 32.87 ?  201 EP8 A C25  1 
HETATM 1189 O O26  . EP8 B 2 .   ? -3.514  -3.307  6.858   1.00 26.75 -1 201 EP8 A O26  1 
HETATM 1190 O O27  . EP8 B 2 .   ? -5.003  -1.717  6.446   1.00 34.80 ?  201 EP8 A O27  1 
HETATM 1191 H H101 . EP8 B 2 .   ? -6.553  2.333   2.776   1.00 37.08 ?  201 EP8 A H101 1 
HETATM 1192 H H102 . EP8 B 2 .   ? -5.794  1.760   4.052   1.00 37.08 ?  201 EP8 A H102 1 
HETATM 1193 H H201 . EP8 B 2 .   ? -7.736  -5.069  2.086   1.00 21.54 ?  201 EP8 A H201 1 
HETATM 1194 H H211 . EP8 B 2 .   ? -9.123  -4.797  0.172   1.00 25.01 ?  201 EP8 A H211 1 
HETATM 1195 H H221 . EP8 B 2 .   ? -8.530  -3.258  -1.534  1.00 20.64 ?  201 EP8 A H221 1 
HETATM 1196 H H241 . EP8 B 2 .   ? -5.150  -2.253  0.586   1.00 24.42 ?  201 EP8 A H241 1 
HETATM 1197 H H011 . EP8 B 2 .   ? -4.107  0.094   -1.845  1.00 35.94 ?  201 EP8 A H011 1 
HETATM 1198 H H021 . EP8 B 2 .   ? -5.424  0.428   0.104   1.00 28.46 ?  201 EP8 A H021 1 
HETATM 1199 H H051 . EP8 B 2 .   ? -1.078  2.334   -0.225  1.00 30.94 ?  201 EP8 A H051 1 
HETATM 1200 H H061 . EP8 B 2 .   ? -1.957  1.033   -2.017  1.00 30.47 ?  201 EP8 A H061 1 
HETATM 1201 H H081 . EP8 B 2 .   ? -3.547  3.166   3.847   1.00 39.85 ?  201 EP8 A H081 1 
HETATM 1202 H H111 . EP8 B 2 .   ? -7.420  0.335   2.580   1.00 38.96 ?  201 EP8 A H111 1 
HETATM 1203 H H112 . EP8 B 2 .   ? -5.989  -0.113  2.024   1.00 38.96 ?  201 EP8 A H112 1 
HETATM 1204 H H121 . EP8 B 2 .   ? -5.278  -0.598  4.310   1.00 38.94 ?  201 EP8 A H121 1 
HETATM 1205 H H122 . EP8 B 2 .   ? -6.785  -0.273  4.783   1.00 38.94 ?  201 EP8 A H122 1 
HETATM 1206 H H161 . EP8 B 2 .   ? -3.130  -4.924  4.480   1.00 28.02 ?  201 EP8 A H161 1 
HETATM 1207 H H231 . EP8 B 2 .   ? -6.540  -1.989  -1.321  1.00 27.17 ?  201 EP8 A H231 1 
HETATM 1208 O O    . HOH C 3 .   ? 7.532   -18.589 -3.996  1.00 47.51 ?  301 HOH A O    1 
HETATM 1209 O O    . HOH C 3 .   ? -5.698  18.030  -6.601  1.00 44.35 ?  302 HOH A O    1 
HETATM 1210 O O    . HOH C 3 .   ? -13.625 11.833  8.867   1.00 34.90 ?  303 HOH A O    1 
HETATM 1211 O O    . HOH C 3 .   ? 5.121   19.901  2.111   1.00 40.81 ?  304 HOH A O    1 
HETATM 1212 O O    . HOH C 3 .   ? 9.450   -20.921 14.894  1.00 63.16 ?  305 HOH A O    1 
HETATM 1213 O O    . HOH C 3 .   ? -1.078  10.180  -16.271 1.00 38.28 ?  306 HOH A O    1 
HETATM 1214 O O    . HOH C 3 .   ? -5.464  -10.846 -6.815  1.00 39.66 ?  307 HOH A O    1 
HETATM 1215 O O    . HOH C 3 .   ? 8.403   12.804  3.641   1.00 30.18 ?  308 HOH A O    1 
HETATM 1216 O O    . HOH C 3 .   ? 5.992   -21.830 0.455   1.00 55.34 ?  309 HOH A O    1 
HETATM 1217 O O    . HOH C 3 .   ? -3.536  -3.741  9.301   1.00 27.46 ?  310 HOH A O    1 
HETATM 1218 O O    . HOH C 3 .   ? -16.424 -3.046  1.527   1.00 32.95 ?  311 HOH A O    1 
HETATM 1219 O O    . HOH C 3 .   ? 13.306  -10.996 1.884   1.00 49.85 ?  312 HOH A O    1 
HETATM 1220 O O    . HOH C 3 .   ? 9.053   7.251   -10.056 1.00 50.63 ?  313 HOH A O    1 
HETATM 1221 O O    . HOH C 3 .   ? -9.694  -4.959  -9.362  1.00 32.27 ?  314 HOH A O    1 
HETATM 1222 O O    . HOH C 3 .   ? -1.277  -15.714 -3.596  1.00 31.44 ?  315 HOH A O    1 
HETATM 1223 O O    . HOH C 3 .   ? -6.384  -18.443 2.052   1.00 32.87 ?  316 HOH A O    1 
HETATM 1224 O O    . HOH C 3 .   ? 0.479   -17.525 3.862   1.00 40.00 ?  317 HOH A O    1 
HETATM 1225 O O    . HOH C 3 .   ? -13.844 16.266  7.437   1.00 28.90 ?  318 HOH A O    1 
HETATM 1226 O O    . HOH C 3 .   ? 1.194   10.127  -20.067 1.00 50.10 ?  319 HOH A O    1 
HETATM 1227 O O    . HOH C 3 .   ? 0.420   -20.699 -1.701  1.00 45.76 ?  320 HOH A O    1 
HETATM 1228 O O    . HOH C 3 .   ? -5.712  -9.263  -0.161  1.00 28.94 ?  321 HOH A O    1 
HETATM 1229 O O    . HOH C 3 .   ? -2.892  10.710  -15.512 0.50 47.07 ?  322 HOH A O    1 
HETATM 1230 O O    . HOH C 3 .   ? 8.119   15.819  6.666   1.00 31.63 ?  323 HOH A O    1 
HETATM 1231 O O    . HOH C 3 .   ? -1.939  17.099  -6.044  1.00 25.32 ?  324 HOH A O    1 
HETATM 1232 O O    . HOH C 3 .   ? 7.590   -13.196 14.066  1.00 61.11 ?  325 HOH A O    1 
HETATM 1233 O O    . HOH C 3 .   ? -5.352  15.328  -0.118  1.00 16.10 ?  326 HOH A O    1 
HETATM 1234 O O    . HOH C 3 .   ? -1.790  -2.007  -14.274 1.00 35.63 ?  327 HOH A O    1 
HETATM 1235 O O    . HOH C 3 .   ? 3.122   -3.085  11.513  1.00 37.65 ?  328 HOH A O    1 
HETATM 1236 O O    . HOH C 3 .   ? 1.386   14.270  4.654   1.00 23.27 ?  329 HOH A O    1 
HETATM 1237 O O    . HOH C 3 .   ? -9.280  13.425  -1.562  1.00 20.11 ?  330 HOH A O    1 
HETATM 1238 O O    . HOH C 3 .   ? -12.514 -13.432 -1.205  1.00 30.75 ?  331 HOH A O    1 
HETATM 1239 O O    . HOH C 3 .   ? -8.410  -4.075  -3.893  1.00 21.41 ?  332 HOH A O    1 
HETATM 1240 O O    . HOH C 3 .   ? -6.107  10.114  3.090   1.00 18.29 ?  333 HOH A O    1 
HETATM 1241 O O    . HOH C 3 .   ? -6.015  -4.577  -10.802 1.00 33.29 ?  334 HOH A O    1 
HETATM 1242 O O    . HOH C 3 .   ? 6.633   19.173  -6.806  1.00 37.57 ?  335 HOH A O    1 
HETATM 1243 O O    . HOH C 3 .   ? 4.059   18.285  -6.917  1.00 41.55 ?  336 HOH A O    1 
HETATM 1244 O O    . HOH C 3 .   ? -7.988  -5.137  10.960  1.00 40.49 ?  337 HOH A O    1 
HETATM 1245 O O    . HOH C 3 .   ? -8.694  20.970  3.269   1.00 25.58 ?  338 HOH A O    1 
HETATM 1246 O O    . HOH C 3 .   ? -4.020  11.656  2.042   1.00 17.09 ?  339 HOH A O    1 
HETATM 1247 O O    . HOH C 3 .   ? 12.559  -11.221 3.781   1.00 46.64 ?  340 HOH A O    1 
HETATM 1248 O O    . HOH C 3 .   ? -4.117  -8.426  -6.542  1.00 25.93 ?  341 HOH A O    1 
HETATM 1249 O O    . HOH C 3 .   ? -5.504  -7.513  -9.025  1.00 41.22 ?  342 HOH A O    1 
HETATM 1250 O O    . HOH C 3 .   ? -9.875  -7.356  -9.460  1.00 43.30 ?  343 HOH A O    1 
HETATM 1251 O O    . HOH C 3 .   ? 5.438   -1.060  11.412  1.00 50.26 ?  344 HOH A O    1 
HETATM 1252 O O    . HOH C 3 .   ? 8.575   -2.664  -10.843 1.00 44.72 ?  345 HOH A O    1 
HETATM 1253 O O    . HOH C 3 .   ? -7.204  2.124   -13.361 1.00 30.90 ?  346 HOH A O    1 
HETATM 1254 O O    . HOH C 3 .   ? 14.224  1.131   -2.855  1.00 45.48 ?  347 HOH A O    1 
HETATM 1255 O O    . HOH C 3 .   ? 0.491   -3.048  6.535   1.00 36.07 ?  348 HOH A O    1 
HETATM 1256 O O    . HOH C 3 .   ? 5.665   -5.714  2.223   1.00 23.48 ?  349 HOH A O    1 
HETATM 1257 O O    . HOH C 3 .   ? -1.912  9.759   2.979   1.00 22.34 ?  350 HOH A O    1 
HETATM 1258 O O    . HOH C 3 .   ? 1.733   12.003  6.090   1.00 30.90 ?  351 HOH A O    1 
HETATM 1259 O O    . HOH C 3 .   ? 11.624  -0.298  -6.855  1.00 37.31 ?  352 HOH A O    1 
HETATM 1260 O O    . HOH C 3 .   ? 5.942   17.338  -11.438 1.00 48.03 ?  353 HOH A O    1 
HETATM 1261 O O    . HOH C 3 .   ? -0.684  11.365  4.811   1.00 28.84 ?  354 HOH A O    1 
HETATM 1262 O O    . HOH C 3 .   ? -1.522  5.289   4.410   1.00 41.32 ?  355 HOH A O    1 
HETATM 1263 O O    . HOH C 3 .   ? 1.489   -9.909  -6.670  1.00 34.00 ?  356 HOH A O    1 
HETATM 1264 O O    . HOH C 3 .   ? -7.488  -14.111 -4.690  1.00 48.29 ?  357 HOH A O    1 
HETATM 1265 O O    . HOH C 3 .   ? -17.018 -7.136  -0.495  0.50 18.08 ?  358 HOH A O    1 
HETATM 1266 O O    . HOH C 3 .   ? -3.946  24.333  -0.087  1.00 43.29 ?  359 HOH A O    1 
HETATM 1267 O O    . HOH C 3 .   ? -0.014  -0.541  4.600   1.00 30.63 ?  360 HOH A O    1 
HETATM 1268 O O    . HOH C 3 .   ? 8.868   -3.817  -8.788  1.00 41.45 ?  361 HOH A O    1 
HETATM 1269 O O    . HOH C 3 .   ? -2.422  -0.009  4.149   1.00 34.15 ?  362 HOH A O    1 
HETATM 1270 O O    . HOH C 3 .   ? -0.540  8.333   -18.021 1.00 46.50 ?  363 HOH A O    1 
HETATM 1271 O O    . HOH C 3 .   ? -7.911  15.641  -1.067  1.00 22.94 ?  364 HOH A O    1 
HETATM 1272 O O    . HOH C 3 .   ? 4.382   -10.210 -10.368 1.00 42.15 ?  365 HOH A O    1 
HETATM 1273 O O    . HOH C 3 .   ? 14.228  3.226   -0.398  1.00 44.53 ?  366 HOH A O    1 
HETATM 1274 O O    . HOH C 3 .   ? -15.799 17.465  5.094   1.00 20.00 ?  367 HOH A O    1 
HETATM 1275 O O    . HOH C 3 .   ? -7.389  -22.344 7.806   1.00 33.40 ?  368 HOH A O    1 
HETATM 1276 O O    . HOH C 3 .   ? 6.621   20.203  6.261   1.00 33.50 ?  369 HOH A O    1 
HETATM 1277 O O    . HOH C 3 .   ? -13.528 -9.154  -6.670  1.00 19.51 ?  370 HOH A O    1 
HETATM 1278 O O    . HOH C 3 .   ? 1.605   -14.340 -6.215  1.00 37.70 ?  371 HOH A O    1 
HETATM 1279 O O    . HOH C 3 .   ? -0.484  1.607   6.661   1.00 43.08 ?  372 HOH A O    1 
HETATM 1280 O O    . HOH C 3 .   ? 8.698   18.815  0.364   1.00 32.29 ?  373 HOH A O    1 
HETATM 1281 O O    . HOH C 3 .   ? 11.922  -19.969 12.140  1.00 63.17 ?  374 HOH A O    1 
HETATM 1282 O O    . HOH C 3 .   ? -9.203  -3.174  9.304   1.00 46.94 ?  375 HOH A O    1 
HETATM 1283 O O    . HOH C 3 .   ? -1.331  -18.895 5.521   1.00 35.91 ?  376 HOH A O    1 
HETATM 1284 O O    . HOH C 3 .   ? 2.571   -7.381  14.216  1.00 48.71 ?  377 HOH A O    1 
HETATM 1285 O O    . HOH C 3 .   ? -3.786  26.514  2.300   1.00 50.38 ?  378 HOH A O    1 
HETATM 1286 O O    . HOH C 3 .   ? -18.493 -1.255  2.274   1.00 38.65 ?  379 HOH A O    1 
HETATM 1287 O O    . HOH C 3 .   ? 7.691   4.094   10.715  1.00 54.21 ?  380 HOH A O    1 
HETATM 1288 O O    . HOH C 3 .   ? -14.437 -5.760  6.448   1.00 37.73 ?  381 HOH A O    1 
HETATM 1289 O O    . HOH C 3 .   ? 3.220   10.165  8.033   1.00 48.28 ?  382 HOH A O    1 
HETATM 1290 O O    . HOH C 3 .   ? -5.224  23.542  -1.810  1.00 41.93 ?  383 HOH A O    1 
HETATM 1291 O O    . HOH C 3 .   ? -2.167  27.335  2.904   1.00 35.23 ?  384 HOH A O    1 
HETATM 1292 O O    . HOH C 3 .   ? 10.764  -2.256  -8.198  1.00 50.46 ?  385 HOH A O    1 
HETATM 1293 O O    . HOH C 3 .   ? -9.423  -15.047 16.336  1.00 36.62 ?  386 HOH A O    1 
HETATM 1294 O O    . HOH C 3 .   ? -7.715  -6.668  13.046  1.00 42.77 ?  387 HOH A O    1 
HETATM 1295 O O    . HOH C 3 .   ? 9.255   1.860   10.212  1.00 60.16 ?  388 HOH A O    1 
HETATM 1296 O O    . HOH C 3 .   ? 8.347   21.658  5.317   0.50 10.41 ?  389 HOH A O    1 
HETATM 1297 O O    . HOH C 3 .   ? 3.012   -12.008 -6.636  1.00 38.17 ?  390 HOH A O    1 
HETATM 1298 O O    . HOH C 3 .   ? -15.481 -11.167 -6.601  1.00 37.99 ?  391 HOH A O    1 
HETATM 1299 O O    . HOH C 3 .   ? -7.236  25.240  2.886   1.00 44.38 ?  392 HOH A O    1 
HETATM 1300 O O    . HOH C 3 .   ? 1.315   12.025  -21.080 0.50 46.31 ?  393 HOH A O    1 
HETATM 1301 O O    . HOH C 3 .   ? -1.783  -4.340  -14.459 1.00 44.00 ?  394 HOH A O    1 
HETATM 1302 O O    . HOH C 3 .   ? -10.519 -14.864 -2.817  1.00 47.21 ?  395 HOH A O    1 
HETATM 1303 O O    . HOH C 3 .   ? -8.906  23.582  4.363   1.00 34.98 ?  396 HOH A O    1 
HETATM 1304 O O    . HOH C 3 .   ? -14.550 -13.680 -5.759  0.50 33.18 ?  397 HOH A O    1 
# 
